data_6AMH
#
_entry.id   6AMH
#
_cell.length_a   84.756
_cell.length_b   109.600
_cell.length_c   160.882
_cell.angle_alpha   90.00
_cell.angle_beta   90.00
_cell.angle_gamma   90.00
#
_symmetry.space_group_name_H-M   'P 21 21 21'
#
loop_
_entity.id
_entity.type
_entity.pdbx_description
1 polymer 'Tryptophan synthase beta chain 1'
2 non-polymer [3-HYDROXY-2-METHYL-5-PHOSPHONOOXYMETHYL-PYRIDIN-4-YLMETHYL]-SERINE
3 non-polymer 'SODIUM ION'
4 water water
#
_entity_poly.entity_id   1
_entity_poly.type   'polypeptide(L)'
_entity_poly.pdbx_seq_one_letter_code
;MWFGEFGGQYVPETLIGPLKELEKAYKRFKDDEEFNRQLNYYLKTWAGRPTPLYYAKRLTEKIGGAKVYLKREDLVHGGA
HKTNNAIGQALLAKFMGKTRLIAETGAGQHGVATAMAGALLGMKVDIYMGAEDVERQKMNVFRMKLLGANVIPVNSGSRT
LKDAINEALRDWVATFEYTHYLIGSVVGPHPYPTIVRDFQSVIGREAKAQILEAEGQLPDVIVACVGGGSNAMGIFYPFV
NDKKVKLVGVEAGGKGLESGKHSASLNAGQVGVSHGMLSYFLQDEEGQIKPSHSIAPGLDYPGVGPEHAYLKKIQRAEYV
AVTDEEALKAFHELSRTEGIIPALESAHAVAYAMKLAKEMSRDEIIIVNLSGRGDKDLDIVLKVSGNVLEHHHHHH
;
_entity_poly.pdbx_strand_id   A,B,C,D
#
loop_
_chem_comp.id
_chem_comp.type
_chem_comp.name
_chem_comp.formula
NA non-polymer 'SODIUM ION' 'Na 1'
PLS non-polymer [3-HYDROXY-2-METHYL-5-PHOSPHONOOXYMETHYL-PYRIDIN-4-YLMETHYL]-SERINE 'C11 H17 N2 O8 P'
#
# COMPACT_ATOMS: atom_id res chain seq x y z
N MET A 1 27.74 30.98 21.40
CA MET A 1 28.26 32.18 20.65
C MET A 1 29.39 31.84 19.68
N TRP A 2 30.31 30.99 20.13
CA TRP A 2 31.48 30.61 19.34
C TRP A 2 31.38 29.19 18.84
N PHE A 3 31.88 28.97 17.62
CA PHE A 3 32.09 27.64 17.05
C PHE A 3 33.59 27.58 16.82
N GLY A 4 34.30 27.05 17.82
CA GLY A 4 35.75 27.18 17.90
C GLY A 4 36.07 28.65 18.01
N GLU A 5 36.83 29.17 17.04
CA GLU A 5 37.22 30.58 16.99
C GLU A 5 36.28 31.46 16.15
N PHE A 6 35.24 30.87 15.57
CA PHE A 6 34.33 31.57 14.65
C PHE A 6 33.00 31.93 15.31
N GLY A 7 32.38 33.01 14.83
CA GLY A 7 31.10 33.48 15.33
C GLY A 7 31.23 34.81 16.05
N GLY A 8 30.74 34.87 17.28
CA GLY A 8 30.84 36.08 18.09
C GLY A 8 29.69 37.04 17.88
N GLN A 9 29.88 38.26 18.34
CA GLN A 9 28.83 39.27 18.43
C GLN A 9 29.45 40.64 18.16
N TYR A 10 29.98 40.79 16.94
CA TYR A 10 30.73 41.98 16.53
C TYR A 10 29.82 43.09 16.03
N VAL A 11 29.14 43.72 16.99
CA VAL A 11 28.13 44.73 16.72
C VAL A 11 28.35 45.91 17.65
N PRO A 12 27.81 47.09 17.29
CA PRO A 12 27.85 48.21 18.24
C PRO A 12 27.03 47.93 19.50
N GLU A 13 27.33 48.66 20.57
CA GLU A 13 26.68 48.48 21.88
C GLU A 13 25.16 48.54 21.81
N THR A 14 24.64 49.38 20.92
CA THR A 14 23.20 49.54 20.69
C THR A 14 22.45 48.24 20.30
N LEU A 15 23.15 47.28 19.68
CA LEU A 15 22.56 45.97 19.32
C LEU A 15 22.77 44.85 20.37
N ILE A 16 23.58 45.09 21.40
CA ILE A 16 23.86 44.07 22.42
C ILE A 16 22.59 43.77 23.23
N GLY A 17 21.86 44.82 23.61
CA GLY A 17 20.59 44.69 24.32
C GLY A 17 19.54 43.88 23.59
N PRO A 18 19.20 44.29 22.34
CA PRO A 18 18.29 43.52 21.46
C PRO A 18 18.69 42.06 21.25
N LEU A 19 19.99 41.80 21.05
CA LEU A 19 20.48 40.43 20.87
C LEU A 19 20.41 39.61 22.16
N LYS A 20 20.64 40.27 23.29
CA LYS A 20 20.48 39.65 24.61
C LYS A 20 19.03 39.26 24.90
N GLU A 21 18.10 40.14 24.55
CA GLU A 21 16.66 39.85 24.70
C GLU A 21 16.20 38.72 23.79
N LEU A 22 16.70 38.70 22.55
CA LEU A 22 16.40 37.61 21.62
C LEU A 22 16.93 36.27 22.14
N GLU A 23 18.17 36.27 22.62
CA GLU A 23 18.79 35.09 23.22
C GLU A 23 18.01 34.57 24.44
N LYS A 24 17.57 35.49 25.30
CA LYS A 24 16.76 35.14 26.47
C LYS A 24 15.44 34.51 26.06
N ALA A 25 14.74 35.17 25.13
CA ALA A 25 13.46 34.68 24.59
C ALA A 25 13.60 33.31 23.92
N TYR A 26 14.66 33.13 23.13
CA TYR A 26 14.86 31.89 22.39
C TYR A 26 15.14 30.70 23.32
N LYS A 27 16.03 30.88 24.30
CA LYS A 27 16.31 29.86 25.32
C LYS A 27 15.04 29.44 26.06
N ARG A 28 14.13 30.39 26.26
CA ARG A 28 12.85 30.12 26.90
C ARG A 28 11.90 29.30 25.99
N PHE A 29 11.66 29.79 24.78
CA PHE A 29 10.65 29.21 23.88
C PHE A 29 11.10 27.98 23.10
N LYS A 30 12.42 27.82 22.87
CA LYS A 30 12.97 26.68 22.12
C LYS A 30 12.46 25.31 22.60
N ASP A 31 12.34 25.15 23.91
CA ASP A 31 11.85 23.90 24.53
C ASP A 31 10.44 24.03 25.14
N ASP A 32 9.76 25.15 24.91
CA ASP A 32 8.39 25.37 25.40
C ASP A 32 7.41 24.49 24.63
N GLU A 33 6.57 23.77 25.36
CA GLU A 33 5.62 22.82 24.76
C GLU A 33 4.62 23.50 23.81
N GLU A 34 4.11 24.66 24.22
CA GLU A 34 3.11 25.39 23.43
C GLU A 34 3.72 26.01 22.16
N PHE A 35 4.91 26.59 22.29
CA PHE A 35 5.63 27.13 21.13
C PHE A 35 5.89 26.04 20.10
N ASN A 36 6.36 24.88 20.56
CA ASN A 36 6.66 23.75 19.68
C ASN A 36 5.41 23.11 19.08
N ARG A 37 4.32 23.05 19.84
CA ARG A 37 3.02 22.59 19.33
C ARG A 37 2.55 23.45 18.16
N GLN A 38 2.60 24.78 18.32
CA GLN A 38 2.19 25.71 17.27
C GLN A 38 3.12 25.68 16.07
N LEU A 39 4.43 25.63 16.31
CA LEU A 39 5.41 25.57 15.23
C LEU A 39 5.22 24.31 14.38
N ASN A 40 5.07 23.16 15.04
CA ASN A 40 4.88 21.88 14.34
C ASN A 40 3.55 21.83 13.58
N TYR A 41 2.53 22.46 14.16
CA TYR A 41 1.22 22.60 13.51
C TYR A 41 1.30 23.37 12.19
N TYR A 42 1.95 24.53 12.23
CA TYR A 42 2.14 25.35 11.02
C TYR A 42 3.04 24.65 10.00
N LEU A 43 4.13 24.04 10.47
CA LEU A 43 5.02 23.29 9.57
C LEU A 43 4.31 22.13 8.86
N LYS A 44 3.43 21.46 9.60
CA LYS A 44 2.63 20.36 9.05
C LYS A 44 1.53 20.86 8.11
N THR A 45 0.61 21.67 8.63
CA THR A 45 -0.63 21.99 7.91
C THR A 45 -0.50 23.11 6.88
N TRP A 46 0.45 24.03 7.08
CA TRP A 46 0.64 25.17 6.18
C TRP A 46 1.84 24.98 5.25
N ALA A 47 2.98 24.57 5.82
CA ALA A 47 4.20 24.35 5.03
C ALA A 47 4.29 23.01 4.33
N GLY A 48 3.56 22.01 4.85
CA GLY A 48 3.53 20.67 4.24
C GLY A 48 4.65 19.71 4.65
N ARG A 49 5.19 19.87 5.86
CA ARG A 49 6.18 18.93 6.38
C ARG A 49 5.47 17.67 6.89
N PRO A 50 6.12 16.49 6.84
CA PRO A 50 7.46 16.25 6.30
C PRO A 50 7.50 16.26 4.78
N THR A 51 8.64 16.68 4.25
CA THR A 51 8.92 16.53 2.83
C THR A 51 9.47 15.14 2.63
N PRO A 52 9.23 14.54 1.46
CA PRO A 52 9.72 13.18 1.23
C PRO A 52 11.23 13.10 0.97
N LEU A 53 11.76 11.88 1.11
CA LEU A 53 13.09 11.53 0.66
C LEU A 53 12.89 10.63 -0.55
N TYR A 54 13.39 11.06 -1.71
CA TYR A 54 13.13 10.42 -2.98
C TYR A 54 14.36 9.69 -3.50
N TYR A 55 14.20 8.42 -3.88
CA TYR A 55 15.27 7.66 -4.52
C TYR A 55 15.30 7.95 -6.01
N ALA A 56 16.31 8.69 -6.46
CA ALA A 56 16.48 9.01 -7.88
C ALA A 56 17.05 7.80 -8.61
N LYS A 57 16.18 6.85 -8.90
CA LYS A 57 16.56 5.54 -9.46
C LYS A 57 17.14 5.63 -10.87
N ARG A 58 16.51 6.45 -11.72
CA ARG A 58 16.98 6.62 -13.10
C ARG A 58 18.35 7.31 -13.15
N LEU A 59 18.51 8.37 -12.36
CA LEU A 59 19.79 9.07 -12.25
C LEU A 59 20.89 8.16 -11.68
N THR A 60 20.53 7.40 -10.65
CA THR A 60 21.44 6.41 -10.05
C THR A 60 21.94 5.39 -11.07
N GLU A 61 21.00 4.80 -11.81
CA GLU A 61 21.32 3.77 -12.81
C GLU A 61 22.05 4.32 -14.05
N LYS A 62 21.74 5.55 -14.43
CA LYS A 62 22.45 6.21 -15.53
C LYS A 62 23.93 6.42 -15.19
N ILE A 63 24.20 6.91 -13.99
CA ILE A 63 25.58 7.12 -13.51
C ILE A 63 26.26 5.79 -13.19
N GLY A 64 25.49 4.81 -12.72
CA GLY A 64 25.96 3.44 -12.53
C GLY A 64 26.84 3.22 -11.31
N GLY A 65 26.72 4.10 -10.31
CA GLY A 65 27.48 4.03 -9.07
C GLY A 65 26.56 4.02 -7.87
N ALA A 66 26.86 4.86 -6.88
CA ALA A 66 26.13 4.88 -5.61
C ALA A 66 24.69 5.35 -5.75
N LYS A 67 23.87 4.98 -4.76
CA LYS A 67 22.46 5.39 -4.72
C LYS A 67 22.35 6.86 -4.39
N VAL A 68 21.58 7.59 -5.20
CA VAL A 68 21.35 9.03 -5.03
C VAL A 68 19.92 9.22 -4.53
N TYR A 69 19.81 9.70 -3.28
CA TYR A 69 18.53 10.10 -2.69
C TYR A 69 18.45 11.63 -2.66
N LEU A 70 17.24 12.15 -2.78
CA LEU A 70 17.00 13.60 -2.80
C LEU A 70 16.05 13.97 -1.69
N LYS A 71 16.52 14.79 -0.76
CA LYS A 71 15.66 15.36 0.29
C LYS A 71 14.88 16.53 -0.31
N ARG A 72 13.56 16.36 -0.41
CA ARG A 72 12.73 17.20 -1.26
C ARG A 72 12.23 18.49 -0.61
N GLU A 73 13.17 19.37 -0.22
CA GLU A 73 12.79 20.70 0.28
C GLU A 73 12.20 21.58 -0.81
N ASP A 74 12.39 21.21 -2.07
CA ASP A 74 11.66 21.83 -3.18
C ASP A 74 10.12 21.77 -3.03
N LEU A 75 9.60 20.85 -2.22
CA LEU A 75 8.16 20.67 -2.02
C LEU A 75 7.59 21.43 -0.83
N VAL A 76 8.43 22.10 -0.03
CA VAL A 76 7.92 22.94 1.09
C VAL A 76 7.16 24.11 0.46
N HIS A 77 6.11 24.56 1.14
CA HIS A 77 5.34 25.73 0.73
C HIS A 77 6.27 26.92 0.49
N GLY A 78 6.17 27.52 -0.69
CA GLY A 78 7.08 28.59 -1.11
C GLY A 78 8.16 28.11 -2.06
N GLY A 79 8.45 26.81 -2.02
CA GLY A 79 9.38 26.18 -2.97
C GLY A 79 10.82 26.11 -2.52
N ALA A 80 11.11 26.43 -1.26
CA ALA A 80 12.47 26.36 -0.72
C ALA A 80 12.50 26.12 0.77
N HIS A 81 13.63 25.62 1.24
CA HIS A 81 13.88 25.39 2.67
C HIS A 81 13.74 26.66 3.54
N LYS A 82 13.87 27.84 2.94
CA LYS A 82 13.78 29.11 3.68
C LYS A 82 12.53 29.24 4.55
N THR A 83 11.42 28.66 4.10
CA THR A 83 10.17 28.64 4.85
C THR A 83 10.29 28.08 6.28
N ASN A 84 11.14 27.06 6.47
CA ASN A 84 11.26 26.40 7.80
C ASN A 84 11.72 27.39 8.87
N ASN A 85 12.74 28.16 8.52
CA ASN A 85 13.30 29.21 9.37
C ASN A 85 12.38 30.44 9.46
N ALA A 86 11.73 30.78 8.35
CA ALA A 86 10.80 31.92 8.33
C ALA A 86 9.66 31.72 9.33
N ILE A 87 9.05 30.53 9.34
CA ILE A 87 7.96 30.22 10.28
C ILE A 87 8.48 30.22 11.72
N GLY A 88 9.63 29.59 11.94
CA GLY A 88 10.21 29.47 13.28
C GLY A 88 10.46 30.81 13.95
N GLN A 89 11.17 31.67 13.25
CA GLN A 89 11.52 33.01 13.74
C GLN A 89 10.30 33.94 13.77
N ALA A 90 9.39 33.83 12.81
CA ALA A 90 8.18 34.65 12.81
C ALA A 90 7.30 34.29 14.00
N LEU A 91 7.18 33.01 14.29
CA LEU A 91 6.45 32.55 15.48
C LEU A 91 7.14 33.00 16.76
N LEU A 92 8.48 32.88 16.80
CA LEU A 92 9.26 33.37 17.94
C LEU A 92 9.01 34.86 18.18
N ALA A 93 9.07 35.64 17.09
CA ALA A 93 8.75 37.08 17.14
C ALA A 93 7.35 37.37 17.70
N LYS A 94 6.36 36.57 17.29
CA LYS A 94 4.99 36.72 17.78
C LYS A 94 4.87 36.38 19.27
N PHE A 95 5.57 35.33 19.71
CA PHE A 95 5.63 34.95 21.13
C PHE A 95 6.37 36.00 21.99
N MET A 96 7.34 36.69 21.40
CA MET A 96 8.01 37.84 22.03
C MET A 96 7.18 39.13 22.03
N GLY A 97 6.00 39.10 21.40
CA GLY A 97 5.09 40.24 21.38
C GLY A 97 5.40 41.25 20.28
N LYS A 98 6.23 40.86 19.31
CA LYS A 98 6.60 41.75 18.20
C LYS A 98 5.46 41.78 17.19
N THR A 99 5.30 42.92 16.51
CA THR A 99 4.24 43.11 15.50
C THR A 99 4.77 43.26 14.06
N ARG A 100 6.09 43.38 13.90
CA ARG A 100 6.73 43.66 12.62
C ARG A 100 7.91 42.74 12.39
N LEU A 101 8.04 42.24 11.16
CA LEU A 101 9.21 41.48 10.72
C LEU A 101 9.97 42.29 9.69
N ILE A 102 11.30 42.33 9.82
CA ILE A 102 12.15 42.79 8.72
C ILE A 102 13.10 41.68 8.31
N ALA A 103 13.51 41.70 7.05
CA ALA A 103 14.45 40.70 6.56
C ALA A 103 15.20 41.21 5.34
N GLU A 104 16.42 40.67 5.18
CA GLU A 104 17.22 40.85 3.97
C GLU A 104 16.86 39.76 2.97
N THR A 105 17.09 40.04 1.69
CA THR A 105 17.07 38.99 0.68
C THR A 105 17.91 39.39 -0.52
N GLY A 106 18.56 38.40 -1.13
CA GLY A 106 19.33 38.60 -2.35
C GLY A 106 18.60 37.96 -3.52
N ALA A 107 18.42 36.65 -3.46
CA ALA A 107 17.68 35.91 -4.49
C ALA A 107 16.17 36.19 -4.47
N GLY A 108 15.66 36.66 -3.32
CA GLY A 108 14.24 36.89 -3.15
C GLY A 108 13.52 35.77 -2.44
N GLN A 109 14.16 34.61 -2.29
CA GLN A 109 13.49 33.43 -1.72
C GLN A 109 13.19 33.61 -0.24
N HIS A 110 14.17 34.10 0.51
CA HIS A 110 13.96 34.40 1.92
C HIS A 110 12.99 35.56 2.11
N GLY A 111 13.05 36.55 1.22
CA GLY A 111 12.09 37.65 1.22
C GLY A 111 10.67 37.14 1.08
N VAL A 112 10.46 36.24 0.11
CA VAL A 112 9.16 35.62 -0.09
C VAL A 112 8.74 34.79 1.13
N ALA A 113 9.66 33.98 1.66
CA ALA A 113 9.38 33.13 2.82
C ALA A 113 8.98 33.95 4.05
N THR A 114 9.67 35.05 4.27
CA THR A 114 9.35 35.99 5.35
C THR A 114 8.00 36.66 5.13
N ALA A 115 7.72 37.09 3.90
CA ALA A 115 6.41 37.66 3.56
C ALA A 115 5.26 36.69 3.78
N MET A 116 5.47 35.41 3.42
CA MET A 116 4.48 34.35 3.63
C MET A 116 4.20 34.12 5.11
N ALA A 117 5.27 34.01 5.89
CA ALA A 117 5.17 33.76 7.33
C ALA A 117 4.52 34.94 8.06
N GLY A 118 4.86 36.15 7.65
CA GLY A 118 4.25 37.36 8.20
C GLY A 118 2.78 37.48 7.89
N ALA A 119 2.42 37.15 6.66
CA ALA A 119 1.02 37.10 6.24
C ALA A 119 0.25 36.07 7.06
N LEU A 120 0.80 34.86 7.16
CA LEU A 120 0.22 33.79 7.98
C LEU A 120 -0.09 34.25 9.41
N LEU A 121 0.86 34.93 10.03
CA LEU A 121 0.76 35.33 11.44
C LEU A 121 0.23 36.76 11.67
N GLY A 122 -0.17 37.45 10.61
CA GLY A 122 -0.77 38.79 10.74
C GLY A 122 0.18 39.88 11.19
N MET A 123 1.42 39.82 10.69
CA MET A 123 2.47 40.76 11.06
C MET A 123 2.85 41.63 9.86
N LYS A 124 3.29 42.86 10.14
CA LYS A 124 3.81 43.75 9.09
C LYS A 124 5.17 43.22 8.64
N VAL A 125 5.43 43.30 7.34
CA VAL A 125 6.69 42.82 6.74
C VAL A 125 7.31 43.88 5.84
N ASP A 126 8.54 44.29 6.18
CA ASP A 126 9.39 45.11 5.31
C ASP A 126 10.62 44.31 4.92
N ILE A 127 10.86 44.17 3.62
CA ILE A 127 12.03 43.42 3.13
C ILE A 127 13.06 44.39 2.57
N TYR A 128 14.28 44.31 3.07
CA TYR A 128 15.41 45.08 2.51
C TYR A 128 16.09 44.28 1.42
N MET A 129 16.25 44.88 0.26
CA MET A 129 16.77 44.21 -0.92
C MET A 129 17.60 45.20 -1.73
N GLY A 130 18.84 44.84 -2.04
CA GLY A 130 19.71 45.68 -2.86
C GLY A 130 19.09 45.98 -4.20
N ALA A 131 19.20 47.21 -4.66
CA ALA A 131 18.60 47.65 -5.94
C ALA A 131 19.03 46.78 -7.13
N GLU A 132 20.28 46.33 -7.15
CA GLU A 132 20.75 45.40 -8.18
C GLU A 132 20.00 44.07 -8.12
N ASP A 133 19.70 43.61 -6.91
CA ASP A 133 18.92 42.39 -6.72
C ASP A 133 17.43 42.58 -7.04
N VAL A 134 16.87 43.73 -6.66
CA VAL A 134 15.49 44.09 -7.02
C VAL A 134 15.31 44.00 -8.54
N GLU A 135 16.28 44.54 -9.28
CA GLU A 135 16.24 44.54 -10.75
C GLU A 135 16.26 43.11 -11.33
N ARG A 136 17.09 42.24 -10.75
CA ARG A 136 17.22 40.85 -11.20
C ARG A 136 16.06 39.91 -10.85
N GLN A 137 15.25 40.28 -9.85
CA GLN A 137 14.27 39.37 -9.25
C GLN A 137 12.89 39.99 -9.15
N LYS A 138 12.41 40.52 -10.27
CA LYS A 138 11.13 41.24 -10.30
C LYS A 138 9.92 40.39 -9.93
N MET A 139 9.93 39.11 -10.31
CA MET A 139 8.82 38.20 -9.96
C MET A 139 8.78 37.86 -8.47
N ASN A 140 9.95 37.63 -7.86
CA ASN A 140 10.01 37.45 -6.40
C ASN A 140 9.63 38.72 -5.65
N VAL A 141 10.04 39.88 -6.18
CA VAL A 141 9.61 41.17 -5.63
C VAL A 141 8.08 41.30 -5.73
N PHE A 142 7.52 40.90 -6.87
CA PHE A 142 6.06 40.91 -7.07
C PHE A 142 5.35 39.93 -6.11
N ARG A 143 5.88 38.72 -5.97
CA ARG A 143 5.38 37.76 -4.97
C ARG A 143 5.29 38.39 -3.57
N MET A 144 6.37 39.04 -3.15
CA MET A 144 6.42 39.69 -1.82
C MET A 144 5.32 40.73 -1.68
N LYS A 145 5.15 41.55 -2.71
CA LYS A 145 4.07 42.55 -2.75
C LYS A 145 2.67 41.92 -2.66
N LEU A 146 2.44 40.84 -3.41
CA LEU A 146 1.17 40.10 -3.35
C LEU A 146 0.87 39.56 -1.95
N LEU A 147 1.93 39.14 -1.24
CA LEU A 147 1.81 38.62 0.12
C LEU A 147 1.62 39.69 1.21
N GLY A 148 1.64 40.96 0.82
CA GLY A 148 1.38 42.08 1.72
C GLY A 148 2.63 42.75 2.27
N ALA A 149 3.81 42.31 1.81
CA ALA A 149 5.08 42.84 2.28
C ALA A 149 5.48 44.07 1.47
N ASN A 150 6.19 44.98 2.13
CA ASN A 150 6.75 46.18 1.50
C ASN A 150 8.23 45.89 1.21
N VAL A 151 8.62 45.99 -0.05
CA VAL A 151 10.03 45.81 -0.43
C VAL A 151 10.70 47.17 -0.48
N ILE A 152 11.80 47.31 0.26
CA ILE A 152 12.55 48.56 0.34
C ILE A 152 13.85 48.39 -0.47
N PRO A 153 13.94 49.03 -1.66
CA PRO A 153 15.18 48.93 -2.44
C PRO A 153 16.33 49.68 -1.78
N VAL A 154 17.48 49.01 -1.60
CA VAL A 154 18.63 49.60 -0.93
C VAL A 154 19.58 50.14 -2.00
N ASN A 155 19.70 51.47 -2.05
CA ASN A 155 20.47 52.18 -3.07
C ASN A 155 21.90 52.53 -2.63
N SER A 156 22.25 52.26 -1.37
CA SER A 156 23.58 52.56 -0.84
C SER A 156 24.60 51.46 -1.15
N GLY A 157 25.88 51.84 -1.17
CA GLY A 157 26.98 50.88 -1.36
C GLY A 157 27.00 50.23 -2.73
N SER A 158 27.22 48.92 -2.76
CA SER A 158 27.16 48.12 -3.98
C SER A 158 25.74 47.71 -4.40
N ARG A 159 24.75 48.02 -3.56
CA ARG A 159 23.33 47.78 -3.87
C ARG A 159 23.00 46.29 -4.03
N THR A 160 23.58 45.46 -3.16
CA THR A 160 23.41 44.01 -3.16
C THR A 160 23.11 43.52 -1.73
N LEU A 161 23.23 42.20 -1.50
CA LEU A 161 22.82 41.57 -0.24
C LEU A 161 23.53 42.12 1.01
N LYS A 162 24.84 42.34 0.91
CA LYS A 162 25.61 42.87 2.06
C LYS A 162 25.09 44.25 2.50
N ASP A 163 24.68 45.07 1.55
CA ASP A 163 24.14 46.41 1.82
C ASP A 163 22.74 46.35 2.42
N ALA A 164 21.93 45.41 1.94
CA ALA A 164 20.60 45.14 2.52
C ALA A 164 20.68 44.72 3.99
N ILE A 165 21.66 43.88 4.32
CA ILE A 165 21.88 43.44 5.71
C ILE A 165 22.25 44.63 6.60
N ASN A 166 23.13 45.50 6.09
CA ASN A 166 23.56 46.69 6.82
C ASN A 166 22.40 47.64 7.11
N GLU A 167 21.51 47.84 6.13
CA GLU A 167 20.31 48.64 6.33
C GLU A 167 19.30 47.99 7.29
N ALA A 168 19.14 46.68 7.19
CA ALA A 168 18.28 45.91 8.11
C ALA A 168 18.73 46.03 9.56
N LEU A 169 20.04 45.93 9.79
CA LEU A 169 20.62 46.14 11.13
C LEU A 169 20.41 47.57 11.63
N ARG A 170 20.54 48.54 10.71
CA ARG A 170 20.25 49.96 10.99
C ARG A 170 18.81 50.18 11.45
N ASP A 171 17.88 49.52 10.76
CA ASP A 171 16.45 49.56 11.11
C ASP A 171 16.22 48.94 12.48
N TRP A 172 16.72 47.71 12.65
CA TRP A 172 16.48 46.94 13.86
C TRP A 172 16.94 47.63 15.14
N VAL A 173 18.09 48.32 15.08
CA VAL A 173 18.60 49.07 16.23
C VAL A 173 17.57 50.09 16.76
N ALA A 174 16.83 50.72 15.85
CA ALA A 174 15.81 51.71 16.19
C ALA A 174 14.47 51.07 16.54
N THR A 175 14.11 49.97 15.88
CA THR A 175 12.74 49.43 15.96
C THR A 175 12.57 48.10 16.73
N PHE A 176 13.63 47.63 17.40
CA PHE A 176 13.65 46.29 18.02
C PHE A 176 12.57 45.98 19.08
N GLU A 177 12.02 47.01 19.73
CA GLU A 177 10.96 46.81 20.73
C GLU A 177 9.72 46.14 20.15
N TYR A 178 9.39 46.47 18.90
CA TYR A 178 8.25 45.88 18.18
C TYR A 178 8.62 45.13 16.89
N THR A 179 9.90 45.18 16.48
CA THR A 179 10.35 44.54 15.23
C THR A 179 11.33 43.42 15.52
N HIS A 180 11.17 42.31 14.82
CA HIS A 180 12.15 41.23 14.81
C HIS A 180 12.88 41.23 13.48
N TYR A 181 14.21 41.16 13.52
CA TYR A 181 15.00 41.03 12.31
C TYR A 181 15.13 39.54 12.03
N LEU A 182 14.50 39.12 10.93
CA LEU A 182 14.42 37.71 10.56
C LEU A 182 15.54 37.40 9.56
N ILE A 183 16.72 37.07 10.11
CA ILE A 183 17.87 36.70 9.29
C ILE A 183 17.60 35.35 8.63
N GLY A 184 17.97 35.24 7.36
CA GLY A 184 17.60 34.10 6.51
C GLY A 184 18.62 33.00 6.35
N SER A 185 19.82 33.17 6.89
CA SER A 185 20.82 32.10 6.86
C SER A 185 21.52 31.97 8.21
N VAL A 186 22.43 31.02 8.32
CA VAL A 186 23.16 30.76 9.58
C VAL A 186 24.33 31.75 9.76
N VAL A 187 23.99 33.03 9.67
CA VAL A 187 24.97 34.11 9.63
C VAL A 187 24.52 35.19 10.61
N GLY A 188 25.34 36.21 10.76
CA GLY A 188 25.04 37.32 11.66
C GLY A 188 25.61 37.08 13.05
N PRO A 189 25.35 38.03 13.96
CA PRO A 189 25.83 37.86 15.33
C PRO A 189 25.02 36.80 16.07
N HIS A 190 25.64 36.20 17.07
CA HIS A 190 24.93 35.28 17.98
C HIS A 190 23.70 36.03 18.53
N PRO A 191 22.55 35.34 18.66
CA PRO A 191 22.27 33.91 18.47
C PRO A 191 21.78 33.43 17.10
N TYR A 192 21.89 34.26 16.05
CA TYR A 192 21.29 33.94 14.76
C TYR A 192 21.80 32.65 14.09
N PRO A 193 23.13 32.45 14.02
CA PRO A 193 23.64 31.19 13.43
C PRO A 193 23.09 29.92 14.10
N THR A 194 22.95 29.95 15.42
CA THR A 194 22.39 28.84 16.19
C THR A 194 20.89 28.67 15.94
N ILE A 195 20.14 29.77 16.07
CA ILE A 195 18.68 29.77 15.87
C ILE A 195 18.28 29.23 14.50
N VAL A 196 18.93 29.74 13.44
CA VAL A 196 18.58 29.36 12.07
C VAL A 196 18.92 27.89 11.80
N ARG A 197 20.09 27.45 12.27
CA ARG A 197 20.45 26.04 12.22
C ARG A 197 19.43 25.17 12.95
N ASP A 198 19.00 25.60 14.13
CA ASP A 198 17.99 24.85 14.91
C ASP A 198 16.64 24.73 14.20
N PHE A 199 16.19 25.81 13.57
CA PHE A 199 14.95 25.80 12.79
C PHE A 199 15.05 25.09 11.44
N GLN A 200 16.25 24.85 10.94
CA GLN A 200 16.45 24.04 9.73
C GLN A 200 16.77 22.57 10.01
N SER A 201 17.13 22.24 11.26
CA SER A 201 17.50 20.88 11.66
C SER A 201 16.42 19.81 11.44
N VAL A 202 15.16 20.22 11.35
CA VAL A 202 14.06 19.34 10.95
C VAL A 202 14.33 18.58 9.64
N ILE A 203 15.06 19.21 8.71
CA ILE A 203 15.41 18.59 7.43
C ILE A 203 16.22 17.31 7.67
N GLY A 204 17.27 17.43 8.48
CA GLY A 204 18.14 16.31 8.80
C GLY A 204 17.48 15.24 9.65
N ARG A 205 16.64 15.66 10.61
CA ARG A 205 15.91 14.72 11.46
C ARG A 205 14.95 13.85 10.64
N GLU A 206 14.21 14.47 9.73
CA GLU A 206 13.36 13.75 8.77
C GLU A 206 14.18 12.82 7.87
N ALA A 207 15.22 13.38 7.24
CA ALA A 207 16.08 12.62 6.34
C ALA A 207 16.68 11.37 6.99
N LYS A 208 17.07 11.50 8.26
CA LYS A 208 17.60 10.37 9.04
C LYS A 208 16.55 9.28 9.26
N ALA A 209 15.35 9.68 9.69
CA ALA A 209 14.25 8.73 9.87
C ALA A 209 13.84 8.08 8.54
N GLN A 210 13.81 8.89 7.47
CA GLN A 210 13.39 8.41 6.15
C GLN A 210 14.38 7.45 5.48
N ILE A 211 15.68 7.71 5.65
CA ILE A 211 16.71 6.82 5.08
C ILE A 211 16.82 5.50 5.85
N LEU A 212 16.65 5.56 7.18
CA LEU A 212 16.58 4.34 7.99
C LEU A 212 15.35 3.50 7.63
N GLU A 213 14.23 4.15 7.35
CA GLU A 213 13.01 3.46 6.91
C GLU A 213 13.18 2.85 5.50
N ALA A 214 13.84 3.58 4.60
CA ALA A 214 14.02 3.15 3.22
C ALA A 214 15.11 2.07 3.04
N GLU A 215 16.25 2.26 3.71
CA GLU A 215 17.46 1.43 3.49
C GLU A 215 18.00 0.67 4.71
N GLY A 216 17.43 0.90 5.89
CA GLY A 216 17.91 0.25 7.12
C GLY A 216 19.29 0.66 7.60
N GLN A 217 19.78 1.80 7.15
CA GLN A 217 21.13 2.29 7.51
C GLN A 217 21.29 3.78 7.26
N LEU A 218 22.28 4.38 7.91
CA LEU A 218 22.63 5.79 7.69
C LEU A 218 23.33 5.95 6.34
N PRO A 219 23.26 7.15 5.73
CA PRO A 219 23.90 7.35 4.44
C PRO A 219 25.42 7.42 4.58
N ASP A 220 26.12 7.14 3.48
CA ASP A 220 27.57 7.30 3.44
C ASP A 220 27.98 8.77 3.32
N VAL A 221 27.24 9.53 2.51
CA VAL A 221 27.53 10.96 2.29
C VAL A 221 26.25 11.79 2.23
N ILE A 222 26.31 13.00 2.80
CA ILE A 222 25.27 14.00 2.64
C ILE A 222 25.90 15.19 1.89
N VAL A 223 25.23 15.60 0.81
CA VAL A 223 25.70 16.69 -0.04
C VAL A 223 24.65 17.82 -0.02
N ALA A 224 25.09 19.03 0.31
CA ALA A 224 24.22 20.21 0.25
C ALA A 224 24.99 21.41 -0.26
N CYS A 225 24.30 22.30 -0.97
CA CYS A 225 24.88 23.56 -1.41
C CYS A 225 25.02 24.51 -0.21
N VAL A 226 26.03 25.37 -0.27
CA VAL A 226 26.36 26.30 0.81
C VAL A 226 26.39 27.72 0.26
N GLY A 227 25.40 28.51 0.65
CA GLY A 227 25.42 29.97 0.47
C GLY A 227 25.95 30.53 1.77
N GLY A 228 25.06 31.10 2.57
CA GLY A 228 25.36 31.41 3.97
C GLY A 228 25.52 30.13 4.80
N GLY A 229 24.76 29.10 4.43
CA GLY A 229 24.92 27.75 4.99
C GLY A 229 23.73 27.11 5.71
N SER A 230 22.54 27.71 5.64
CA SER A 230 21.39 27.18 6.40
C SER A 230 20.82 25.82 5.96
N ASN A 231 20.61 25.61 4.66
CA ASN A 231 20.09 24.30 4.20
C ASN A 231 21.08 23.17 4.48
N ALA A 232 22.37 23.46 4.32
CA ALA A 232 23.43 22.50 4.65
C ALA A 232 23.46 22.21 6.15
N MET A 233 23.44 23.24 6.99
CA MET A 233 23.41 23.00 8.45
C MET A 233 22.17 22.22 8.87
N GLY A 234 21.02 22.51 8.28
CA GLY A 234 19.78 21.80 8.59
C GLY A 234 19.84 20.29 8.37
N ILE A 235 20.38 19.89 7.22
CA ILE A 235 20.55 18.48 6.92
C ILE A 235 21.79 17.86 7.59
N PHE A 236 22.86 18.66 7.77
CA PHE A 236 24.09 18.18 8.42
C PHE A 236 23.92 17.89 9.91
N TYR A 237 23.37 18.86 10.64
CA TYR A 237 23.47 18.90 12.11
C TYR A 237 23.08 17.61 12.84
N PRO A 238 21.96 16.96 12.45
CA PRO A 238 21.58 15.71 13.13
C PRO A 238 22.50 14.50 12.87
N PHE A 239 23.34 14.58 11.82
CA PHE A 239 24.33 13.55 11.52
C PHE A 239 25.75 13.86 11.99
N VAL A 240 25.97 15.01 12.65
CA VAL A 240 27.32 15.42 13.06
C VAL A 240 27.97 14.39 13.99
N ASN A 241 27.20 13.91 14.97
CA ASN A 241 27.71 12.92 15.94
C ASN A 241 27.76 11.49 15.39
N ASP A 242 27.18 11.25 14.23
CA ASP A 242 27.35 9.98 13.50
C ASP A 242 28.64 10.06 12.69
N LYS A 243 29.69 9.41 13.21
CA LYS A 243 31.05 9.56 12.69
C LYS A 243 31.27 9.06 11.25
N LYS A 244 30.58 7.98 10.89
CA LYS A 244 30.71 7.36 9.56
C LYS A 244 30.08 8.16 8.42
N VAL A 245 29.17 9.08 8.76
CA VAL A 245 28.45 9.87 7.75
C VAL A 245 29.30 11.07 7.31
N LYS A 246 29.77 11.04 6.07
CA LYS A 246 30.51 12.17 5.49
C LYS A 246 29.56 13.33 5.19
N LEU A 247 30.05 14.56 5.37
CA LEU A 247 29.28 15.77 5.08
C LEU A 247 30.06 16.57 4.04
N VAL A 248 29.41 16.90 2.93
CA VAL A 248 30.03 17.67 1.85
C VAL A 248 29.21 18.92 1.57
N GLY A 249 29.83 20.08 1.75
CA GLY A 249 29.22 21.37 1.40
C GLY A 249 29.71 21.80 0.04
N VAL A 250 28.79 22.29 -0.81
CA VAL A 250 29.13 22.69 -2.17
C VAL A 250 28.92 24.19 -2.35
N GLU A 251 30.02 24.91 -2.55
CA GLU A 251 29.96 26.35 -2.82
C GLU A 251 29.91 26.62 -4.32
N ALA A 252 29.51 27.85 -4.65
CA ALA A 252 29.46 28.31 -6.04
C ALA A 252 30.88 28.55 -6.55
N GLY A 253 31.30 27.74 -7.51
CA GLY A 253 32.56 27.94 -8.22
C GLY A 253 32.50 28.99 -9.32
N GLY A 254 31.29 29.42 -9.67
CA GLY A 254 31.08 30.52 -10.62
C GLY A 254 31.69 30.25 -11.98
N LYS A 255 32.44 31.22 -12.49
CA LYS A 255 33.22 31.04 -13.71
C LYS A 255 34.55 30.30 -13.48
N GLY A 256 34.83 29.94 -12.22
CA GLY A 256 36.02 29.15 -11.85
C GLY A 256 36.68 29.78 -10.64
N LEU A 257 37.33 28.95 -9.82
CA LEU A 257 37.99 29.43 -8.59
C LEU A 257 39.18 30.36 -8.86
N GLU A 258 39.87 30.15 -9.98
CA GLU A 258 40.97 31.03 -10.41
C GLU A 258 40.51 32.29 -11.17
N SER A 259 39.23 32.33 -11.57
CA SER A 259 38.68 33.45 -12.36
C SER A 259 38.40 34.71 -11.55
N GLY A 260 38.33 34.61 -10.23
CA GLY A 260 37.94 35.73 -9.37
C GLY A 260 36.45 36.08 -9.46
N LYS A 261 35.65 35.18 -10.00
CA LYS A 261 34.21 35.36 -10.13
C LYS A 261 33.52 34.08 -9.64
N HIS A 262 33.35 34.02 -8.33
CA HIS A 262 32.75 32.88 -7.65
C HIS A 262 32.16 33.35 -6.31
N SER A 263 31.62 32.43 -5.52
CA SER A 263 31.15 32.73 -4.17
C SER A 263 31.61 31.66 -3.18
N ALA A 264 32.81 31.14 -3.40
CA ALA A 264 33.39 30.09 -2.57
C ALA A 264 34.21 30.70 -1.43
N SER A 265 33.50 31.11 -0.37
CA SER A 265 34.13 31.76 0.78
C SER A 265 35.03 30.83 1.60
N LEU A 266 34.58 29.60 1.82
CA LEU A 266 35.39 28.58 2.50
C LEU A 266 36.60 28.13 1.67
N ASN A 267 36.40 27.92 0.37
CA ASN A 267 37.48 27.45 -0.52
C ASN A 267 38.56 28.51 -0.76
N ALA A 268 38.13 29.74 -1.08
CA ALA A 268 39.04 30.80 -1.55
C ALA A 268 39.12 32.07 -0.68
N GLY A 269 38.24 32.21 0.33
CA GLY A 269 38.16 33.44 1.11
C GLY A 269 39.16 33.51 2.25
N GLN A 270 39.10 34.62 2.98
CA GLN A 270 39.94 34.88 4.16
C GLN A 270 39.09 34.91 5.42
N VAL A 271 39.71 34.69 6.56
CA VAL A 271 39.08 34.97 7.86
C VAL A 271 38.90 36.49 7.99
N GLY A 272 37.73 36.90 8.44
CA GLY A 272 37.41 38.32 8.60
C GLY A 272 36.18 38.54 9.46
N VAL A 273 35.78 39.80 9.61
CA VAL A 273 34.59 40.15 10.39
C VAL A 273 33.67 41.03 9.55
N SER A 274 32.41 40.60 9.45
CA SER A 274 31.37 41.38 8.81
C SER A 274 30.02 40.88 9.29
N HIS A 275 29.04 41.77 9.30
CA HIS A 275 27.67 41.46 9.77
C HIS A 275 27.60 40.81 11.15
N GLY A 276 28.51 41.19 12.04
CA GLY A 276 28.50 40.70 13.41
C GLY A 276 29.15 39.37 13.68
N MET A 277 29.81 38.77 12.69
CA MET A 277 30.42 37.46 12.85
C MET A 277 31.87 37.41 12.36
N LEU A 278 32.68 36.62 13.08
CA LEU A 278 34.02 36.27 12.66
C LEU A 278 33.90 34.95 11.90
N SER A 279 34.18 34.99 10.60
CA SER A 279 34.04 33.81 9.74
C SER A 279 34.85 34.01 8.47
N TYR A 280 34.61 33.16 7.46
CA TYR A 280 35.28 33.27 6.17
C TYR A 280 34.49 34.19 5.22
N PHE A 281 35.21 35.12 4.60
CA PHE A 281 34.64 36.08 3.67
C PHE A 281 35.54 36.23 2.44
N LEU A 282 34.93 36.59 1.31
CA LEU A 282 35.66 37.02 0.14
C LEU A 282 35.90 38.51 0.29
N GLN A 283 37.13 38.89 0.60
CA GLN A 283 37.48 40.28 0.87
C GLN A 283 38.86 40.64 0.32
N ASP A 284 38.98 41.88 -0.17
CA ASP A 284 40.20 42.35 -0.87
C ASP A 284 41.30 42.84 0.09
N GLU A 285 42.42 43.28 -0.47
CA GLU A 285 43.55 43.84 0.29
C GLU A 285 43.20 45.04 1.19
N GLU A 286 42.18 45.80 0.82
CA GLU A 286 41.63 46.87 1.68
C GLU A 286 40.71 46.36 2.80
N GLY A 287 40.46 45.05 2.87
CA GLY A 287 39.57 44.46 3.87
C GLY A 287 38.09 44.56 3.53
N GLN A 288 37.77 45.03 2.32
CA GLN A 288 36.39 45.26 1.90
C GLN A 288 35.84 43.99 1.27
N ILE A 289 34.54 43.78 1.46
CA ILE A 289 33.87 42.54 1.04
C ILE A 289 33.66 42.57 -0.48
N LYS A 290 34.22 41.59 -1.19
CA LYS A 290 34.16 41.50 -2.64
C LYS A 290 32.75 41.17 -3.15
N PRO A 291 32.46 41.47 -4.43
CA PRO A 291 31.20 41.02 -5.01
C PRO A 291 31.24 39.52 -5.27
N SER A 292 30.16 38.83 -4.94
CA SER A 292 30.00 37.42 -5.28
C SER A 292 29.49 37.28 -6.71
N HIS A 293 29.84 36.17 -7.36
N HIS A 293 29.78 36.14 -7.32
CA HIS A 293 29.22 35.78 -8.62
CA HIS A 293 29.26 35.78 -8.64
C HIS A 293 28.80 34.32 -8.58
C HIS A 293 28.83 34.31 -8.64
N SER A 294 27.60 34.05 -9.08
CA SER A 294 27.14 32.70 -9.33
C SER A 294 25.93 32.80 -10.24
N ILE A 295 25.79 31.82 -11.14
CA ILE A 295 24.57 31.67 -11.91
C ILE A 295 23.36 31.47 -10.97
N ALA A 296 23.59 30.82 -9.82
CA ALA A 296 22.56 30.65 -8.80
C ALA A 296 22.40 31.94 -7.97
N PRO A 297 21.23 32.62 -8.08
CA PRO A 297 21.05 33.87 -7.35
C PRO A 297 21.20 33.75 -5.82
N GLY A 298 20.82 32.61 -5.28
CA GLY A 298 20.89 32.33 -3.84
C GLY A 298 22.25 32.04 -3.24
N LEU A 299 23.27 31.78 -4.07
CA LEU A 299 24.62 31.61 -3.56
C LEU A 299 25.41 32.93 -3.68
N ASP A 300 24.78 34.02 -3.21
CA ASP A 300 25.30 35.38 -3.39
C ASP A 300 25.80 36.04 -2.10
N TYR A 301 25.55 35.45 -0.93
CA TYR A 301 26.10 35.99 0.31
C TYR A 301 27.64 35.88 0.27
N PRO A 302 28.38 36.99 0.40
CA PRO A 302 29.84 36.94 0.17
C PRO A 302 30.68 36.32 1.30
N GLY A 303 30.03 35.81 2.34
CA GLY A 303 30.69 35.04 3.38
C GLY A 303 30.02 33.69 3.59
N VAL A 304 30.18 33.17 4.79
CA VAL A 304 29.61 31.88 5.16
C VAL A 304 29.45 31.86 6.68
N GLY A 305 28.49 31.07 7.14
CA GLY A 305 28.22 30.94 8.57
C GLY A 305 29.41 30.38 9.34
N PRO A 306 29.59 30.82 10.60
CA PRO A 306 30.74 30.38 11.40
C PRO A 306 30.72 28.89 11.76
N GLU A 307 29.55 28.26 11.84
CA GLU A 307 29.50 26.82 12.14
C GLU A 307 30.10 25.97 11.02
N HIS A 308 29.98 26.42 9.77
CA HIS A 308 30.67 25.78 8.64
C HIS A 308 32.18 26.01 8.67
N ALA A 309 32.59 27.23 9.01
CA ALA A 309 34.00 27.54 9.20
C ALA A 309 34.61 26.59 10.24
N TYR A 310 33.87 26.36 11.33
CA TYR A 310 34.27 25.40 12.36
C TYR A 310 34.33 23.97 11.86
N LEU A 311 33.26 23.48 11.24
CA LEU A 311 33.23 22.10 10.70
C LEU A 311 34.38 21.86 9.69
N LYS A 312 34.74 22.89 8.92
CA LYS A 312 35.91 22.82 8.03
C LYS A 312 37.21 22.73 8.83
N LYS A 313 37.34 23.58 9.85
CA LYS A 313 38.53 23.61 10.71
C LYS A 313 38.83 22.25 11.35
N ILE A 314 37.81 21.67 12.00
CA ILE A 314 37.94 20.34 12.64
C ILE A 314 37.81 19.14 11.67
N GLN A 315 37.57 19.43 10.38
CA GLN A 315 37.52 18.42 9.32
C GLN A 315 36.37 17.42 9.47
N ARG A 316 35.27 17.87 10.06
CA ARG A 316 34.05 17.06 10.15
C ARG A 316 33.30 17.10 8.81
N ALA A 317 33.34 18.24 8.14
CA ALA A 317 32.74 18.41 6.82
C ALA A 317 33.79 18.86 5.80
N GLU A 318 33.66 18.36 4.58
CA GLU A 318 34.48 18.79 3.45
C GLU A 318 33.71 19.84 2.66
N TYR A 319 34.43 20.80 2.10
CA TYR A 319 33.82 21.82 1.27
C TYR A 319 34.46 21.88 -0.10
N VAL A 320 33.62 21.80 -1.13
CA VAL A 320 34.05 21.75 -2.53
C VAL A 320 33.34 22.87 -3.28
N ALA A 321 33.67 23.01 -4.55
CA ALA A 321 33.01 23.99 -5.42
C ALA A 321 32.62 23.34 -6.75
N VAL A 322 31.54 23.86 -7.33
CA VAL A 322 30.99 23.42 -8.61
C VAL A 322 30.77 24.69 -9.44
N THR A 323 31.12 24.64 -10.73
CA THR A 323 31.05 25.83 -11.59
C THR A 323 29.62 26.09 -12.09
N ASP A 324 29.40 27.30 -12.62
CA ASP A 324 28.14 27.66 -13.28
C ASP A 324 27.75 26.63 -14.33
N GLU A 325 28.71 26.27 -15.18
CA GLU A 325 28.50 25.28 -16.24
C GLU A 325 28.02 23.94 -15.70
N GLU A 326 28.69 23.46 -14.66
CA GLU A 326 28.35 22.17 -14.03
C GLU A 326 26.97 22.20 -13.36
N ALA A 327 26.67 23.28 -12.64
CA ALA A 327 25.36 23.45 -12.00
C ALA A 327 24.26 23.45 -13.05
N LEU A 328 24.47 24.22 -14.12
CA LEU A 328 23.49 24.29 -15.21
C LEU A 328 23.24 22.93 -15.87
N LYS A 329 24.29 22.16 -16.13
CA LYS A 329 24.13 20.79 -16.65
C LYS A 329 23.31 19.88 -15.73
N ALA A 330 23.50 20.04 -14.42
CA ALA A 330 22.77 19.26 -13.42
C ALA A 330 21.29 19.69 -13.37
N PHE A 331 21.05 20.98 -13.53
CA PHE A 331 19.68 21.52 -13.62
C PHE A 331 18.89 20.79 -14.72
N HIS A 332 19.51 20.70 -15.90
CA HIS A 332 18.91 20.02 -17.05
C HIS A 332 18.84 18.51 -16.86
N GLU A 333 19.91 17.92 -16.32
CA GLU A 333 19.98 16.47 -16.10
C GLU A 333 18.87 15.96 -15.19
N LEU A 334 18.65 16.65 -14.07
CA LEU A 334 17.63 16.23 -13.10
C LEU A 334 16.23 16.40 -13.67
N SER A 335 16.01 17.50 -14.38
CA SER A 335 14.72 17.77 -15.02
C SER A 335 14.32 16.67 -16.01
N ARG A 336 15.29 16.27 -16.84
CA ARG A 336 15.09 15.25 -17.89
C ARG A 336 15.01 13.82 -17.35
N THR A 337 15.81 13.51 -16.33
CA THR A 337 15.99 12.15 -15.85
C THR A 337 14.99 11.76 -14.76
N GLU A 338 14.64 12.71 -13.88
CA GLU A 338 13.74 12.45 -12.76
C GLU A 338 12.46 13.29 -12.74
N GLY A 339 12.31 14.20 -13.68
CA GLY A 339 11.12 15.04 -13.75
C GLY A 339 10.99 16.02 -12.59
N ILE A 340 12.14 16.43 -12.04
CA ILE A 340 12.21 17.38 -10.94
C ILE A 340 13.08 18.53 -11.40
N ILE A 341 12.49 19.73 -11.52
CA ILE A 341 13.25 20.92 -11.88
C ILE A 341 13.82 21.52 -10.59
N PRO A 342 15.15 21.46 -10.39
CA PRO A 342 15.71 21.96 -9.14
C PRO A 342 16.04 23.45 -9.20
N ALA A 343 16.12 24.09 -8.04
CA ALA A 343 16.69 25.42 -7.94
C ALA A 343 18.17 25.36 -8.38
N LEU A 344 18.64 26.43 -9.02
CA LEU A 344 20.04 26.51 -9.44
C LEU A 344 21.04 26.40 -8.28
N GLU A 345 20.62 26.82 -7.08
CA GLU A 345 21.45 26.65 -5.89
C GLU A 345 21.61 25.16 -5.62
N SER A 346 20.47 24.47 -5.57
CA SER A 346 20.40 23.02 -5.32
C SER A 346 21.09 22.21 -6.38
N ALA A 347 21.05 22.71 -7.61
CA ALA A 347 21.73 22.05 -8.73
C ALA A 347 23.24 21.95 -8.55
N HIS A 348 23.84 22.87 -7.78
CA HIS A 348 25.26 22.73 -7.39
C HIS A 348 25.50 21.45 -6.60
N ALA A 349 24.61 21.17 -5.64
CA ALA A 349 24.68 19.94 -4.86
C ALA A 349 24.45 18.71 -5.72
N VAL A 350 23.47 18.79 -6.63
CA VAL A 350 23.18 17.70 -7.56
C VAL A 350 24.40 17.42 -8.43
N ALA A 351 25.03 18.47 -8.95
CA ALA A 351 26.22 18.31 -9.81
C ALA A 351 27.36 17.58 -9.11
N TYR A 352 27.67 17.95 -7.87
CA TYR A 352 28.73 17.29 -7.13
C TYR A 352 28.36 15.85 -6.76
N ALA A 353 27.11 15.63 -6.37
CA ALA A 353 26.61 14.28 -6.06
C ALA A 353 26.75 13.30 -7.24
N MET A 354 26.51 13.81 -8.45
CA MET A 354 26.65 13.01 -9.67
C MET A 354 28.09 12.61 -9.95
N LYS A 355 29.03 13.53 -9.70
CA LYS A 355 30.47 13.23 -9.82
C LYS A 355 30.91 12.24 -8.75
N LEU A 356 30.51 12.52 -7.51
CA LEU A 356 30.85 11.68 -6.36
C LEU A 356 30.27 10.26 -6.46
N ALA A 357 29.03 10.15 -6.95
CA ALA A 357 28.35 8.86 -7.10
C ALA A 357 29.07 7.91 -8.05
N LYS A 358 29.55 8.46 -9.17
CA LYS A 358 30.27 7.68 -10.20
C LYS A 358 31.52 6.97 -9.66
N GLU A 359 32.22 7.58 -8.72
CA GLU A 359 33.42 6.98 -8.11
C GLU A 359 33.07 5.91 -7.06
N MET A 360 31.95 6.10 -6.37
CA MET A 360 31.53 5.21 -5.27
C MET A 360 30.84 3.92 -5.75
N SER A 361 30.69 2.97 -4.84
CA SER A 361 30.10 1.65 -5.13
C SER A 361 28.57 1.68 -5.11
N ARG A 362 27.97 0.72 -5.81
CA ARG A 362 26.51 0.63 -5.99
C ARG A 362 25.71 0.40 -4.69
N ASP A 363 26.35 -0.25 -3.71
CA ASP A 363 25.72 -0.46 -2.39
C ASP A 363 25.71 0.78 -1.49
N GLU A 364 26.57 1.77 -1.79
CA GLU A 364 26.66 3.00 -0.99
C GLU A 364 25.55 4.01 -1.31
N ILE A 365 25.32 4.93 -0.37
CA ILE A 365 24.16 5.84 -0.39
C ILE A 365 24.57 7.30 -0.24
N ILE A 366 24.03 8.16 -1.11
CA ILE A 366 24.23 9.61 -1.03
C ILE A 366 22.86 10.27 -0.88
N ILE A 367 22.72 11.15 0.12
CA ILE A 367 21.55 12.03 0.22
C ILE A 367 21.97 13.42 -0.25
N VAL A 368 21.24 13.96 -1.22
CA VAL A 368 21.42 15.35 -1.67
C VAL A 368 20.28 16.18 -1.13
N ASN A 369 20.59 17.31 -0.51
CA ASN A 369 19.54 18.23 -0.07
C ASN A 369 19.09 19.06 -1.26
N LEU A 370 17.88 18.83 -1.74
CA LEU A 370 17.32 19.63 -2.82
C LEU A 370 16.65 20.84 -2.18
N SER A 371 17.43 21.90 -1.99
CA SER A 371 17.00 23.07 -1.17
C SER A 371 15.79 23.83 -1.71
N GLY A 372 15.59 23.81 -3.02
CA GLY A 372 14.42 24.41 -3.62
C GLY A 372 14.07 23.89 -5.01
N ARG A 373 12.94 24.35 -5.53
CA ARG A 373 12.53 24.08 -6.92
C ARG A 373 12.98 25.21 -7.84
N GLY A 374 13.03 24.89 -9.13
CA GLY A 374 13.60 25.78 -10.14
C GLY A 374 12.67 26.67 -10.91
N ASP A 375 11.40 26.75 -10.52
CA ASP A 375 10.42 27.63 -11.21
C ASP A 375 10.89 29.09 -11.23
N LYS A 376 11.41 29.53 -10.08
CA LYS A 376 11.99 30.88 -9.94
C LYS A 376 13.17 31.18 -10.89
N ASP A 377 13.85 30.13 -11.32
CA ASP A 377 15.06 30.24 -12.17
C ASP A 377 14.83 30.05 -13.67
N LEU A 378 13.58 29.88 -14.10
CA LEU A 378 13.32 29.56 -15.51
C LEU A 378 13.76 30.65 -16.49
N ASP A 379 13.58 31.92 -16.11
CA ASP A 379 14.03 33.05 -16.93
C ASP A 379 15.55 33.09 -17.09
N ILE A 380 16.27 32.83 -16.01
CA ILE A 380 17.74 32.72 -16.04
C ILE A 380 18.17 31.63 -17.02
N VAL A 381 17.59 30.44 -16.87
CA VAL A 381 17.98 29.29 -17.68
C VAL A 381 17.60 29.50 -19.15
N LEU A 382 16.42 30.08 -19.40
CA LEU A 382 16.00 30.44 -20.75
C LEU A 382 17.01 31.37 -21.44
N LYS A 383 17.52 32.35 -20.70
CA LYS A 383 18.51 33.29 -21.24
C LYS A 383 19.86 32.63 -21.50
N VAL A 384 20.36 31.85 -20.54
CA VAL A 384 21.71 31.29 -20.61
C VAL A 384 21.77 30.05 -21.51
N SER A 385 20.85 29.11 -21.31
CA SER A 385 20.80 27.90 -22.14
C SER A 385 20.18 28.16 -23.50
N GLY A 386 19.26 29.12 -23.57
CA GLY A 386 18.53 29.42 -24.80
C GLY A 386 17.23 28.64 -24.82
N ASN A 387 16.36 29.02 -25.76
CA ASN A 387 15.10 28.32 -25.97
C ASN A 387 15.37 27.02 -26.75
N VAL A 388 14.44 26.08 -26.69
CA VAL A 388 14.59 24.78 -27.37
C VAL A 388 13.66 24.73 -28.58
N MET B 1 -19.41 3.03 -17.79
CA MET B 1 -19.75 3.54 -19.15
C MET B 1 -20.48 4.88 -19.07
N TRP B 2 -21.63 4.86 -18.38
CA TRP B 2 -22.53 6.00 -18.29
C TRP B 2 -22.66 6.52 -16.86
N PHE B 3 -23.01 7.80 -16.75
CA PHE B 3 -23.39 8.43 -15.48
C PHE B 3 -24.77 9.01 -15.74
N GLY B 4 -25.80 8.27 -15.34
CA GLY B 4 -27.15 8.53 -15.82
C GLY B 4 -27.17 8.39 -17.33
N GLU B 5 -27.66 9.42 -18.02
CA GLU B 5 -27.61 9.47 -19.48
C GLU B 5 -26.24 9.85 -20.05
N PHE B 6 -25.41 10.51 -19.24
CA PHE B 6 -24.20 11.18 -19.72
C PHE B 6 -23.00 10.24 -19.78
N GLY B 7 -21.99 10.65 -20.54
CA GLY B 7 -20.76 9.88 -20.70
C GLY B 7 -20.81 9.04 -21.96
N GLY B 8 -20.51 7.76 -21.83
CA GLY B 8 -20.57 6.83 -22.95
C GLY B 8 -19.27 6.71 -23.71
N GLN B 9 -19.35 6.16 -24.92
CA GLN B 9 -18.19 5.80 -25.73
C GLN B 9 -18.57 5.92 -27.21
N TYR B 10 -18.84 7.14 -27.65
CA TYR B 10 -19.36 7.43 -29.00
C TYR B 10 -18.23 7.85 -29.94
N VAL B 11 -17.48 6.84 -30.40
CA VAL B 11 -16.27 7.05 -31.20
C VAL B 11 -16.31 6.16 -32.44
N PRO B 12 -15.51 6.50 -33.48
CA PRO B 12 -15.38 5.59 -34.61
C PRO B 12 -14.65 4.29 -34.24
N GLU B 13 -14.81 3.27 -35.08
CA GLU B 13 -14.26 1.92 -34.82
C GLU B 13 -12.75 1.89 -34.60
N THR B 14 -12.03 2.84 -35.21
CA THR B 14 -10.58 2.96 -35.01
C THR B 14 -10.18 3.21 -33.55
N LEU B 15 -11.06 3.86 -32.77
CA LEU B 15 -10.83 4.10 -31.33
C LEU B 15 -11.36 2.99 -30.40
N ILE B 16 -12.27 2.14 -30.87
CA ILE B 16 -12.87 1.06 -30.05
C ILE B 16 -11.82 0.07 -29.55
N GLY B 17 -10.94 -0.36 -30.46
CA GLY B 17 -9.84 -1.27 -30.12
C GLY B 17 -8.92 -0.75 -29.02
N PRO B 18 -8.32 0.44 -29.22
CA PRO B 18 -7.48 1.10 -28.20
C PRO B 18 -8.16 1.28 -26.84
N LEU B 19 -9.43 1.68 -26.85
CA LEU B 19 -10.19 1.90 -25.61
C LEU B 19 -10.51 0.60 -24.87
N LYS B 20 -10.83 -0.46 -25.61
CA LYS B 20 -11.07 -1.78 -25.02
C LYS B 20 -9.83 -2.38 -24.35
N GLU B 21 -8.67 -2.23 -25.00
CA GLU B 21 -7.39 -2.65 -24.41
C GLU B 21 -7.06 -1.85 -23.14
N LEU B 22 -7.41 -0.56 -23.15
CA LEU B 22 -7.23 0.31 -21.98
C LEU B 22 -8.13 -0.10 -20.81
N GLU B 23 -9.40 -0.41 -21.09
CA GLU B 23 -10.35 -0.89 -20.08
C GLU B 23 -9.86 -2.17 -19.42
N LYS B 24 -9.44 -3.13 -20.26
CA LYS B 24 -8.96 -4.43 -19.77
C LYS B 24 -7.75 -4.28 -18.87
N ALA B 25 -6.78 -3.48 -19.31
CA ALA B 25 -5.57 -3.20 -18.52
C ALA B 25 -5.90 -2.49 -17.22
N TYR B 26 -6.84 -1.55 -17.27
CA TYR B 26 -7.23 -0.80 -16.07
C TYR B 26 -7.90 -1.71 -15.02
N LYS B 27 -8.86 -2.52 -15.46
CA LYS B 27 -9.49 -3.54 -14.60
C LYS B 27 -8.46 -4.52 -14.07
N ARG B 28 -7.47 -4.84 -14.91
CA ARG B 28 -6.33 -5.70 -14.54
C ARG B 28 -5.50 -5.09 -13.41
N PHE B 29 -5.08 -3.84 -13.56
CA PHE B 29 -4.04 -3.25 -12.70
C PHE B 29 -4.53 -2.32 -11.59
N LYS B 30 -5.77 -1.83 -11.65
CA LYS B 30 -6.28 -0.88 -10.64
C LYS B 30 -6.16 -1.37 -9.18
N ASP B 31 -6.40 -2.66 -8.95
CA ASP B 31 -6.29 -3.26 -7.60
C ASP B 31 -5.11 -4.24 -7.44
N ASP B 32 -4.19 -4.25 -8.41
CA ASP B 32 -3.01 -5.13 -8.37
C ASP B 32 -2.04 -4.64 -7.29
N GLU B 33 -1.54 -5.58 -6.48
CA GLU B 33 -0.64 -5.26 -5.37
C GLU B 33 0.64 -4.56 -5.82
N GLU B 34 1.24 -5.07 -6.90
CA GLU B 34 2.50 -4.52 -7.43
C GLU B 34 2.32 -3.14 -8.07
N PHE B 35 1.22 -2.95 -8.81
CA PHE B 35 0.89 -1.65 -9.40
C PHE B 35 0.69 -0.58 -8.31
N ASN B 36 -0.11 -0.91 -7.30
CA ASN B 36 -0.38 0.01 -6.19
C ASN B 36 0.83 0.23 -5.28
N ARG B 37 1.71 -0.77 -5.17
CA ARG B 37 2.99 -0.61 -4.47
C ARG B 37 3.81 0.51 -5.13
N GLN B 38 3.88 0.49 -6.45
CA GLN B 38 4.61 1.50 -7.22
C GLN B 38 3.90 2.85 -7.26
N LEU B 39 2.58 2.84 -7.47
CA LEU B 39 1.81 4.09 -7.53
C LEU B 39 1.87 4.87 -6.21
N ASN B 40 1.60 4.18 -5.10
CA ASN B 40 1.68 4.81 -3.77
C ASN B 40 3.11 5.25 -3.41
N TYR B 41 4.11 4.50 -3.88
CA TYR B 41 5.52 4.84 -3.70
C TYR B 41 5.88 6.15 -4.42
N TYR B 42 5.43 6.30 -5.66
CA TYR B 42 5.68 7.53 -6.42
C TYR B 42 4.87 8.71 -5.89
N LEU B 43 3.60 8.49 -5.56
CA LEU B 43 2.77 9.53 -4.95
C LEU B 43 3.35 10.03 -3.62
N LYS B 44 3.88 9.10 -2.82
CA LYS B 44 4.52 9.48 -1.56
C LYS B 44 5.87 10.18 -1.76
N THR B 45 6.83 9.48 -2.36
CA THR B 45 8.22 9.91 -2.36
C THR B 45 8.55 10.96 -3.44
N TRP B 46 7.84 10.92 -4.57
CA TRP B 46 8.10 11.83 -5.69
C TRP B 46 7.13 13.02 -5.71
N ALA B 47 5.84 12.74 -5.56
CA ALA B 47 4.81 13.79 -5.58
C ALA B 47 4.60 14.52 -4.25
N GLY B 48 4.93 13.86 -3.14
CA GLY B 48 4.78 14.45 -1.80
C GLY B 48 3.41 14.31 -1.19
N ARG B 49 2.70 13.22 -1.50
CA ARG B 49 1.42 12.92 -0.86
C ARG B 49 1.67 12.25 0.50
N PRO B 50 0.80 12.51 1.49
CA PRO B 50 -0.40 13.34 1.44
C PRO B 50 -0.11 14.83 1.50
N THR B 51 -0.96 15.61 0.85
CA THR B 51 -0.96 17.05 1.01
C THR B 51 -1.73 17.37 2.29
N PRO B 52 -1.36 18.46 2.96
CA PRO B 52 -2.06 18.85 4.18
C PRO B 52 -3.44 19.46 3.95
N LEU B 53 -4.25 19.45 5.01
CA LEU B 53 -5.51 20.17 5.07
C LEU B 53 -5.30 21.34 6.04
N TYR B 54 -5.43 22.56 5.53
CA TYR B 54 -5.03 23.76 6.27
C TYR B 54 -6.25 24.56 6.74
N TYR B 55 -6.29 24.87 8.04
CA TYR B 55 -7.32 25.75 8.60
C TYR B 55 -6.95 27.22 8.35
N ALA B 56 -7.68 27.87 7.45
CA ALA B 56 -7.46 29.29 7.13
C ALA B 56 -8.05 30.16 8.25
N LYS B 57 -7.30 30.22 9.35
CA LYS B 57 -7.77 30.85 10.60
C LYS B 57 -8.09 32.33 10.44
N ARG B 58 -7.18 33.08 9.83
CA ARG B 58 -7.36 34.54 9.64
C ARG B 58 -8.49 34.86 8.67
N LEU B 59 -8.59 34.09 7.59
CA LEU B 59 -9.66 34.27 6.60
C LEU B 59 -11.03 33.97 7.22
N THR B 60 -11.12 32.85 7.93
CA THR B 60 -12.32 32.46 8.69
C THR B 60 -12.76 33.58 9.64
N GLU B 61 -11.82 34.09 10.42
CA GLU B 61 -12.12 35.13 11.42
C GLU B 61 -12.53 36.47 10.80
N LYS B 62 -11.90 36.84 9.69
CA LYS B 62 -12.24 38.05 8.94
C LYS B 62 -13.67 38.01 8.40
N ILE B 63 -14.05 36.91 7.76
CA ILE B 63 -15.38 36.76 7.18
C ILE B 63 -16.44 36.65 8.28
N GLY B 64 -16.09 35.98 9.37
CA GLY B 64 -16.94 35.90 10.56
C GLY B 64 -18.11 34.94 10.41
N GLY B 65 -17.87 33.82 9.73
CA GLY B 65 -18.88 32.77 9.54
C GLY B 65 -18.26 31.40 9.65
N ALA B 66 -18.50 30.55 8.66
CA ALA B 66 -18.06 29.16 8.69
C ALA B 66 -16.55 29.03 8.70
N LYS B 67 -16.07 27.90 9.23
CA LYS B 67 -14.66 27.56 9.23
C LYS B 67 -14.25 27.18 7.82
N VAL B 68 -13.17 27.81 7.33
CA VAL B 68 -12.69 27.59 5.97
C VAL B 68 -11.39 26.78 6.04
N TYR B 69 -11.46 25.55 5.52
CA TYR B 69 -10.29 24.69 5.38
C TYR B 69 -9.88 24.63 3.90
N LEU B 70 -8.58 24.50 3.66
CA LEU B 70 -8.02 24.41 2.31
C LEU B 70 -7.29 23.08 2.13
N LYS B 71 -7.73 22.30 1.15
CA LYS B 71 -7.02 21.09 0.75
C LYS B 71 -5.89 21.53 -0.17
N ARG B 72 -4.65 21.26 0.24
CA ARG B 72 -3.49 21.97 -0.31
C ARG B 72 -2.83 21.24 -1.50
N GLU B 73 -3.58 21.08 -2.59
CA GLU B 73 -3.04 20.47 -3.81
C GLU B 73 -2.02 21.38 -4.50
N ASP B 74 -1.99 22.66 -4.11
CA ASP B 74 -0.89 23.56 -4.49
C ASP B 74 0.52 23.05 -4.07
N LEU B 75 0.58 22.18 -3.06
CA LEU B 75 1.85 21.62 -2.58
C LEU B 75 2.28 20.33 -3.25
N VAL B 76 1.43 19.76 -4.12
CA VAL B 76 1.83 18.58 -4.92
C VAL B 76 3.00 18.98 -5.82
N HIS B 77 3.92 18.05 -6.05
CA HIS B 77 5.03 18.24 -7.00
C HIS B 77 4.47 18.66 -8.35
N GLY B 78 4.98 19.78 -8.88
CA GLY B 78 4.45 20.40 -10.11
C GLY B 78 3.55 21.60 -9.85
N GLY B 79 2.96 21.66 -8.66
CA GLY B 79 2.17 22.81 -8.23
C GLY B 79 0.68 22.70 -8.53
N ALA B 80 0.21 21.50 -8.87
CA ALA B 80 -1.21 21.29 -9.15
C ALA B 80 -1.60 19.81 -9.05
N HIS B 81 -2.89 19.60 -8.82
CA HIS B 81 -3.49 18.26 -8.73
C HIS B 81 -3.27 17.36 -9.96
N LYS B 82 -3.03 17.98 -11.12
CA LYS B 82 -2.81 17.26 -12.38
C LYS B 82 -1.79 16.12 -12.25
N THR B 83 -0.78 16.33 -11.42
CA THR B 83 0.26 15.33 -11.15
C THR B 83 -0.29 13.96 -10.68
N ASN B 84 -1.36 13.96 -9.90
CA ASN B 84 -1.93 12.71 -9.37
C ASN B 84 -2.35 11.77 -10.49
N ASN B 85 -3.07 12.34 -11.47
CA ASN B 85 -3.54 11.64 -12.66
C ASN B 85 -2.41 11.31 -13.63
N ALA B 86 -1.45 12.24 -13.76
CA ALA B 86 -0.28 12.02 -14.63
C ALA B 86 0.51 10.79 -14.20
N ILE B 87 0.74 10.65 -12.89
CA ILE B 87 1.50 9.50 -12.34
C ILE B 87 0.72 8.19 -12.55
N GLY B 88 -0.56 8.22 -12.20
CA GLY B 88 -1.43 7.04 -12.32
C GLY B 88 -1.51 6.49 -13.73
N GLN B 89 -1.85 7.35 -14.68
CA GLN B 89 -1.96 6.94 -16.08
C GLN B 89 -0.62 6.61 -16.72
N ALA B 90 0.44 7.35 -16.37
CA ALA B 90 1.76 7.04 -16.91
C ALA B 90 2.28 5.68 -16.41
N LEU B 91 2.02 5.38 -15.14
CA LEU B 91 2.37 4.06 -14.59
C LEU B 91 1.51 2.96 -15.25
N LEU B 92 0.23 3.24 -15.47
CA LEU B 92 -0.64 2.32 -16.22
C LEU B 92 -0.08 2.05 -17.61
N ALA B 93 0.36 3.11 -18.30
CA ALA B 93 0.98 2.98 -19.62
C ALA B 93 2.25 2.12 -19.58
N LYS B 94 3.08 2.31 -18.55
CA LYS B 94 4.29 1.50 -18.35
C LYS B 94 3.93 0.01 -18.15
N PHE B 95 2.94 -0.25 -17.30
CA PHE B 95 2.46 -1.63 -17.06
C PHE B 95 1.83 -2.28 -18.30
N MET B 96 1.23 -1.48 -19.17
CA MET B 96 0.71 -1.94 -20.47
C MET B 96 1.80 -2.16 -21.54
N GLY B 97 3.03 -1.76 -21.26
CA GLY B 97 4.14 -1.94 -22.20
C GLY B 97 4.34 -0.79 -23.16
N LYS B 98 3.70 0.36 -22.88
CA LYS B 98 3.83 1.53 -23.75
C LYS B 98 5.16 2.22 -23.46
N THR B 99 5.73 2.82 -24.49
CA THR B 99 7.00 3.56 -24.38
C THR B 99 6.84 5.08 -24.57
N ARG B 100 5.65 5.53 -24.93
CA ARG B 100 5.39 6.92 -25.30
C ARG B 100 4.10 7.38 -24.66
N LEU B 101 4.09 8.64 -24.20
CA LEU B 101 2.88 9.31 -23.73
C LEU B 101 2.57 10.50 -24.63
N ILE B 102 1.30 10.69 -24.95
CA ILE B 102 0.83 11.94 -25.54
C ILE B 102 -0.23 12.54 -24.63
N ALA B 103 -0.41 13.86 -24.72
CA ALA B 103 -1.40 14.55 -23.91
C ALA B 103 -1.77 15.89 -24.53
N GLU B 104 -2.99 16.32 -24.25
CA GLU B 104 -3.47 17.66 -24.57
C GLU B 104 -3.11 18.58 -23.41
N THR B 105 -2.95 19.86 -23.69
CA THR B 105 -2.93 20.86 -22.62
C THR B 105 -3.38 22.22 -23.13
N GLY B 106 -4.02 22.99 -22.25
CA GLY B 106 -4.47 24.34 -22.55
C GLY B 106 -3.71 25.36 -21.71
N ALA B 107 -3.87 25.25 -20.39
CA ALA B 107 -3.11 26.08 -19.44
C ALA B 107 -1.63 25.72 -19.41
N GLY B 108 -1.30 24.48 -19.78
CA GLY B 108 0.08 23.99 -19.74
C GLY B 108 0.41 23.16 -18.52
N GLN B 109 -0.47 23.16 -17.52
CA GLN B 109 -0.22 22.46 -16.26
C GLN B 109 -0.28 20.94 -16.43
N HIS B 110 -1.27 20.45 -17.18
CA HIS B 110 -1.35 19.03 -17.46
C HIS B 110 -0.22 18.58 -18.37
N GLY B 111 0.16 19.44 -19.31
CA GLY B 111 1.31 19.17 -20.18
C GLY B 111 2.59 19.04 -19.37
N VAL B 112 2.78 19.95 -18.42
CA VAL B 112 3.92 19.88 -17.49
C VAL B 112 3.87 18.62 -16.63
N ALA B 113 2.70 18.33 -16.05
CA ALA B 113 2.51 17.13 -15.23
C ALA B 113 2.81 15.83 -16.00
N THR B 114 2.32 15.77 -17.23
CA THR B 114 2.58 14.63 -18.12
C THR B 114 4.06 14.51 -18.46
N ALA B 115 4.68 15.65 -18.80
CA ALA B 115 6.13 15.70 -19.05
C ALA B 115 6.95 15.24 -17.84
N MET B 116 6.52 15.65 -16.64
CA MET B 116 7.18 15.24 -15.40
C MET B 116 7.09 13.73 -15.18
N ALA B 117 5.88 13.19 -15.34
CA ALA B 117 5.62 11.77 -15.13
C ALA B 117 6.33 10.90 -16.16
N GLY B 118 6.37 11.37 -17.40
CA GLY B 118 7.09 10.69 -18.47
C GLY B 118 8.60 10.65 -18.25
N ALA B 119 9.15 11.77 -17.79
CA ALA B 119 10.56 11.84 -17.42
C ALA B 119 10.86 10.87 -16.29
N LEU B 120 10.00 10.87 -15.26
CA LEU B 120 10.10 9.95 -14.13
C LEU B 120 10.18 8.47 -14.55
N LEU B 121 9.32 8.06 -15.47
CA LEU B 121 9.23 6.65 -15.89
C LEU B 121 10.00 6.34 -17.18
N GLY B 122 10.82 7.28 -17.66
CA GLY B 122 11.67 7.06 -18.83
C GLY B 122 10.92 6.86 -20.13
N MET B 123 9.81 7.58 -20.28
CA MET B 123 8.95 7.49 -21.46
C MET B 123 9.09 8.75 -22.30
N LYS B 124 9.05 8.59 -23.63
CA LYS B 124 9.01 9.73 -24.54
C LYS B 124 7.67 10.45 -24.36
N VAL B 125 7.69 11.79 -24.47
CA VAL B 125 6.49 12.61 -24.26
C VAL B 125 6.33 13.63 -25.38
N ASP B 126 5.18 13.60 -26.04
CA ASP B 126 4.76 14.64 -26.98
C ASP B 126 3.49 15.28 -26.44
N ILE B 127 3.49 16.61 -26.29
CA ILE B 127 2.34 17.35 -25.79
C ILE B 127 1.71 18.13 -26.94
N TYR B 128 0.42 17.87 -27.19
CA TYR B 128 -0.36 18.63 -28.15
C TYR B 128 -0.96 19.85 -27.45
N MET B 129 -0.76 21.02 -28.05
CA MET B 129 -1.15 22.29 -27.46
C MET B 129 -1.56 23.25 -28.55
N GLY B 130 -2.74 23.86 -28.43
CA GLY B 130 -3.22 24.84 -29.40
C GLY B 130 -2.27 26.01 -29.51
N ALA B 131 -2.03 26.49 -30.74
CA ALA B 131 -1.05 27.56 -31.00
C ALA B 131 -1.31 28.83 -30.19
N GLU B 132 -2.58 29.20 -30.04
CA GLU B 132 -2.99 30.34 -29.20
C GLU B 132 -2.67 30.14 -27.72
N ASP B 133 -2.79 28.90 -27.24
CA ASP B 133 -2.38 28.55 -25.88
C ASP B 133 -0.85 28.50 -25.73
N VAL B 134 -0.16 27.95 -26.72
CA VAL B 134 1.32 27.95 -26.76
C VAL B 134 1.87 29.37 -26.61
N GLU B 135 1.23 30.32 -27.28
CA GLU B 135 1.62 31.74 -27.20
C GLU B 135 1.42 32.37 -25.82
N ARG B 136 0.32 32.02 -25.16
CA ARG B 136 0.01 32.57 -23.83
C ARG B 136 0.75 31.88 -22.66
N GLN B 137 1.45 30.79 -22.91
CA GLN B 137 2.05 29.98 -21.86
C GLN B 137 3.53 29.68 -22.15
N LYS B 138 4.29 30.73 -22.42
CA LYS B 138 5.71 30.61 -22.77
C LYS B 138 6.51 29.77 -21.77
N MET B 139 6.30 30.05 -20.48
CA MET B 139 7.10 29.41 -19.42
C MET B 139 6.69 27.97 -19.12
N ASN B 140 5.40 27.65 -19.20
CA ASN B 140 4.97 26.25 -19.11
C ASN B 140 5.48 25.43 -20.30
N VAL B 141 5.46 26.03 -21.49
CA VAL B 141 6.04 25.39 -22.68
C VAL B 141 7.54 25.14 -22.46
N PHE B 142 8.24 26.11 -21.89
CA PHE B 142 9.66 25.97 -21.58
C PHE B 142 9.90 24.89 -20.50
N ARG B 143 9.05 24.87 -19.46
CA ARG B 143 9.08 23.79 -18.46
C ARG B 143 8.98 22.41 -19.13
N MET B 144 7.97 22.26 -19.98
CA MET B 144 7.76 21.00 -20.71
C MET B 144 9.03 20.58 -21.47
N LYS B 145 9.65 21.54 -22.16
CA LYS B 145 10.87 21.26 -22.92
C LYS B 145 12.09 20.95 -22.04
N LEU B 146 12.21 21.63 -20.89
CA LEU B 146 13.24 21.30 -19.89
C LEU B 146 13.12 19.87 -19.36
N LEU B 147 11.88 19.40 -19.24
CA LEU B 147 11.59 18.05 -18.77
C LEU B 147 11.78 16.94 -19.84
N GLY B 148 12.15 17.33 -21.06
CA GLY B 148 12.47 16.37 -22.13
C GLY B 148 11.32 16.09 -23.08
N ALA B 149 10.21 16.82 -22.93
CA ALA B 149 9.04 16.64 -23.77
C ALA B 149 9.14 17.54 -25.00
N ASN B 150 8.47 17.13 -26.06
CA ASN B 150 8.29 17.97 -27.23
C ASN B 150 6.89 18.55 -27.18
N VAL B 151 6.77 19.82 -27.55
CA VAL B 151 5.48 20.50 -27.63
C VAL B 151 5.17 20.67 -29.10
N ILE B 152 4.06 20.06 -29.53
CA ILE B 152 3.60 20.12 -30.92
C ILE B 152 2.50 21.19 -31.00
N PRO B 153 2.81 22.38 -31.57
CA PRO B 153 1.76 23.39 -31.70
C PRO B 153 0.69 23.00 -32.73
N VAL B 154 -0.57 23.03 -32.31
CA VAL B 154 -1.69 22.65 -33.19
C VAL B 154 -2.20 23.90 -33.89
N ASN B 155 -2.08 23.91 -35.22
CA ASN B 155 -2.54 25.02 -36.08
C ASN B 155 -3.92 24.80 -36.70
N SER B 156 -4.53 23.63 -36.49
CA SER B 156 -5.84 23.30 -37.05
C SER B 156 -6.98 23.86 -36.19
N GLY B 157 -8.09 24.19 -36.85
CA GLY B 157 -9.30 24.67 -36.17
C GLY B 157 -9.12 26.04 -35.51
N SER B 158 -9.64 26.16 -34.28
CA SER B 158 -9.53 27.41 -33.50
C SER B 158 -8.20 27.57 -32.75
N ARG B 159 -7.28 26.59 -32.85
CA ARG B 159 -5.96 26.66 -32.23
C ARG B 159 -6.00 26.80 -30.69
N THR B 160 -6.91 26.03 -30.07
CA THR B 160 -7.10 26.01 -28.62
C THR B 160 -7.17 24.56 -28.12
N LEU B 161 -7.57 24.36 -26.86
CA LEU B 161 -7.61 23.03 -26.22
C LEU B 161 -8.44 21.98 -26.96
N LYS B 162 -9.63 22.35 -27.41
CA LYS B 162 -10.51 21.45 -28.17
C LYS B 162 -9.82 20.85 -29.41
N ASP B 163 -9.00 21.66 -30.07
CA ASP B 163 -8.27 21.24 -31.27
C ASP B 163 -7.08 20.35 -30.93
N ALA B 164 -6.40 20.67 -29.83
CA ALA B 164 -5.33 19.83 -29.30
C ALA B 164 -5.80 18.42 -28.96
N ILE B 165 -6.99 18.32 -28.39
CA ILE B 165 -7.61 17.02 -28.09
C ILE B 165 -7.88 16.25 -29.39
N ASN B 166 -8.38 16.95 -30.41
CA ASN B 166 -8.66 16.35 -31.72
C ASN B 166 -7.43 15.75 -32.38
N GLU B 167 -6.31 16.47 -32.33
CA GLU B 167 -5.04 15.99 -32.91
C GLU B 167 -4.44 14.83 -32.11
N ALA B 168 -4.56 14.90 -30.79
CA ALA B 168 -4.08 13.82 -29.91
C ALA B 168 -4.83 12.51 -30.17
N LEU B 169 -6.15 12.58 -30.32
CA LEU B 169 -6.98 11.41 -30.64
C LEU B 169 -6.57 10.76 -31.98
N ARG B 170 -6.31 11.59 -32.99
CA ARG B 170 -5.79 11.12 -34.29
C ARG B 170 -4.45 10.40 -34.17
N ASP B 171 -3.53 10.98 -33.37
CA ASP B 171 -2.23 10.38 -33.10
C ASP B 171 -2.44 9.00 -32.46
N TRP B 172 -3.22 8.96 -31.38
CA TRP B 172 -3.43 7.72 -30.61
C TRP B 172 -3.99 6.56 -31.46
N VAL B 173 -4.90 6.88 -32.39
CA VAL B 173 -5.43 5.88 -33.35
C VAL B 173 -4.31 5.17 -34.11
N ALA B 174 -3.30 5.93 -34.54
CA ALA B 174 -2.16 5.40 -35.30
C ALA B 174 -1.11 4.67 -34.43
N THR B 175 -0.88 5.17 -33.21
CA THR B 175 0.29 4.78 -32.41
C THR B 175 0.00 4.05 -31.08
N PHE B 176 -1.26 3.65 -30.85
CA PHE B 176 -1.67 3.03 -29.57
C PHE B 176 -0.94 1.75 -29.17
N GLU B 177 -0.37 1.03 -30.15
CA GLU B 177 0.48 -0.15 -29.86
C GLU B 177 1.61 0.17 -28.88
N TYR B 178 2.20 1.35 -29.01
CA TYR B 178 3.28 1.83 -28.12
C TYR B 178 3.02 3.18 -27.41
N THR B 179 1.89 3.84 -27.71
CA THR B 179 1.55 5.14 -27.14
C THR B 179 0.30 5.06 -26.28
N HIS B 180 0.35 5.69 -25.11
CA HIS B 180 -0.82 5.90 -24.28
C HIS B 180 -1.21 7.37 -24.36
N TYR B 181 -2.48 7.64 -24.64
CA TYR B 181 -3.00 9.02 -24.63
C TYR B 181 -3.43 9.35 -23.20
N LEU B 182 -2.69 10.26 -22.58
CA LEU B 182 -2.89 10.64 -21.19
C LEU B 182 -3.80 11.87 -21.10
N ILE B 183 -5.10 11.62 -21.07
CA ILE B 183 -6.11 12.68 -20.96
C ILE B 183 -6.02 13.28 -19.56
N GLY B 184 -6.15 14.61 -19.49
CA GLY B 184 -5.86 15.37 -18.28
C GLY B 184 -7.04 15.74 -17.41
N SER B 185 -8.25 15.44 -17.86
CA SER B 185 -9.45 15.68 -17.06
C SER B 185 -10.44 14.53 -17.18
N VAL B 186 -11.51 14.61 -16.39
CA VAL B 186 -12.57 13.59 -16.36
C VAL B 186 -13.50 13.67 -17.58
N VAL B 187 -12.89 13.63 -18.77
CA VAL B 187 -13.59 13.88 -20.03
C VAL B 187 -13.16 12.82 -21.05
N GLY B 188 -13.83 12.82 -22.20
CA GLY B 188 -13.52 11.87 -23.27
C GLY B 188 -14.39 10.62 -23.17
N PRO B 189 -14.13 9.63 -24.04
CA PRO B 189 -14.90 8.40 -24.00
C PRO B 189 -14.50 7.51 -22.82
N HIS B 190 -15.41 6.63 -22.42
CA HIS B 190 -15.11 5.58 -21.44
C HIS B 190 -13.85 4.82 -21.91
N PRO B 191 -12.91 4.53 -20.98
CA PRO B 191 -12.96 4.62 -19.52
C PRO B 191 -12.33 5.87 -18.89
N TYR B 192 -12.09 6.92 -19.66
CA TYR B 192 -11.28 8.05 -19.19
C TYR B 192 -11.92 8.87 -18.06
N PRO B 193 -13.22 9.20 -18.17
CA PRO B 193 -13.85 9.90 -17.04
C PRO B 193 -13.74 9.14 -15.71
N THR B 194 -13.89 7.82 -15.74
CA THR B 194 -13.71 6.98 -14.57
C THR B 194 -12.24 6.91 -14.11
N ILE B 195 -11.33 6.65 -15.04
CA ILE B 195 -9.89 6.51 -14.70
C ILE B 195 -9.32 7.77 -14.05
N VAL B 196 -9.63 8.93 -14.62
CA VAL B 196 -9.09 10.20 -14.12
C VAL B 196 -9.68 10.51 -12.74
N ARG B 197 -10.99 10.32 -12.58
CA ARG B 197 -11.66 10.49 -11.28
C ARG B 197 -11.08 9.55 -10.23
N ASP B 198 -10.85 8.28 -10.60
CA ASP B 198 -10.23 7.31 -9.70
C ASP B 198 -8.83 7.72 -9.25
N PHE B 199 -8.02 8.25 -10.17
CA PHE B 199 -6.67 8.71 -9.83
C PHE B 199 -6.64 10.03 -9.06
N GLN B 200 -7.71 10.82 -9.13
CA GLN B 200 -7.84 12.04 -8.32
C GLN B 200 -8.57 11.86 -6.98
N SER B 201 -9.23 10.71 -6.81
CA SER B 201 -10.01 10.42 -5.59
C SER B 201 -9.19 10.41 -4.29
N VAL B 202 -7.89 10.18 -4.40
CA VAL B 202 -6.95 10.32 -3.27
C VAL B 202 -7.11 11.67 -2.53
N ILE B 203 -7.40 12.73 -3.27
CA ILE B 203 -7.59 14.07 -2.71
C ILE B 203 -8.71 14.02 -1.66
N GLY B 204 -9.87 13.52 -2.08
CA GLY B 204 -11.03 13.40 -1.19
C GLY B 204 -10.83 12.42 -0.05
N ARG B 205 -10.13 11.31 -0.29
CA ARG B 205 -9.90 10.31 0.77
C ARG B 205 -9.02 10.87 1.87
N GLU B 206 -7.94 11.56 1.48
CA GLU B 206 -7.09 12.26 2.44
C GLU B 206 -7.88 13.33 3.17
N ALA B 207 -8.60 14.17 2.42
CA ALA B 207 -9.39 15.28 3.00
C ALA B 207 -10.41 14.80 4.03
N LYS B 208 -11.09 13.68 3.74
CA LYS B 208 -12.05 13.11 4.68
C LYS B 208 -11.38 12.69 5.99
N ALA B 209 -10.27 11.97 5.88
CA ALA B 209 -9.48 11.56 7.04
C ALA B 209 -8.97 12.76 7.84
N GLN B 210 -8.48 13.78 7.11
CA GLN B 210 -7.90 14.97 7.73
C GLN B 210 -8.92 15.84 8.47
N ILE B 211 -10.09 16.02 7.88
CA ILE B 211 -11.15 16.80 8.53
C ILE B 211 -11.75 16.07 9.74
N LEU B 212 -11.84 14.73 9.69
CA LEU B 212 -12.25 13.95 10.87
C LEU B 212 -11.21 14.07 12.00
N GLU B 213 -9.93 14.08 11.66
CA GLU B 213 -8.87 14.31 12.64
C GLU B 213 -8.93 15.72 13.24
N ALA B 214 -9.20 16.71 12.39
CA ALA B 214 -9.19 18.12 12.81
C ALA B 214 -10.45 18.56 13.56
N GLU B 215 -11.61 18.15 13.06
CA GLU B 215 -12.92 18.61 13.57
C GLU B 215 -13.84 17.54 14.16
N GLY B 216 -13.48 16.27 14.04
CA GLY B 216 -14.30 15.16 14.54
C GLY B 216 -15.59 14.88 13.76
N GLN B 217 -15.72 15.48 12.57
CA GLN B 217 -16.93 15.35 11.77
C GLN B 217 -16.66 15.68 10.31
N LEU B 218 -17.61 15.33 9.45
CA LEU B 218 -17.52 15.62 8.02
C LEU B 218 -17.85 17.09 7.76
N PRO B 219 -17.38 17.64 6.63
CA PRO B 219 -17.66 19.04 6.33
C PRO B 219 -19.11 19.24 5.90
N ASP B 220 -19.60 20.46 6.10
CA ASP B 220 -20.93 20.83 5.63
C ASP B 220 -20.95 21.09 4.12
N VAL B 221 -19.87 21.67 3.59
CA VAL B 221 -19.75 21.97 2.16
C VAL B 221 -18.34 21.72 1.66
N ILE B 222 -18.24 21.20 0.43
CA ILE B 222 -16.97 21.10 -0.30
C ILE B 222 -17.11 21.96 -1.56
N VAL B 223 -16.14 22.85 -1.77
CA VAL B 223 -16.13 23.78 -2.90
C VAL B 223 -14.88 23.50 -3.73
N ALA B 224 -15.07 23.29 -5.03
CA ALA B 224 -13.96 23.11 -5.95
C ALA B 224 -14.28 23.77 -7.28
N CYS B 225 -13.25 24.28 -7.95
CA CYS B 225 -13.43 24.83 -9.29
C CYS B 225 -13.62 23.68 -10.28
N VAL B 226 -14.34 23.95 -11.36
CA VAL B 226 -14.68 22.96 -12.38
C VAL B 226 -14.32 23.50 -13.76
N GLY B 227 -13.26 22.94 -14.34
CA GLY B 227 -12.97 23.09 -15.76
C GLY B 227 -13.60 21.88 -16.44
N GLY B 228 -12.77 20.89 -16.79
CA GLY B 228 -13.26 19.57 -17.17
C GLY B 228 -13.88 18.83 -15.99
N GLY B 229 -13.35 19.08 -14.79
CA GLY B 229 -13.92 18.57 -13.53
C GLY B 229 -13.12 17.59 -12.71
N SER B 230 -11.83 17.39 -13.03
CA SER B 230 -11.00 16.37 -12.35
C SER B 230 -10.67 16.67 -10.87
N ASN B 231 -10.23 17.89 -10.55
CA ASN B 231 -9.94 18.23 -9.15
C ASN B 231 -11.22 18.19 -8.31
N ALA B 232 -12.33 18.64 -8.90
CA ALA B 232 -13.64 18.60 -8.24
C ALA B 232 -14.12 17.17 -7.99
N MET B 233 -14.06 16.32 -9.01
CA MET B 233 -14.40 14.90 -8.83
C MET B 233 -13.48 14.21 -7.82
N GLY B 234 -12.21 14.57 -7.83
CA GLY B 234 -11.24 14.01 -6.90
C GLY B 234 -11.60 14.23 -5.45
N ILE B 235 -11.93 15.48 -5.11
CA ILE B 235 -12.34 15.81 -3.75
C ILE B 235 -13.79 15.41 -3.44
N PHE B 236 -14.69 15.46 -4.43
CA PHE B 236 -16.11 15.10 -4.23
C PHE B 236 -16.34 13.61 -3.99
N TYR B 237 -15.72 12.77 -4.82
CA TYR B 237 -16.15 11.38 -4.98
C TYR B 237 -16.24 10.58 -3.66
N PRO B 238 -15.22 10.68 -2.79
CA PRO B 238 -15.30 9.96 -1.51
C PRO B 238 -16.42 10.42 -0.55
N PHE B 239 -16.95 11.62 -0.75
CA PHE B 239 -18.07 12.14 0.05
C PHE B 239 -19.46 11.98 -0.61
N VAL B 240 -19.54 11.41 -1.81
CA VAL B 240 -20.83 11.34 -2.54
C VAL B 240 -21.93 10.64 -1.74
N ASN B 241 -21.60 9.54 -1.07
CA ASN B 241 -22.58 8.77 -0.28
C ASN B 241 -22.81 9.31 1.15
N ASP B 242 -22.09 10.36 1.53
CA ASP B 242 -22.36 11.10 2.77
C ASP B 242 -23.35 12.22 2.47
N LYS B 243 -24.64 11.96 2.71
CA LYS B 243 -25.72 12.91 2.41
C LYS B 243 -25.64 14.24 3.18
N LYS B 244 -24.99 14.21 4.35
CA LYS B 244 -24.65 15.42 5.11
C LYS B 244 -23.86 16.45 4.27
N VAL B 245 -22.91 15.96 3.47
CA VAL B 245 -21.92 16.81 2.81
C VAL B 245 -22.46 17.41 1.51
N LYS B 246 -22.59 18.74 1.48
CA LYS B 246 -22.94 19.47 0.28
C LYS B 246 -21.73 19.57 -0.66
N LEU B 247 -21.98 19.47 -1.96
CA LEU B 247 -20.93 19.54 -2.98
C LEU B 247 -21.23 20.69 -3.92
N VAL B 248 -20.27 21.62 -4.06
CA VAL B 248 -20.43 22.81 -4.88
C VAL B 248 -19.28 22.93 -5.87
N GLY B 249 -19.62 22.87 -7.16
CA GLY B 249 -18.64 23.08 -8.23
C GLY B 249 -18.72 24.50 -8.74
N VAL B 250 -17.57 25.15 -8.91
CA VAL B 250 -17.51 26.54 -9.33
C VAL B 250 -16.91 26.63 -10.73
N GLU B 251 -17.72 27.07 -11.69
CA GLU B 251 -17.29 27.28 -13.07
C GLU B 251 -16.83 28.71 -13.27
N ALA B 252 -16.13 28.93 -14.38
CA ALA B 252 -15.67 30.26 -14.76
C ALA B 252 -16.84 31.09 -15.28
N GLY B 253 -17.19 32.14 -14.53
CA GLY B 253 -18.18 33.13 -14.96
C GLY B 253 -17.62 34.17 -15.92
N GLY B 254 -16.30 34.24 -16.05
CA GLY B 254 -15.63 35.10 -17.02
C GLY B 254 -15.96 36.57 -16.83
N LYS B 255 -16.45 37.21 -17.90
CA LYS B 255 -16.91 38.60 -17.87
C LYS B 255 -18.39 38.74 -17.48
N GLY B 256 -19.03 37.64 -17.08
CA GLY B 256 -20.45 37.61 -16.72
C GLY B 256 -21.17 36.57 -17.55
N LEU B 257 -22.16 35.91 -16.96
CA LEU B 257 -22.95 34.89 -17.67
C LEU B 257 -23.78 35.47 -18.83
N GLU B 258 -24.18 36.74 -18.70
CA GLU B 258 -24.91 37.44 -19.77
C GLU B 258 -24.01 37.84 -20.94
N SER B 259 -22.71 38.00 -20.70
CA SER B 259 -21.77 38.47 -21.73
C SER B 259 -21.43 37.44 -22.82
N GLY B 260 -21.66 36.15 -22.57
CA GLY B 260 -21.25 35.09 -23.48
C GLY B 260 -19.73 34.91 -23.56
N LYS B 261 -19.02 35.40 -22.54
CA LYS B 261 -17.57 35.29 -22.45
C LYS B 261 -17.28 34.64 -21.10
N HIS B 262 -17.41 33.32 -21.06
CA HIS B 262 -17.25 32.53 -19.84
C HIS B 262 -16.94 31.07 -20.19
N SER B 263 -16.82 30.21 -19.18
CA SER B 263 -16.64 28.76 -19.40
C SER B 263 -17.61 27.93 -18.57
N ALA B 264 -18.79 28.48 -18.27
CA ALA B 264 -19.80 27.81 -17.47
C ALA B 264 -20.65 26.87 -18.34
N SER B 265 -20.11 25.69 -18.60
CA SER B 265 -20.74 24.68 -19.46
C SER B 265 -22.00 24.08 -18.83
N LEU B 266 -21.92 23.72 -17.56
CA LEU B 266 -23.08 23.21 -16.83
C LEU B 266 -24.19 24.25 -16.69
N ASN B 267 -23.81 25.52 -16.54
CA ASN B 267 -24.76 26.60 -16.30
C ASN B 267 -25.52 27.01 -17.56
N ALA B 268 -24.78 27.24 -18.66
CA ALA B 268 -25.36 27.79 -19.90
C ALA B 268 -24.99 27.02 -21.19
N GLY B 269 -24.48 25.80 -21.05
CA GLY B 269 -24.14 24.97 -22.21
C GLY B 269 -25.30 24.10 -22.66
N GLN B 270 -25.13 23.48 -23.84
CA GLN B 270 -26.12 22.60 -24.43
C GLN B 270 -25.66 21.15 -24.34
N VAL B 271 -26.59 20.23 -24.09
CA VAL B 271 -26.29 18.80 -24.05
C VAL B 271 -26.01 18.35 -25.49
N GLY B 272 -24.89 17.67 -25.68
CA GLY B 272 -24.47 17.22 -27.01
C GLY B 272 -23.40 16.15 -26.94
N VAL B 273 -23.07 15.58 -28.09
CA VAL B 273 -22.03 14.57 -28.20
C VAL B 273 -20.77 15.22 -28.78
N SER B 274 -19.67 15.16 -28.04
CA SER B 274 -18.36 15.60 -28.53
C SER B 274 -17.23 14.96 -27.72
N HIS B 275 -16.10 14.73 -28.38
CA HIS B 275 -14.95 14.02 -27.80
C HIS B 275 -15.31 12.64 -27.22
N GLY B 276 -16.21 11.93 -27.91
CA GLY B 276 -16.60 10.58 -27.53
C GLY B 276 -17.55 10.45 -26.34
N MET B 277 -18.14 11.56 -25.89
CA MET B 277 -19.01 11.55 -24.70
C MET B 277 -20.25 12.42 -24.89
N LEU B 278 -21.32 12.05 -24.20
CA LEU B 278 -22.50 12.92 -24.06
C LEU B 278 -22.35 13.72 -22.77
N SER B 279 -22.33 15.05 -22.91
CA SER B 279 -22.24 15.95 -21.76
C SER B 279 -22.65 17.37 -22.19
N TYR B 280 -22.44 18.34 -21.31
CA TYR B 280 -22.72 19.75 -21.61
C TYR B 280 -21.54 20.41 -22.30
N PHE B 281 -21.80 21.11 -23.41
CA PHE B 281 -20.78 21.86 -24.15
C PHE B 281 -21.30 23.26 -24.48
N LEU B 282 -20.40 24.25 -24.44
CA LEU B 282 -20.75 25.63 -24.79
C LEU B 282 -20.75 25.82 -26.29
N GLN B 283 -21.76 26.52 -26.79
CA GLN B 283 -21.95 26.77 -28.22
C GLN B 283 -22.34 28.22 -28.46
N GLY B 287 -24.51 26.65 -34.44
CA GLY B 287 -24.40 26.12 -33.09
C GLY B 287 -23.22 25.17 -32.91
N GLN B 288 -22.04 25.63 -33.31
CA GLN B 288 -20.80 24.86 -33.17
C GLN B 288 -20.20 25.06 -31.78
N ILE B 289 -19.34 24.12 -31.36
CA ILE B 289 -18.62 24.24 -30.09
C ILE B 289 -17.63 25.38 -30.21
N LYS B 290 -17.63 26.28 -29.21
CA LYS B 290 -16.76 27.47 -29.25
C LYS B 290 -15.69 27.47 -28.15
N PRO B 291 -14.54 28.13 -28.39
CA PRO B 291 -13.56 28.36 -27.32
C PRO B 291 -14.15 29.17 -26.15
N SER B 292 -13.75 28.79 -24.93
CA SER B 292 -14.21 29.45 -23.71
C SER B 292 -13.46 30.74 -23.45
N HIS B 293 -13.87 31.44 -22.38
CA HIS B 293 -13.13 32.57 -21.85
C HIS B 293 -13.06 32.52 -20.33
N SER B 294 -11.87 32.75 -19.78
CA SER B 294 -11.67 32.95 -18.36
C SER B 294 -10.28 33.57 -18.12
N ILE B 295 -10.18 34.38 -17.07
CA ILE B 295 -8.88 34.86 -16.58
C ILE B 295 -7.99 33.68 -16.15
N ALA B 296 -8.63 32.62 -15.65
CA ALA B 296 -7.93 31.39 -15.31
C ALA B 296 -7.72 30.57 -16.59
N PRO B 297 -6.45 30.39 -17.03
CA PRO B 297 -6.21 29.62 -18.26
C PRO B 297 -6.69 28.16 -18.21
N GLY B 298 -6.69 27.57 -17.02
CA GLY B 298 -7.15 26.20 -16.80
C GLY B 298 -8.64 25.95 -16.91
N LEU B 299 -9.47 26.99 -16.81
CA LEU B 299 -10.91 26.82 -16.98
C LEU B 299 -11.30 27.12 -18.43
N ASP B 300 -10.63 26.45 -19.37
CA ASP B 300 -10.76 26.74 -20.81
C ASP B 300 -11.45 25.64 -21.64
N TYR B 301 -11.61 24.43 -21.09
CA TYR B 301 -12.26 23.35 -21.83
C TYR B 301 -13.73 23.73 -22.10
N PRO B 302 -14.17 23.72 -23.37
CA PRO B 302 -15.55 24.16 -23.68
C PRO B 302 -16.69 23.31 -23.13
N GLY B 303 -16.39 22.08 -22.70
CA GLY B 303 -17.36 21.21 -22.06
C GLY B 303 -17.04 20.92 -20.61
N VAL B 304 -17.59 19.81 -20.13
CA VAL B 304 -17.46 19.40 -18.73
C VAL B 304 -17.63 17.89 -18.65
N GLY B 305 -17.05 17.28 -17.61
CA GLY B 305 -17.12 15.84 -17.43
C GLY B 305 -18.55 15.34 -17.24
N PRO B 306 -18.87 14.13 -17.75
CA PRO B 306 -20.24 13.62 -17.67
C PRO B 306 -20.70 13.27 -16.25
N GLU B 307 -19.77 12.93 -15.36
CA GLU B 307 -20.11 12.62 -13.97
C GLU B 307 -20.62 13.87 -13.24
N HIS B 308 -20.13 15.05 -13.61
CA HIS B 308 -20.67 16.33 -13.11
C HIS B 308 -22.06 16.62 -13.69
N ALA B 309 -22.24 16.38 -14.98
CA ALA B 309 -23.55 16.49 -15.61
C ALA B 309 -24.58 15.61 -14.90
N TYR B 310 -24.15 14.41 -14.49
CA TYR B 310 -24.99 13.48 -13.72
C TYR B 310 -25.32 14.01 -12.33
N LEU B 311 -24.28 14.37 -11.56
CA LEU B 311 -24.45 14.92 -10.21
C LEU B 311 -25.32 16.18 -10.19
N LYS B 312 -25.22 16.98 -11.25
CA LYS B 312 -26.08 18.15 -11.44
C LYS B 312 -27.56 17.75 -11.64
N LYS B 313 -27.79 16.76 -12.50
CA LYS B 313 -29.16 16.33 -12.84
C LYS B 313 -29.88 15.71 -11.65
N ILE B 314 -29.19 14.84 -10.91
CA ILE B 314 -29.76 14.22 -9.69
C ILE B 314 -29.71 15.14 -8.46
N GLN B 315 -29.17 16.35 -8.62
CA GLN B 315 -29.12 17.39 -7.59
C GLN B 315 -28.26 17.02 -6.36
N ARG B 316 -27.28 16.15 -6.58
CA ARG B 316 -26.34 15.75 -5.53
C ARG B 316 -25.25 16.83 -5.36
N ALA B 317 -24.91 17.51 -6.45
CA ALA B 317 -24.00 18.65 -6.40
C ALA B 317 -24.65 19.88 -7.05
N GLU B 318 -24.36 21.05 -6.49
CA GLU B 318 -24.80 22.33 -7.05
C GLU B 318 -23.64 22.94 -7.82
N TYR B 319 -23.96 23.58 -8.95
CA TYR B 319 -22.95 24.26 -9.75
C TYR B 319 -23.26 25.74 -9.89
N VAL B 320 -22.24 26.57 -9.64
CA VAL B 320 -22.35 28.02 -9.61
C VAL B 320 -21.24 28.62 -10.49
N ALA B 321 -21.25 29.94 -10.62
CA ALA B 321 -20.24 30.66 -11.39
C ALA B 321 -19.66 31.81 -10.57
N VAL B 322 -18.38 32.09 -10.82
CA VAL B 322 -17.66 33.20 -10.21
C VAL B 322 -16.95 33.94 -11.35
N THR B 323 -17.00 35.27 -11.32
CA THR B 323 -16.46 36.08 -12.42
C THR B 323 -14.94 36.22 -12.33
N ASP B 324 -14.33 36.74 -13.39
CA ASP B 324 -12.90 37.05 -13.45
C ASP B 324 -12.49 37.96 -12.29
N GLU B 325 -13.25 39.04 -12.15
CA GLU B 325 -13.06 40.06 -11.10
C GLU B 325 -13.07 39.44 -9.70
N GLU B 326 -14.08 38.60 -9.45
CA GLU B 326 -14.23 37.93 -8.16
C GLU B 326 -13.07 36.98 -7.86
N ALA B 327 -12.68 36.19 -8.85
CA ALA B 327 -11.54 35.26 -8.72
C ALA B 327 -10.23 36.00 -8.45
N LEU B 328 -10.04 37.12 -9.14
CA LEU B 328 -8.84 37.94 -8.94
C LEU B 328 -8.78 38.54 -7.53
N LYS B 329 -9.93 39.00 -7.02
CA LYS B 329 -10.02 39.49 -5.65
C LYS B 329 -9.65 38.41 -4.63
N ALA B 330 -10.12 37.18 -4.87
CA ALA B 330 -9.81 36.05 -3.99
C ALA B 330 -8.33 35.65 -4.05
N PHE B 331 -7.73 35.70 -5.24
CA PHE B 331 -6.29 35.48 -5.43
C PHE B 331 -5.49 36.40 -4.51
N HIS B 332 -5.80 37.69 -4.55
CA HIS B 332 -5.14 38.69 -3.70
C HIS B 332 -5.41 38.48 -2.22
N GLU B 333 -6.69 38.22 -1.89
CA GLU B 333 -7.12 38.03 -0.50
C GLU B 333 -6.39 36.88 0.19
N LEU B 334 -6.35 35.72 -0.46
CA LEU B 334 -5.69 34.55 0.12
C LEU B 334 -4.18 34.76 0.29
N SER B 335 -3.56 35.41 -0.69
CA SER B 335 -2.14 35.75 -0.63
C SER B 335 -1.82 36.62 0.59
N ARG B 336 -2.58 37.70 0.74
CA ARG B 336 -2.35 38.67 1.83
C ARG B 336 -2.75 38.15 3.22
N THR B 337 -3.79 37.33 3.29
CA THR B 337 -4.40 36.91 4.56
C THR B 337 -3.81 35.63 5.12
N GLU B 338 -3.48 34.66 4.26
CA GLU B 338 -2.94 33.37 4.68
C GLU B 338 -1.53 33.05 4.17
N GLY B 339 -0.94 33.95 3.39
CA GLY B 339 0.38 33.71 2.82
C GLY B 339 0.44 32.55 1.83
N ILE B 340 -0.67 32.33 1.10
CA ILE B 340 -0.77 31.27 0.10
C ILE B 340 -1.21 31.92 -1.21
N ILE B 341 -0.38 31.81 -2.25
CA ILE B 341 -0.71 32.35 -3.57
C ILE B 341 -1.36 31.23 -4.38
N PRO B 342 -2.68 31.30 -4.60
CA PRO B 342 -3.40 30.21 -5.27
C PRO B 342 -3.34 30.35 -6.79
N ALA B 343 -3.53 29.24 -7.50
CA ALA B 343 -3.76 29.30 -8.93
C ALA B 343 -5.08 30.05 -9.19
N LEU B 344 -5.15 30.75 -10.32
CA LEU B 344 -6.36 31.49 -10.69
C LEU B 344 -7.59 30.60 -10.87
N GLU B 345 -7.36 29.34 -11.24
CA GLU B 345 -8.43 28.34 -11.30
C GLU B 345 -8.98 28.15 -9.89
N SER B 346 -8.10 27.81 -8.97
CA SER B 346 -8.42 27.58 -7.55
C SER B 346 -9.06 28.81 -6.90
N ALA B 347 -8.61 29.99 -7.32
CA ALA B 347 -9.15 31.25 -6.81
C ALA B 347 -10.66 31.42 -7.04
N HIS B 348 -11.20 30.79 -8.09
CA HIS B 348 -12.64 30.75 -8.29
C HIS B 348 -13.35 30.04 -7.13
N ALA B 349 -12.80 28.89 -6.72
CA ALA B 349 -13.34 28.14 -5.57
C ALA B 349 -13.20 28.93 -4.27
N VAL B 350 -12.04 29.55 -4.07
CA VAL B 350 -11.83 30.37 -2.87
C VAL B 350 -12.86 31.51 -2.84
N ALA B 351 -13.04 32.19 -3.97
CA ALA B 351 -14.02 33.28 -4.09
C ALA B 351 -15.44 32.87 -3.68
N TYR B 352 -15.92 31.73 -4.17
CA TYR B 352 -17.27 31.29 -3.82
C TYR B 352 -17.37 30.83 -2.36
N ALA B 353 -16.35 30.12 -1.89
CA ALA B 353 -16.27 29.70 -0.48
C ALA B 353 -16.35 30.87 0.50
N MET B 354 -15.71 31.99 0.14
CA MET B 354 -15.79 33.21 0.95
C MET B 354 -17.20 33.81 1.01
N LYS B 355 -17.88 33.86 -0.14
CA LYS B 355 -19.27 34.33 -0.21
C LYS B 355 -20.17 33.41 0.61
N LEU B 356 -19.96 32.11 0.46
CA LEU B 356 -20.77 31.10 1.16
C LEU B 356 -20.52 31.07 2.67
N ALA B 357 -19.26 31.27 3.08
CA ALA B 357 -18.87 31.31 4.50
C ALA B 357 -19.59 32.41 5.28
N LYS B 358 -19.72 33.58 4.66
CA LYS B 358 -20.41 34.74 5.26
C LYS B 358 -21.85 34.43 5.68
N GLU B 359 -22.54 33.62 4.88
CA GLU B 359 -23.95 33.28 5.12
C GLU B 359 -24.13 32.13 6.12
N MET B 360 -23.05 31.41 6.44
CA MET B 360 -23.10 30.20 7.28
C MET B 360 -22.68 30.45 8.72
N SER B 361 -22.92 29.44 9.57
CA SER B 361 -22.67 29.51 11.01
C SER B 361 -21.22 29.23 11.35
N ARG B 362 -20.76 29.77 12.48
CA ARG B 362 -19.38 29.57 12.96
C ARG B 362 -19.02 28.12 13.31
N ASP B 363 -20.02 27.31 13.64
CA ASP B 363 -19.83 25.89 13.92
C ASP B 363 -19.69 25.05 12.64
N GLU B 364 -20.06 25.61 11.48
CA GLU B 364 -20.06 24.88 10.21
C GLU B 364 -18.70 24.94 9.48
N ILE B 365 -18.49 23.98 8.60
CA ILE B 365 -17.17 23.70 8.01
C ILE B 365 -17.27 23.68 6.48
N ILE B 366 -16.40 24.45 5.83
CA ILE B 366 -16.21 24.40 4.37
C ILE B 366 -14.80 23.87 4.10
N ILE B 367 -14.68 22.92 3.17
CA ILE B 367 -13.38 22.55 2.59
C ILE B 367 -13.33 23.09 1.16
N VAL B 368 -12.27 23.84 0.87
CA VAL B 368 -12.04 24.37 -0.48
C VAL B 368 -10.88 23.58 -1.08
N ASN B 369 -11.06 23.04 -2.28
CA ASN B 369 -9.96 22.37 -2.98
C ASN B 369 -9.08 23.44 -3.62
N LEU B 370 -7.84 23.55 -3.15
CA LEU B 370 -6.89 24.51 -3.70
C LEU B 370 -6.10 23.73 -4.75
N SER B 371 -6.61 23.74 -5.98
CA SER B 371 -6.15 22.83 -7.03
C SER B 371 -4.71 23.05 -7.47
N GLY B 372 -4.23 24.30 -7.36
CA GLY B 372 -2.82 24.60 -7.64
C GLY B 372 -2.32 25.88 -7.01
N ARG B 373 -1.01 26.10 -7.13
CA ARG B 373 -0.37 27.35 -6.71
C ARG B 373 -0.32 28.35 -7.86
N GLY B 374 -0.17 29.62 -7.50
CA GLY B 374 -0.26 30.73 -8.46
C GLY B 374 1.02 31.25 -9.08
N ASP B 375 2.15 30.57 -8.91
CA ASP B 375 3.42 30.99 -9.52
C ASP B 375 3.31 31.08 -11.04
N LYS B 376 2.63 30.11 -11.64
CA LYS B 376 2.35 30.07 -13.08
C LYS B 376 1.53 31.28 -13.61
N ASP B 377 0.72 31.88 -12.73
CA ASP B 377 -0.17 32.98 -13.08
C ASP B 377 0.37 34.40 -12.79
N LEU B 378 1.61 34.52 -12.31
CA LEU B 378 2.13 35.82 -11.88
C LEU B 378 2.22 36.85 -13.02
N ASP B 379 2.55 36.42 -14.23
CA ASP B 379 2.55 37.32 -15.41
C ASP B 379 1.16 37.90 -15.68
N ILE B 380 0.14 37.03 -15.65
CA ILE B 380 -1.25 37.47 -15.85
C ILE B 380 -1.70 38.47 -14.78
N VAL B 381 -1.39 38.18 -13.52
CA VAL B 381 -1.80 39.02 -12.40
C VAL B 381 -1.01 40.33 -12.40
N LEU B 382 0.28 40.28 -12.75
CA LEU B 382 1.11 41.50 -12.90
C LEU B 382 0.54 42.44 -13.97
N LYS B 383 0.13 41.89 -15.11
CA LYS B 383 -0.44 42.68 -16.21
C LYS B 383 -1.73 43.41 -15.80
N VAL B 384 -2.60 42.72 -15.07
CA VAL B 384 -3.83 43.34 -14.55
C VAL B 384 -3.54 44.26 -13.36
N SER B 385 -2.67 43.84 -12.44
CA SER B 385 -2.31 44.65 -11.27
C SER B 385 -1.58 45.95 -11.62
N GLY B 386 -0.77 45.92 -12.69
CA GLY B 386 -0.14 47.12 -13.23
C GLY B 386 -1.11 48.11 -13.85
N ASN B 387 -2.24 47.60 -14.36
CA ASN B 387 -3.29 48.43 -14.97
C ASN B 387 -4.41 48.91 -14.01
N VAL B 388 -4.28 48.66 -12.71
CA VAL B 388 -5.26 49.15 -11.72
C VAL B 388 -5.07 50.66 -11.55
N LEU B 389 -6.18 51.40 -11.60
CA LEU B 389 -6.16 52.87 -11.47
C LEU B 389 -6.38 53.27 -10.02
N GLU B 390 -5.49 54.14 -9.53
CA GLU B 390 -5.34 54.46 -8.11
C GLU B 390 -5.38 53.21 -7.20
N HIS B 391 -4.29 52.44 -7.28
CA HIS B 391 -4.14 51.20 -6.52
C HIS B 391 -4.05 51.41 -5.00
N HIS B 392 -3.53 52.56 -4.57
CA HIS B 392 -3.27 52.83 -3.14
C HIS B 392 -4.55 52.90 -2.29
N HIS B 393 -5.54 53.65 -2.75
CA HIS B 393 -6.82 53.83 -2.03
C HIS B 393 -7.98 53.03 -2.68
N HIS B 394 -7.68 51.83 -3.16
CA HIS B 394 -8.70 50.96 -3.76
C HIS B 394 -8.23 49.50 -3.79
N MET C 1 22.48 -4.39 11.14
CA MET C 1 23.08 -5.52 11.92
C MET C 1 22.66 -5.56 13.39
N TRP C 2 22.63 -4.39 14.02
CA TRP C 2 22.33 -4.27 15.43
C TRP C 2 20.98 -3.61 15.66
N PHE C 3 20.30 -4.07 16.71
CA PHE C 3 19.09 -3.43 17.22
C PHE C 3 19.44 -3.05 18.65
N GLY C 4 19.94 -1.82 18.82
CA GLY C 4 20.62 -1.44 20.05
C GLY C 4 21.88 -2.27 20.19
N GLU C 5 22.01 -2.97 21.32
CA GLU C 5 23.16 -3.86 21.57
C GLU C 5 22.91 -5.33 21.14
N PHE C 6 21.73 -5.61 20.60
CA PHE C 6 21.34 -6.98 20.25
C PHE C 6 21.49 -7.22 18.74
N GLY C 7 21.83 -8.46 18.39
CA GLY C 7 22.04 -8.86 16.99
C GLY C 7 23.48 -9.31 16.76
N GLY C 8 24.09 -8.80 15.68
CA GLY C 8 25.49 -9.10 15.35
C GLY C 8 25.67 -10.28 14.42
N GLN C 9 26.93 -10.69 14.25
CA GLN C 9 27.33 -11.84 13.44
C GLN C 9 28.37 -12.66 14.20
N TYR C 10 27.95 -13.23 15.31
CA TYR C 10 28.87 -14.00 16.18
C TYR C 10 29.05 -15.42 15.67
N VAL C 11 29.78 -15.52 14.56
CA VAL C 11 29.93 -16.77 13.83
C VAL C 11 31.40 -17.05 13.56
N PRO C 12 31.76 -18.32 13.25
CA PRO C 12 33.13 -18.60 12.84
C PRO C 12 33.50 -17.87 11.55
N GLU C 13 34.80 -17.70 11.33
CA GLU C 13 35.31 -16.92 10.20
C GLU C 13 34.83 -17.43 8.84
N THR C 14 34.62 -18.74 8.74
CA THR C 14 34.13 -19.38 7.51
C THR C 14 32.71 -18.95 7.10
N LEU C 15 31.89 -18.51 8.06
CA LEU C 15 30.53 -18.01 7.78
C LEU C 15 30.45 -16.54 7.34
N ILE C 16 31.53 -15.77 7.50
CA ILE C 16 31.52 -14.32 7.23
C ILE C 16 31.33 -14.03 5.74
N GLY C 17 32.07 -14.76 4.89
CA GLY C 17 31.94 -14.63 3.44
C GLY C 17 30.55 -14.90 2.91
N PRO C 18 29.99 -16.11 3.20
CA PRO C 18 28.61 -16.45 2.81
C PRO C 18 27.53 -15.47 3.30
N LEU C 19 27.67 -14.96 4.52
CA LEU C 19 26.74 -13.96 5.06
C LEU C 19 26.84 -12.61 4.34
N LYS C 20 28.07 -12.20 4.01
CA LYS C 20 28.30 -10.97 3.22
C LYS C 20 27.68 -11.06 1.83
N GLU C 21 27.89 -12.20 1.17
CA GLU C 21 27.27 -12.47 -0.14
C GLU C 21 25.74 -12.48 -0.09
N LEU C 22 25.18 -13.07 0.97
CA LEU C 22 23.73 -13.06 1.19
C LEU C 22 23.21 -11.63 1.39
N GLU C 23 23.91 -10.87 2.23
CA GLU C 23 23.56 -9.47 2.46
C GLU C 23 23.62 -8.64 1.17
N LYS C 24 24.67 -8.87 0.38
CA LYS C 24 24.84 -8.21 -0.92
C LYS C 24 23.68 -8.50 -1.88
N ALA C 25 23.30 -9.77 -1.96
CA ALA C 25 22.20 -10.19 -2.82
C ALA C 25 20.85 -9.64 -2.36
N TYR C 26 20.61 -9.66 -1.04
CA TYR C 26 19.35 -9.16 -0.50
C TYR C 26 19.15 -7.66 -0.79
N LYS C 27 20.20 -6.86 -0.60
CA LYS C 27 20.16 -5.43 -0.93
C LYS C 27 19.91 -5.17 -2.42
N ARG C 28 20.49 -6.02 -3.28
CA ARG C 28 20.29 -5.92 -4.73
C ARG C 28 18.85 -6.24 -5.16
N PHE C 29 18.24 -7.25 -4.54
CA PHE C 29 16.92 -7.74 -4.96
C PHE C 29 15.70 -7.27 -4.14
N LYS C 30 15.89 -6.76 -2.92
CA LYS C 30 14.74 -6.41 -2.05
C LYS C 30 13.78 -5.36 -2.64
N ASP C 31 14.35 -4.33 -3.28
CA ASP C 31 13.58 -3.27 -3.93
C ASP C 31 13.57 -3.39 -5.47
N ASP C 32 14.06 -4.52 -5.97
CA ASP C 32 14.12 -4.79 -7.42
C ASP C 32 12.72 -5.08 -7.96
N GLU C 33 12.39 -4.45 -9.10
CA GLU C 33 11.06 -4.54 -9.71
C GLU C 33 10.63 -5.97 -10.04
N GLU C 34 11.53 -6.71 -10.68
CA GLU C 34 11.22 -8.08 -11.14
C GLU C 34 11.12 -9.06 -9.98
N PHE C 35 12.02 -8.96 -9.00
CA PHE C 35 11.95 -9.80 -7.80
C PHE C 35 10.62 -9.65 -7.08
N ASN C 36 10.18 -8.40 -6.87
CA ASN C 36 8.90 -8.11 -6.21
C ASN C 36 7.69 -8.54 -7.03
N ARG C 37 7.76 -8.43 -8.35
CA ARG C 37 6.69 -8.90 -9.23
C ARG C 37 6.48 -10.41 -9.08
N GLN C 38 7.58 -11.16 -9.11
CA GLN C 38 7.55 -12.61 -8.94
C GLN C 38 7.15 -13.04 -7.53
N LEU C 39 7.65 -12.32 -6.52
CA LEU C 39 7.31 -12.61 -5.13
C LEU C 39 5.81 -12.41 -4.90
N ASN C 40 5.29 -11.26 -5.32
CA ASN C 40 3.86 -10.96 -5.18
C ASN C 40 2.97 -11.90 -6.01
N TYR C 41 3.49 -12.34 -7.17
CA TYR C 41 2.82 -13.33 -8.02
C TYR C 41 2.63 -14.67 -7.28
N TYR C 42 3.68 -15.14 -6.62
CA TYR C 42 3.60 -16.39 -5.83
C TYR C 42 2.79 -16.22 -4.56
N LEU C 43 2.95 -15.10 -3.86
CA LEU C 43 2.16 -14.84 -2.65
C LEU C 43 0.65 -14.80 -2.97
N LYS C 44 0.29 -14.20 -4.10
CA LYS C 44 -1.11 -14.12 -4.52
C LYS C 44 -1.64 -15.46 -5.02
N THR C 45 -1.04 -15.98 -6.09
CA THR C 45 -1.63 -17.10 -6.83
C THR C 45 -1.40 -18.46 -6.18
N TRP C 46 -0.28 -18.63 -5.49
CA TRP C 46 0.09 -19.91 -4.88
C TRP C 46 -0.21 -19.94 -3.38
N ALA C 47 0.17 -18.89 -2.66
CA ALA C 47 -0.04 -18.80 -1.21
C ALA C 47 -1.41 -18.26 -0.80
N GLY C 48 -2.10 -17.54 -1.70
CA GLY C 48 -3.44 -17.02 -1.44
C GLY C 48 -3.51 -15.72 -0.63
N ARG C 49 -2.47 -14.90 -0.73
CA ARG C 49 -2.48 -13.56 -0.12
C ARG C 49 -3.34 -12.61 -0.98
N PRO C 50 -4.02 -11.63 -0.34
CA PRO C 50 -4.04 -11.32 1.08
C PRO C 50 -4.92 -12.25 1.89
N THR C 51 -4.51 -12.51 3.13
CA THR C 51 -5.36 -13.20 4.08
C THR C 51 -6.33 -12.18 4.65
N PRO C 52 -7.56 -12.61 5.00
CA PRO C 52 -8.53 -11.64 5.53
C PRO C 52 -8.27 -11.21 6.97
N LEU C 53 -8.94 -10.13 7.37
CA LEU C 53 -8.98 -9.69 8.76
C LEU C 53 -10.42 -9.89 9.24
N TYR C 54 -10.61 -10.81 10.19
CA TYR C 54 -11.94 -11.25 10.61
C TYR C 54 -12.35 -10.62 11.95
N TYR C 55 -13.55 -10.03 12.00
CA TYR C 55 -14.12 -9.56 13.26
C TYR C 55 -14.76 -10.74 14.01
N ALA C 56 -14.16 -11.11 15.13
CA ALA C 56 -14.67 -12.20 15.98
C ALA C 56 -15.81 -11.68 16.84
N LYS C 57 -16.97 -11.53 16.21
CA LYS C 57 -18.13 -10.89 16.81
C LYS C 57 -18.66 -11.64 18.03
N ARG C 58 -18.83 -12.95 17.90
CA ARG C 58 -19.31 -13.77 19.02
C ARG C 58 -18.33 -13.78 20.20
N LEU C 59 -17.03 -13.89 19.91
CA LEU C 59 -16.01 -13.88 20.97
C LEU C 59 -15.95 -12.53 21.68
N THR C 60 -15.92 -11.46 20.89
CA THR C 60 -16.00 -10.08 21.41
C THR C 60 -17.16 -9.89 22.38
N GLU C 61 -18.36 -10.26 21.94
CA GLU C 61 -19.58 -10.07 22.73
C GLU C 61 -19.64 -10.97 23.98
N LYS C 62 -19.03 -12.16 23.89
CA LYS C 62 -18.91 -13.08 25.02
C LYS C 62 -18.06 -12.49 26.15
N ILE C 63 -16.85 -12.05 25.80
CA ILE C 63 -15.93 -11.41 26.74
C ILE C 63 -16.52 -10.09 27.22
N GLY C 64 -17.10 -9.34 26.29
CA GLY C 64 -17.92 -8.17 26.59
C GLY C 64 -17.22 -6.81 26.57
N GLY C 65 -15.95 -6.78 26.18
CA GLY C 65 -15.18 -5.54 26.14
C GLY C 65 -14.77 -5.16 24.72
N ALA C 66 -13.47 -5.00 24.50
CA ALA C 66 -12.91 -4.53 23.22
C ALA C 66 -13.27 -5.45 22.05
N LYS C 67 -13.24 -4.86 20.84
CA LYS C 67 -13.44 -5.59 19.61
C LYS C 67 -12.19 -6.41 19.33
N VAL C 68 -12.38 -7.70 19.08
CA VAL C 68 -11.28 -8.63 18.81
C VAL C 68 -11.31 -8.96 17.32
N TYR C 69 -10.28 -8.51 16.61
CA TYR C 69 -10.08 -8.85 15.21
C TYR C 69 -8.99 -9.92 15.10
N LEU C 70 -9.16 -10.84 14.15
CA LEU C 70 -8.20 -11.91 13.90
C LEU C 70 -7.59 -11.75 12.52
N LYS C 71 -6.27 -11.58 12.46
CA LYS C 71 -5.53 -11.55 11.20
C LYS C 71 -5.25 -13.00 10.81
N ARG C 72 -5.82 -13.43 9.68
CA ARG C 72 -6.03 -14.85 9.40
C ARG C 72 -4.88 -15.53 8.65
N GLU C 73 -3.70 -15.57 9.27
CA GLU C 73 -2.56 -16.29 8.69
C GLU C 73 -2.75 -17.81 8.69
N ASP C 74 -3.70 -18.30 9.47
CA ASP C 74 -4.18 -19.68 9.36
C ASP C 74 -4.67 -20.09 7.95
N LEU C 75 -5.03 -19.11 7.11
CA LEU C 75 -5.51 -19.37 5.76
C LEU C 75 -4.44 -19.33 4.67
N VAL C 76 -3.20 -18.99 5.02
CA VAL C 76 -2.09 -19.01 4.03
C VAL C 76 -1.85 -20.47 3.68
N HIS C 77 -1.47 -20.72 2.43
CA HIS C 77 -1.11 -22.07 1.96
C HIS C 77 -0.06 -22.68 2.88
N GLY C 78 -0.34 -23.91 3.36
CA GLY C 78 0.49 -24.56 4.37
C GLY C 78 -0.09 -24.46 5.77
N GLY C 79 -0.90 -23.44 6.01
CA GLY C 79 -1.64 -23.27 7.26
C GLY C 79 -0.91 -22.46 8.31
N ALA C 80 0.14 -21.74 7.91
CA ALA C 80 0.87 -20.88 8.84
C ALA C 80 1.63 -19.77 8.13
N HIS C 81 1.91 -18.71 8.89
CA HIS C 81 2.68 -17.56 8.39
C HIS C 81 4.06 -17.92 7.82
N LYS C 82 4.64 -19.04 8.24
CA LYS C 82 5.97 -19.48 7.79
C LYS C 82 6.16 -19.47 6.28
N THR C 83 5.09 -19.74 5.54
CA THR C 83 5.10 -19.71 4.07
C THR C 83 5.59 -18.39 3.47
N ASN C 84 5.24 -17.26 4.09
CA ASN C 84 5.63 -15.93 3.57
C ASN C 84 7.14 -15.81 3.45
N ASN C 85 7.83 -16.15 4.55
CA ASN C 85 9.30 -16.14 4.61
C ASN C 85 9.90 -17.26 3.76
N ALA C 86 9.26 -18.43 3.75
CA ALA C 86 9.72 -19.55 2.92
C ALA C 86 9.76 -19.20 1.43
N ILE C 87 8.72 -18.53 0.93
CA ILE C 87 8.67 -18.11 -0.48
C ILE C 87 9.71 -17.01 -0.73
N GLY C 88 9.73 -16.00 0.15
CA GLY C 88 10.66 -14.87 0.04
C GLY C 88 12.11 -15.31 -0.09
N GLN C 89 12.57 -16.12 0.86
CA GLN C 89 13.96 -16.58 0.89
C GLN C 89 14.28 -17.61 -0.19
N ALA C 90 13.32 -18.50 -0.51
CA ALA C 90 13.54 -19.51 -1.55
C ALA C 90 13.67 -18.85 -2.92
N LEU C 91 12.82 -17.85 -3.18
CA LEU C 91 12.91 -17.05 -4.39
C LEU C 91 14.21 -16.24 -4.43
N LEU C 92 14.57 -15.61 -3.32
CA LEU C 92 15.87 -14.92 -3.21
C LEU C 92 17.01 -15.87 -3.56
N ALA C 93 16.99 -17.06 -2.97
CA ALA C 93 17.99 -18.10 -3.24
C ALA C 93 18.03 -18.52 -4.72
N LYS C 94 16.85 -18.62 -5.34
CA LYS C 94 16.76 -18.91 -6.78
C LYS C 94 17.38 -17.79 -7.62
N PHE C 95 17.06 -16.53 -7.28
CA PHE C 95 17.67 -15.36 -7.93
C PHE C 95 19.21 -15.29 -7.75
N MET C 96 19.69 -15.81 -6.62
CA MET C 96 21.14 -15.93 -6.35
C MET C 96 21.83 -17.10 -7.08
N GLY C 97 21.06 -17.95 -7.74
CA GLY C 97 21.60 -19.11 -8.49
C GLY C 97 21.71 -20.39 -7.69
N LYS C 98 21.13 -20.43 -6.49
CA LYS C 98 21.21 -21.63 -5.63
C LYS C 98 20.24 -22.68 -6.14
N THR C 99 20.58 -23.94 -5.91
CA THR C 99 19.74 -25.10 -6.29
C THR C 99 19.25 -25.94 -5.11
N ARG C 100 19.80 -25.70 -3.92
CA ARG C 100 19.48 -26.48 -2.71
C ARG C 100 19.07 -25.54 -1.59
N LEU C 101 18.05 -25.94 -0.83
CA LEU C 101 17.64 -25.24 0.39
C LEU C 101 17.86 -26.16 1.58
N ILE C 102 18.37 -25.61 2.67
CA ILE C 102 18.35 -26.28 3.96
C ILE C 102 17.61 -25.41 4.97
N ALA C 103 16.98 -26.06 5.94
CA ALA C 103 16.27 -25.36 7.00
C ALA C 103 16.24 -26.20 8.25
N GLU C 104 16.16 -25.52 9.38
CA GLU C 104 15.86 -26.13 10.67
C GLU C 104 14.35 -26.18 10.85
N THR C 105 13.86 -27.12 11.64
CA THR C 105 12.50 -27.01 12.14
C THR C 105 12.34 -27.68 13.50
N GLY C 106 11.49 -27.10 14.35
CA GLY C 106 11.15 -27.68 15.64
C GLY C 106 9.80 -28.36 15.57
N ALA C 107 8.76 -27.54 15.45
CA ALA C 107 7.38 -28.01 15.31
C ALA C 107 7.13 -28.75 13.99
N GLY C 108 7.92 -28.45 12.96
CA GLY C 108 7.74 -29.02 11.64
C GLY C 108 7.08 -28.08 10.65
N GLN C 109 6.51 -26.97 11.14
CA GLN C 109 5.75 -26.05 10.29
C GLN C 109 6.65 -25.29 9.31
N HIS C 110 7.78 -24.80 9.80
CA HIS C 110 8.78 -24.19 8.92
C HIS C 110 9.42 -25.19 7.96
N GLY C 111 9.62 -26.42 8.44
CA GLY C 111 10.14 -27.48 7.59
C GLY C 111 9.19 -27.76 6.43
N VAL C 112 7.89 -27.81 6.73
CA VAL C 112 6.87 -28.00 5.70
C VAL C 112 6.83 -26.81 4.74
N ALA C 113 6.81 -25.59 5.28
CA ALA C 113 6.77 -24.40 4.43
C ALA C 113 7.97 -24.33 3.48
N THR C 114 9.17 -24.62 4.00
CA THR C 114 10.38 -24.69 3.20
C THR C 114 10.30 -25.78 2.14
N ALA C 115 9.81 -26.95 2.52
CA ALA C 115 9.57 -28.07 1.59
C ALA C 115 8.62 -27.67 0.45
N MET C 116 7.53 -26.98 0.80
CA MET C 116 6.55 -26.52 -0.19
C MET C 116 7.16 -25.51 -1.16
N ALA C 117 7.84 -24.50 -0.62
CA ALA C 117 8.50 -23.46 -1.43
C ALA C 117 9.59 -24.03 -2.33
N GLY C 118 10.34 -25.01 -1.82
CA GLY C 118 11.36 -25.70 -2.59
C GLY C 118 10.81 -26.53 -3.73
N ALA C 119 9.70 -27.21 -3.47
CA ALA C 119 8.99 -27.96 -4.51
C ALA C 119 8.47 -27.01 -5.60
N LEU C 120 7.84 -25.92 -5.17
CA LEU C 120 7.34 -24.86 -6.06
C LEU C 120 8.40 -24.34 -7.03
N LEU C 121 9.58 -24.05 -6.50
CA LEU C 121 10.66 -23.42 -7.26
C LEU C 121 11.67 -24.41 -7.88
N GLY C 122 11.40 -25.72 -7.79
CA GLY C 122 12.27 -26.74 -8.37
C GLY C 122 13.62 -26.88 -7.69
N MET C 123 13.66 -26.64 -6.38
CA MET C 123 14.88 -26.73 -5.58
C MET C 123 14.85 -27.99 -4.73
N LYS C 124 16.04 -28.48 -4.39
CA LYS C 124 16.19 -29.65 -3.53
C LYS C 124 16.16 -29.17 -2.08
N VAL C 125 15.52 -29.94 -1.20
CA VAL C 125 15.30 -29.51 0.19
C VAL C 125 15.76 -30.59 1.16
N ASP C 126 16.66 -30.22 2.06
CA ASP C 126 16.99 -31.01 3.26
C ASP C 126 16.55 -30.24 4.50
N ILE C 127 15.85 -30.92 5.42
CA ILE C 127 15.38 -30.31 6.67
C ILE C 127 16.09 -30.96 7.85
N TYR C 128 16.81 -30.16 8.63
CA TYR C 128 17.38 -30.63 9.90
C TYR C 128 16.35 -30.49 10.99
N MET C 129 16.12 -31.58 11.72
CA MET C 129 15.11 -31.64 12.75
C MET C 129 15.63 -32.49 13.88
N GLY C 130 15.59 -31.97 15.10
CA GLY C 130 16.03 -32.73 16.27
C GLY C 130 15.25 -34.04 16.34
N ALA C 131 15.95 -35.13 16.66
CA ALA C 131 15.34 -36.46 16.66
C ALA C 131 14.12 -36.57 17.59
N GLU C 132 14.18 -35.87 18.72
CA GLU C 132 13.03 -35.79 19.63
C GLU C 132 11.82 -35.18 18.93
N ASP C 133 12.05 -34.09 18.18
CA ASP C 133 10.99 -33.44 17.41
C ASP C 133 10.48 -34.30 16.25
N VAL C 134 11.37 -35.04 15.59
CA VAL C 134 10.98 -35.98 14.53
C VAL C 134 9.99 -37.02 15.09
N GLU C 135 10.31 -37.58 16.25
CA GLU C 135 9.46 -38.57 16.91
C GLU C 135 8.11 -38.00 17.37
N ARG C 136 8.09 -36.73 17.79
CA ARG C 136 6.86 -36.06 18.22
C ARG C 136 6.00 -35.47 17.09
N GLN C 137 6.55 -35.38 15.88
CA GLN C 137 5.87 -34.70 14.75
C GLN C 137 5.80 -35.59 13.52
N LYS C 138 5.27 -36.79 13.70
CA LYS C 138 5.23 -37.80 12.64
C LYS C 138 4.52 -37.31 11.38
N MET C 139 3.39 -36.61 11.54
CA MET C 139 2.61 -36.13 10.39
C MET C 139 3.27 -34.97 9.63
N ASN C 140 3.93 -34.04 10.33
CA ASN C 140 4.69 -32.98 9.63
C ASN C 140 5.91 -33.57 8.91
N VAL C 141 6.56 -34.56 9.52
CA VAL C 141 7.65 -35.30 8.88
C VAL C 141 7.15 -36.00 7.61
N PHE C 142 5.96 -36.59 7.68
CA PHE C 142 5.35 -37.22 6.52
C PHE C 142 4.98 -36.20 5.45
N ARG C 143 4.41 -35.06 5.85
CA ARG C 143 4.16 -33.95 4.92
C ARG C 143 5.42 -33.57 4.16
N MET C 144 6.52 -33.38 4.89
CA MET C 144 7.80 -33.02 4.30
C MET C 144 8.28 -34.06 3.29
N LYS C 145 8.15 -35.34 3.64
CA LYS C 145 8.49 -36.43 2.73
C LYS C 145 7.63 -36.41 1.47
N LEU C 146 6.33 -36.20 1.61
CA LEU C 146 5.41 -36.10 0.46
C LEU C 146 5.77 -34.94 -0.49
N LEU C 147 6.28 -33.86 0.08
CA LEU C 147 6.71 -32.68 -0.68
C LEU C 147 8.09 -32.81 -1.33
N GLY C 148 8.74 -33.97 -1.15
CA GLY C 148 10.02 -34.26 -1.79
C GLY C 148 11.22 -33.80 -0.99
N ALA C 149 11.01 -33.47 0.29
CA ALA C 149 12.10 -33.04 1.18
C ALA C 149 12.72 -34.23 1.90
N ASN C 150 14.01 -34.10 2.20
CA ASN C 150 14.77 -35.09 2.97
C ASN C 150 14.83 -34.59 4.41
N VAL C 151 14.12 -35.28 5.30
CA VAL C 151 14.18 -34.96 6.73
C VAL C 151 15.39 -35.68 7.35
N ILE C 152 16.34 -34.90 7.88
CA ILE C 152 17.54 -35.44 8.52
C ILE C 152 17.36 -35.34 10.04
N PRO C 153 17.15 -36.48 10.74
CA PRO C 153 17.09 -36.42 12.20
C PRO C 153 18.44 -36.03 12.80
N VAL C 154 18.44 -35.11 13.76
CA VAL C 154 19.65 -34.68 14.44
C VAL C 154 19.69 -35.33 15.82
N ASN C 155 20.66 -36.24 16.00
CA ASN C 155 20.79 -37.07 17.21
C ASN C 155 21.75 -36.50 18.25
N SER C 156 22.51 -35.47 17.88
CA SER C 156 23.51 -34.87 18.76
C SER C 156 22.87 -33.94 19.79
N GLY C 157 23.55 -33.78 20.93
CA GLY C 157 23.10 -32.89 22.00
C GLY C 157 21.78 -33.33 22.61
N SER C 158 20.88 -32.36 22.78
CA SER C 158 19.53 -32.62 23.32
C SER C 158 18.51 -33.12 22.27
N ARG C 159 18.92 -33.23 21.01
CA ARG C 159 18.05 -33.76 19.93
C ARG C 159 16.83 -32.85 19.70
N THR C 160 17.02 -31.53 19.81
CA THR C 160 15.93 -30.55 19.66
C THR C 160 16.35 -29.45 18.68
N LEU C 161 15.56 -28.37 18.61
CA LEU C 161 15.73 -27.29 17.62
C LEU C 161 17.11 -26.63 17.64
N LYS C 162 17.63 -26.35 18.83
CA LYS C 162 18.95 -25.71 18.95
C LYS C 162 20.05 -26.57 18.31
N ASP C 163 19.90 -27.90 18.40
CA ASP C 163 20.85 -28.84 17.79
C ASP C 163 20.69 -28.92 16.28
N ALA C 164 19.45 -28.84 15.82
CA ALA C 164 19.15 -28.80 14.37
C ALA C 164 19.76 -27.56 13.71
N ILE C 165 19.67 -26.41 14.37
CA ILE C 165 20.26 -25.16 13.87
C ILE C 165 21.80 -25.29 13.77
N ASN C 166 22.42 -25.89 14.80
CA ASN C 166 23.87 -26.10 14.80
C ASN C 166 24.34 -27.00 13.65
N GLU C 167 23.60 -28.06 13.34
CA GLU C 167 23.91 -28.93 12.18
C GLU C 167 23.69 -28.23 10.85
N ALA C 168 22.64 -27.42 10.76
CA ALA C 168 22.34 -26.66 9.54
C ALA C 168 23.45 -25.65 9.20
N LEU C 169 23.91 -24.91 10.22
CA LEU C 169 25.02 -23.98 10.07
C LEU C 169 26.30 -24.67 9.59
N ARG C 170 26.58 -25.86 10.15
CA ARG C 170 27.72 -26.69 9.76
C ARG C 170 27.65 -27.13 8.30
N ASP C 171 26.44 -27.53 7.87
CA ASP C 171 26.15 -27.84 6.46
C ASP C 171 26.42 -26.61 5.58
N TRP C 172 25.84 -25.47 5.96
CA TRP C 172 25.90 -24.25 5.15
C TRP C 172 27.33 -23.74 4.90
N VAL C 173 28.21 -23.91 5.89
CA VAL C 173 29.62 -23.55 5.75
C VAL C 173 30.29 -24.30 4.57
N ALA C 174 29.94 -25.57 4.40
CA ALA C 174 30.52 -26.41 3.35
C ALA C 174 29.84 -26.26 1.99
N THR C 175 28.54 -25.95 1.98
CA THR C 175 27.71 -26.03 0.76
C THR C 175 27.11 -24.69 0.27
N PHE C 176 27.50 -23.57 0.90
CA PHE C 176 26.92 -22.24 0.59
C PHE C 176 26.94 -21.81 -0.89
N GLU C 177 27.91 -22.31 -1.65
CA GLU C 177 28.02 -22.00 -3.09
C GLU C 177 26.75 -22.33 -3.87
N TYR C 178 26.13 -23.47 -3.55
CA TYR C 178 24.87 -23.91 -4.18
C TYR C 178 23.66 -24.06 -3.22
N THR C 179 23.89 -23.86 -1.91
CA THR C 179 22.86 -24.06 -0.89
C THR C 179 22.55 -22.75 -0.17
N HIS C 180 21.26 -22.43 -0.04
CA HIS C 180 20.81 -21.35 0.83
C HIS C 180 20.28 -21.93 2.13
N TYR C 181 20.75 -21.40 3.26
CA TYR C 181 20.19 -21.78 4.55
C TYR C 181 18.98 -20.90 4.82
N LEU C 182 17.79 -21.52 4.78
CA LEU C 182 16.52 -20.82 4.93
C LEU C 182 16.09 -20.86 6.39
N ILE C 183 16.56 -19.88 7.16
CA ILE C 183 16.20 -19.74 8.57
C ILE C 183 14.74 -19.30 8.68
N GLY C 184 14.03 -19.90 9.63
CA GLY C 184 12.57 -19.79 9.74
C GLY C 184 12.03 -18.74 10.69
N SER C 185 12.91 -18.08 11.46
CA SER C 185 12.48 -17.00 12.35
C SER C 185 13.45 -15.83 12.31
N VAL C 186 13.11 -14.76 13.03
CA VAL C 186 13.90 -13.53 13.06
C VAL C 186 15.14 -13.68 13.97
N VAL C 187 15.92 -14.73 13.71
CA VAL C 187 17.02 -15.15 14.58
C VAL C 187 18.23 -15.47 13.72
N GLY C 188 19.34 -15.75 14.38
CA GLY C 188 20.58 -16.08 13.69
C GLY C 188 21.41 -14.84 13.45
N PRO C 189 22.56 -15.01 12.74
CA PRO C 189 23.40 -13.86 12.43
C PRO C 189 22.74 -12.94 11.40
N HIS C 190 23.11 -11.66 11.43
CA HIS C 190 22.75 -10.72 10.36
C HIS C 190 23.20 -11.33 9.02
N PRO C 191 22.37 -11.19 7.96
CA PRO C 191 21.16 -10.39 7.80
C PRO C 191 19.81 -11.08 8.06
N TYR C 192 19.83 -12.25 8.70
CA TYR C 192 18.62 -13.07 8.81
C TYR C 192 17.47 -12.46 9.62
N PRO C 193 17.76 -11.89 10.82
CA PRO C 193 16.67 -11.22 11.55
C PRO C 193 15.95 -10.12 10.75
N THR C 194 16.71 -9.35 9.96
CA THR C 194 16.15 -8.29 9.12
C THR C 194 15.36 -8.86 7.93
N ILE C 195 15.95 -9.84 7.24
CA ILE C 195 15.32 -10.46 6.07
C ILE C 195 13.98 -11.14 6.40
N VAL C 196 13.96 -11.93 7.48
CA VAL C 196 12.74 -12.65 7.86
C VAL C 196 11.64 -11.68 8.29
N ARG C 197 12.00 -10.63 9.03
CA ARG C 197 11.05 -9.57 9.41
C ARG C 197 10.48 -8.86 8.17
N ASP C 198 11.35 -8.56 7.20
CA ASP C 198 10.90 -7.91 5.97
C ASP C 198 9.94 -8.79 5.18
N PHE C 199 10.24 -10.09 5.06
CA PHE C 199 9.36 -11.03 4.37
C PHE C 199 8.07 -11.36 5.13
N GLN C 200 8.01 -11.09 6.43
CA GLN C 200 6.78 -11.22 7.20
C GLN C 200 5.97 -9.93 7.34
N SER C 201 6.58 -8.80 7.00
CA SER C 201 5.94 -7.47 7.13
C SER C 201 4.66 -7.29 6.30
N VAL C 202 4.49 -8.10 5.25
CA VAL C 202 3.24 -8.16 4.49
C VAL C 202 2.00 -8.37 5.38
N ILE C 203 2.16 -9.14 6.46
CA ILE C 203 1.09 -9.38 7.43
C ILE C 203 0.60 -8.06 8.02
N GLY C 204 1.53 -7.25 8.50
CA GLY C 204 1.21 -5.95 9.10
C GLY C 204 0.65 -4.93 8.12
N ARG C 205 1.21 -4.87 6.92
CA ARG C 205 0.73 -3.94 5.89
C ARG C 205 -0.72 -4.21 5.50
N GLU C 206 -1.05 -5.47 5.29
CA GLU C 206 -2.43 -5.87 4.99
C GLU C 206 -3.36 -5.55 6.15
N ALA C 207 -2.95 -5.94 7.36
CA ALA C 207 -3.74 -5.70 8.57
C ALA C 207 -4.05 -4.22 8.79
N LYS C 208 -3.08 -3.35 8.51
CA LYS C 208 -3.27 -1.90 8.62
C LYS C 208 -4.35 -1.40 7.65
N ALA C 209 -4.21 -1.76 6.38
CA ALA C 209 -5.19 -1.41 5.36
C ALA C 209 -6.58 -1.97 5.67
N GLN C 210 -6.62 -3.22 6.15
CA GLN C 210 -7.89 -3.90 6.44
C GLN C 210 -8.65 -3.30 7.63
N ILE C 211 -7.94 -2.96 8.71
CA ILE C 211 -8.57 -2.37 9.90
C ILE C 211 -9.03 -0.93 9.65
N LEU C 212 -8.29 -0.19 8.82
CA LEU C 212 -8.70 1.14 8.39
C LEU C 212 -10.00 1.12 7.56
N GLU C 213 -10.19 0.07 6.75
CA GLU C 213 -11.45 -0.12 6.02
C GLU C 213 -12.57 -0.60 6.94
N ALA C 214 -12.26 -1.53 7.86
CA ALA C 214 -13.26 -2.11 8.76
C ALA C 214 -13.77 -1.14 9.85
N GLU C 215 -12.86 -0.37 10.44
CA GLU C 215 -13.17 0.50 11.60
C GLU C 215 -12.85 2.00 11.46
N GLY C 216 -12.17 2.40 10.38
CA GLY C 216 -11.79 3.80 10.17
C GLY C 216 -10.72 4.32 11.10
N GLN C 217 -9.91 3.43 11.67
CA GLN C 217 -8.86 3.82 12.62
C GLN C 217 -7.88 2.67 12.84
N LEU C 218 -6.70 3.02 13.38
CA LEU C 218 -5.70 2.02 13.74
C LEU C 218 -6.13 1.30 15.02
N PRO C 219 -5.61 0.08 15.27
CA PRO C 219 -6.02 -0.63 16.48
C PRO C 219 -5.38 -0.01 17.72
N ASP C 220 -5.99 -0.26 18.88
CA ASP C 220 -5.39 0.13 20.16
C ASP C 220 -4.26 -0.82 20.56
N VAL C 221 -4.44 -2.12 20.29
CA VAL C 221 -3.44 -3.13 20.64
C VAL C 221 -3.27 -4.16 19.52
N ILE C 222 -2.04 -4.61 19.30
CA ILE C 222 -1.75 -5.76 18.46
C ILE C 222 -1.13 -6.84 19.35
N VAL C 223 -1.71 -8.04 19.33
CA VAL C 223 -1.27 -9.16 20.16
C VAL C 223 -0.80 -10.28 19.24
N ALA C 224 0.44 -10.72 19.43
CA ALA C 224 1.00 -11.82 18.67
C ALA C 224 1.85 -12.71 19.56
N CYS C 225 1.83 -14.01 19.30
CA CYS C 225 2.71 -14.93 20.01
C CYS C 225 4.15 -14.79 19.52
N VAL C 226 5.09 -15.13 20.39
CA VAL C 226 6.53 -14.92 20.15
C VAL C 226 7.28 -16.21 20.46
N GLY C 227 7.75 -16.88 19.40
CA GLY C 227 8.72 -17.96 19.51
C GLY C 227 10.08 -17.32 19.33
N GLY C 228 10.69 -17.53 18.16
CA GLY C 228 11.83 -16.71 17.74
C GLY C 228 11.41 -15.27 17.46
N GLY C 229 10.17 -15.09 16.99
CA GLY C 229 9.56 -13.77 16.86
C GLY C 229 9.13 -13.28 15.48
N SER C 230 9.11 -14.17 14.47
CA SER C 230 8.82 -13.74 13.09
C SER C 230 7.37 -13.29 12.82
N ASN C 231 6.36 -14.02 13.29
CA ASN C 231 4.95 -13.60 13.05
C ASN C 231 4.65 -12.29 13.79
N ALA C 232 5.21 -12.13 14.99
CA ALA C 232 5.04 -10.90 15.77
C ALA C 232 5.68 -9.72 15.06
N MET C 233 6.94 -9.87 14.61
CA MET C 233 7.61 -8.80 13.85
C MET C 233 6.87 -8.47 12.56
N GLY C 234 6.35 -9.48 11.87
CA GLY C 234 5.58 -9.27 10.66
C GLY C 234 4.37 -8.37 10.85
N ILE C 235 3.59 -8.64 11.89
CA ILE C 235 2.41 -7.82 12.19
C ILE C 235 2.78 -6.52 12.90
N PHE C 236 3.81 -6.54 13.76
CA PHE C 236 4.25 -5.33 14.48
C PHE C 236 4.84 -4.26 13.57
N TYR C 237 5.77 -4.67 12.71
CA TYR C 237 6.74 -3.75 12.10
C TYR C 237 6.15 -2.52 11.40
N PRO C 238 5.07 -2.70 10.61
CA PRO C 238 4.46 -1.53 9.97
C PRO C 238 3.73 -0.55 10.92
N PHE C 239 3.42 -0.98 12.14
CA PHE C 239 2.81 -0.11 13.16
C PHE C 239 3.82 0.50 14.15
N VAL C 240 5.12 0.23 13.98
CA VAL C 240 6.14 0.67 14.96
C VAL C 240 6.17 2.19 15.14
N ASN C 241 6.05 2.93 14.04
CA ASN C 241 6.04 4.40 14.06
C ASN C 241 4.65 5.03 14.36
N ASP C 242 3.60 4.21 14.40
CA ASP C 242 2.28 4.65 14.86
C ASP C 242 2.25 4.58 16.39
N LYS C 243 2.62 5.69 17.03
CA LYS C 243 2.86 5.74 18.49
C LYS C 243 1.68 5.28 19.36
N LYS C 244 0.46 5.52 18.91
CA LYS C 244 -0.75 5.15 19.66
C LYS C 244 -1.05 3.64 19.69
N VAL C 245 -0.44 2.87 18.80
CA VAL C 245 -0.69 1.42 18.70
C VAL C 245 0.21 0.66 19.68
N LYS C 246 -0.39 0.02 20.68
CA LYS C 246 0.36 -0.82 21.62
C LYS C 246 0.70 -2.15 20.95
N LEU C 247 1.88 -2.67 21.24
CA LEU C 247 2.34 -3.95 20.69
C LEU C 247 2.63 -4.90 21.83
N VAL C 248 1.92 -6.04 21.86
CA VAL C 248 2.07 -7.01 22.93
C VAL C 248 2.52 -8.34 22.35
N GLY C 249 3.67 -8.83 22.81
CA GLY C 249 4.18 -10.14 22.41
C GLY C 249 3.89 -11.17 23.50
N VAL C 250 3.36 -12.32 23.12
CA VAL C 250 2.97 -13.35 24.09
C VAL C 250 3.90 -14.55 24.00
N GLU C 251 4.72 -14.74 25.03
CA GLU C 251 5.61 -15.90 25.11
C GLU C 251 4.92 -17.07 25.78
N ALA C 252 5.50 -18.25 25.60
CA ALA C 252 4.99 -19.48 26.23
C ALA C 252 5.35 -19.49 27.71
N GLY C 253 4.33 -19.43 28.56
CA GLY C 253 4.50 -19.55 30.01
C GLY C 253 4.56 -20.99 30.50
N GLY C 254 4.23 -21.94 29.62
CA GLY C 254 4.39 -23.36 29.90
C GLY C 254 3.63 -23.82 31.13
N LYS C 255 4.36 -24.45 32.05
CA LYS C 255 3.78 -24.88 33.33
C LYS C 255 3.75 -23.76 34.38
N GLY C 256 4.25 -22.57 34.03
CA GLY C 256 4.29 -21.40 34.91
C GLY C 256 5.67 -20.78 34.91
N LEU C 257 5.73 -19.45 34.93
CA LEU C 257 7.02 -18.74 34.82
C LEU C 257 8.02 -19.07 35.92
N GLU C 258 7.53 -19.22 37.15
CA GLU C 258 8.41 -19.51 38.29
C GLU C 258 8.84 -20.97 38.35
N SER C 259 8.14 -21.86 37.66
CA SER C 259 8.52 -23.27 37.57
C SER C 259 9.80 -23.49 36.74
N GLY C 260 10.15 -22.53 35.89
CA GLY C 260 11.28 -22.67 34.98
C GLY C 260 10.97 -23.51 33.75
N LYS C 261 9.77 -24.10 33.69
CA LYS C 261 9.36 -24.97 32.60
C LYS C 261 8.47 -24.15 31.66
N HIS C 262 9.13 -23.34 30.85
CA HIS C 262 8.47 -22.40 29.93
C HIS C 262 9.40 -22.09 28.75
N SER C 263 8.98 -21.18 27.86
CA SER C 263 9.85 -20.67 26.79
C SER C 263 9.83 -19.13 26.73
N ALA C 264 9.70 -18.50 27.90
CA ALA C 264 9.66 -17.05 28.02
C ALA C 264 11.07 -16.46 28.15
N SER C 265 11.76 -16.36 27.02
CA SER C 265 13.14 -15.86 26.96
C SER C 265 13.27 -14.38 27.30
N LEU C 266 12.37 -13.55 26.77
CA LEU C 266 12.32 -12.12 27.12
C LEU C 266 11.92 -11.89 28.57
N ASN C 267 10.96 -12.67 29.07
CA ASN C 267 10.42 -12.49 30.41
C ASN C 267 11.41 -12.91 31.50
N ALA C 268 11.97 -14.12 31.35
CA ALA C 268 12.79 -14.74 32.39
C ALA C 268 14.22 -15.16 31.98
N GLY C 269 14.62 -14.87 30.73
CA GLY C 269 15.96 -15.23 30.24
C GLY C 269 17.01 -14.18 30.54
N GLN C 270 18.25 -14.51 30.18
CA GLN C 270 19.39 -13.62 30.35
C GLN C 270 20.00 -13.32 28.99
N VAL C 271 20.78 -12.26 28.93
CA VAL C 271 21.54 -11.93 27.73
C VAL C 271 22.56 -13.05 27.48
N GLY C 272 22.74 -13.41 26.22
CA GLY C 272 23.69 -14.46 25.84
C GLY C 272 24.02 -14.39 24.36
N VAL C 273 24.93 -15.24 23.93
CA VAL C 273 25.30 -15.35 22.52
C VAL C 273 25.13 -16.81 22.10
N SER C 274 24.30 -17.02 21.09
CA SER C 274 24.11 -18.35 20.51
C SER C 274 23.51 -18.22 19.12
N HIS C 275 23.81 -19.20 18.27
CA HIS C 275 23.34 -19.24 16.88
C HIS C 275 23.68 -17.96 16.10
N GLY C 276 24.82 -17.34 16.42
CA GLY C 276 25.28 -16.15 15.71
C GLY C 276 24.72 -14.81 16.14
N MET C 277 23.91 -14.76 17.20
CA MET C 277 23.30 -13.50 17.65
C MET C 277 23.46 -13.26 19.14
N LEU C 278 23.48 -11.98 19.51
CA LEU C 278 23.39 -11.56 20.90
C LEU C 278 21.94 -11.18 21.17
N SER C 279 21.28 -11.93 22.05
CA SER C 279 19.88 -11.68 22.40
C SER C 279 19.59 -12.31 23.77
N TYR C 280 18.32 -12.49 24.11
CA TYR C 280 17.93 -13.17 25.34
C TYR C 280 17.76 -14.67 25.10
N PHE C 281 18.35 -15.47 25.99
CA PHE C 281 18.28 -16.93 25.94
C PHE C 281 17.95 -17.49 27.32
N LEU C 282 17.21 -18.59 27.35
CA LEU C 282 16.98 -19.34 28.59
C LEU C 282 18.19 -20.25 28.81
N GLN C 283 18.94 -19.95 29.86
CA GLN C 283 20.20 -20.64 30.17
C GLN C 283 20.16 -21.31 31.54
N ASP C 284 20.77 -22.49 31.63
CA ASP C 284 20.72 -23.32 32.85
C ASP C 284 21.70 -22.82 33.92
N GLU C 285 21.90 -23.61 34.98
CA GLU C 285 22.80 -23.24 36.09
C GLU C 285 24.25 -22.98 35.66
N GLU C 286 24.75 -23.75 34.70
CA GLU C 286 26.10 -23.58 34.15
C GLU C 286 26.16 -22.72 32.87
N GLY C 287 25.13 -21.90 32.65
CA GLY C 287 25.10 -20.97 31.51
C GLY C 287 25.02 -21.58 30.12
N GLN C 288 24.51 -22.80 30.02
CA GLN C 288 24.21 -23.46 28.74
C GLN C 288 22.71 -23.40 28.48
N ILE C 289 22.33 -23.47 27.21
CA ILE C 289 20.92 -23.26 26.83
C ILE C 289 20.02 -24.40 27.34
N LYS C 290 18.96 -24.02 28.05
CA LYS C 290 18.01 -24.99 28.63
C LYS C 290 17.07 -25.58 27.57
N PRO C 291 16.44 -26.72 27.89
CA PRO C 291 15.28 -27.14 27.10
C PRO C 291 14.11 -26.20 27.33
N SER C 292 13.38 -25.88 26.28
CA SER C 292 12.12 -25.14 26.39
C SER C 292 10.99 -26.10 26.67
N HIS C 293 9.97 -25.61 27.37
N HIS C 293 9.94 -25.59 27.31
CA HIS C 293 8.70 -26.33 27.45
CA HIS C 293 8.69 -26.32 27.54
C HIS C 293 7.55 -25.44 27.01
C HIS C 293 7.52 -25.46 27.06
N SER C 294 6.66 -26.03 26.22
CA SER C 294 5.37 -25.42 25.89
C SER C 294 4.49 -26.50 25.27
N ILE C 295 3.19 -26.38 25.53
CA ILE C 295 2.18 -27.21 24.85
C ILE C 295 2.20 -26.94 23.34
N ALA C 296 2.51 -25.69 22.97
CA ALA C 296 2.61 -25.30 21.57
C ALA C 296 3.99 -25.72 21.04
N PRO C 297 4.03 -26.67 20.09
CA PRO C 297 5.34 -27.15 19.62
C PRO C 297 6.21 -26.08 18.95
N GLY C 298 5.57 -25.07 18.39
CA GLY C 298 6.25 -23.95 17.73
C GLY C 298 6.86 -22.89 18.61
N LEU C 299 6.57 -22.90 19.91
CA LEU C 299 7.21 -21.96 20.83
C LEU C 299 8.37 -22.64 21.56
N ASP C 300 9.19 -23.35 20.78
CA ASP C 300 10.26 -24.19 21.33
C ASP C 300 11.66 -23.61 21.20
N TYR C 301 11.86 -22.57 20.39
CA TYR C 301 13.19 -21.96 20.28
C TYR C 301 13.59 -21.35 21.64
N PRO C 302 14.75 -21.76 22.20
CA PRO C 302 15.07 -21.31 23.56
C PRO C 302 15.59 -19.86 23.69
N GLY C 303 15.66 -19.15 22.58
CA GLY C 303 15.95 -17.72 22.59
C GLY C 303 14.85 -16.92 21.93
N VAL C 304 15.21 -15.72 21.49
CA VAL C 304 14.28 -14.80 20.84
C VAL C 304 15.08 -13.87 19.95
N GLY C 305 14.43 -13.33 18.93
CA GLY C 305 15.09 -12.45 17.96
C GLY C 305 15.58 -11.15 18.60
N PRO C 306 16.73 -10.64 18.12
CA PRO C 306 17.32 -9.44 18.71
C PRO C 306 16.47 -8.17 18.57
N GLU C 307 15.65 -8.09 17.51
CA GLU C 307 14.77 -6.93 17.33
C GLU C 307 13.68 -6.87 18.41
N HIS C 308 13.21 -8.03 18.88
CA HIS C 308 12.30 -8.08 20.05
C HIS C 308 12.99 -7.67 21.35
N ALA C 309 14.23 -8.10 21.54
CA ALA C 309 15.02 -7.69 22.71
C ALA C 309 15.14 -6.17 22.75
N TYR C 310 15.41 -5.57 21.60
CA TYR C 310 15.49 -4.12 21.43
C TYR C 310 14.16 -3.41 21.72
N LEU C 311 13.07 -3.89 21.12
CA LEU C 311 11.73 -3.31 21.32
C LEU C 311 11.30 -3.32 22.79
N LYS C 312 11.64 -4.40 23.50
CA LYS C 312 11.42 -4.49 24.95
C LYS C 312 12.26 -3.46 25.70
N LYS C 313 13.54 -3.37 25.33
CA LYS C 313 14.49 -2.43 25.96
C LYS C 313 14.02 -0.98 25.91
N ILE C 314 13.59 -0.53 24.72
CA ILE C 314 13.07 0.84 24.54
C ILE C 314 11.57 1.00 24.89
N GLN C 315 10.94 -0.07 25.37
CA GLN C 315 9.54 -0.08 25.81
C GLN C 315 8.53 0.27 24.70
N ARG C 316 8.87 -0.06 23.46
CA ARG C 316 7.95 0.11 22.34
C ARG C 316 6.91 -1.01 22.33
N ALA C 317 7.32 -2.21 22.73
CA ALA C 317 6.42 -3.34 22.88
C ALA C 317 6.52 -3.94 24.28
N GLU C 318 5.40 -4.48 24.76
CA GLU C 318 5.29 -5.16 26.04
C GLU C 318 5.32 -6.66 25.78
N TYR C 319 6.02 -7.42 26.63
CA TYR C 319 6.04 -8.88 26.50
C TYR C 319 5.47 -9.56 27.75
N VAL C 320 4.54 -10.47 27.49
CA VAL C 320 3.79 -11.17 28.53
C VAL C 320 3.90 -12.66 28.27
N ALA C 321 3.36 -13.46 29.19
CA ALA C 321 3.33 -14.91 29.03
C ALA C 321 1.92 -15.45 29.31
N VAL C 322 1.62 -16.55 28.63
CA VAL C 322 0.36 -17.28 28.77
C VAL C 322 0.75 -18.74 29.00
N THR C 323 0.10 -19.39 29.98
CA THR C 323 0.42 -20.78 30.32
C THR C 323 -0.18 -21.76 29.31
N ASP C 324 0.29 -23.02 29.38
CA ASP C 324 -0.27 -24.13 28.61
C ASP C 324 -1.79 -24.23 28.78
N GLU C 325 -2.22 -24.19 30.04
CA GLU C 325 -3.64 -24.29 30.39
C GLU C 325 -4.47 -23.19 29.74
N GLU C 326 -3.97 -21.96 29.81
CA GLU C 326 -4.65 -20.80 29.21
C GLU C 326 -4.72 -20.88 27.68
N ALA C 327 -3.63 -21.31 27.06
CA ALA C 327 -3.60 -21.49 25.61
C ALA C 327 -4.60 -22.57 25.16
N LEU C 328 -4.64 -23.68 25.89
CA LEU C 328 -5.57 -24.78 25.58
C LEU C 328 -7.03 -24.33 25.73
N LYS C 329 -7.33 -23.60 26.80
CA LYS C 329 -8.67 -23.00 26.98
C LYS C 329 -9.05 -22.13 25.78
N ALA C 330 -8.12 -21.30 25.32
CA ALA C 330 -8.36 -20.44 24.16
C ALA C 330 -8.52 -21.23 22.86
N PHE C 331 -7.76 -22.31 22.69
CA PHE C 331 -7.90 -23.21 21.55
C PHE C 331 -9.34 -23.72 21.45
N HIS C 332 -9.85 -24.27 22.56
CA HIS C 332 -11.24 -24.74 22.62
C HIS C 332 -12.26 -23.61 22.44
N GLU C 333 -12.01 -22.47 23.07
CA GLU C 333 -12.94 -21.34 23.05
C GLU C 333 -13.15 -20.78 21.64
N LEU C 334 -12.05 -20.56 20.92
CA LEU C 334 -12.14 -20.01 19.55
C LEU C 334 -12.82 -20.99 18.59
N SER C 335 -12.52 -22.29 18.75
CA SER C 335 -13.15 -23.34 17.95
C SER C 335 -14.68 -23.34 18.12
N ARG C 336 -15.15 -23.32 19.38
CA ARG C 336 -16.58 -23.33 19.70
C ARG C 336 -17.32 -22.06 19.30
N THR C 337 -16.67 -20.93 19.53
CA THR C 337 -17.32 -19.61 19.46
C THR C 337 -17.31 -19.03 18.04
N GLU C 338 -16.22 -19.24 17.30
CA GLU C 338 -16.05 -18.66 15.96
C GLU C 338 -15.87 -19.66 14.82
N GLY C 339 -15.86 -20.96 15.11
CA GLY C 339 -15.62 -21.97 14.10
C GLY C 339 -14.25 -21.90 13.44
N ILE C 340 -13.24 -21.46 14.21
CA ILE C 340 -11.84 -21.39 13.75
C ILE C 340 -10.99 -22.17 14.74
N ILE C 341 -10.34 -23.23 14.28
CA ILE C 341 -9.43 -24.00 15.11
C ILE C 341 -8.03 -23.41 14.93
N PRO C 342 -7.51 -22.71 15.95
CA PRO C 342 -6.22 -22.03 15.81
C PRO C 342 -5.07 -22.96 16.13
N ALA C 343 -3.88 -22.61 15.65
CA ALA C 343 -2.65 -23.27 16.08
C ALA C 343 -2.45 -23.02 17.57
N LEU C 344 -1.84 -23.98 18.27
CA LEU C 344 -1.59 -23.81 19.72
C LEU C 344 -0.66 -22.63 20.02
N GLU C 345 0.22 -22.29 19.07
CA GLU C 345 1.09 -21.11 19.19
C GLU C 345 0.20 -19.88 19.20
N SER C 346 -0.64 -19.77 18.16
CA SER C 346 -1.61 -18.67 18.02
C SER C 346 -2.57 -18.59 19.19
N ALA C 347 -2.96 -19.74 19.75
CA ALA C 347 -3.85 -19.78 20.91
C ALA C 347 -3.30 -19.03 22.14
N HIS C 348 -1.97 -18.93 22.26
CA HIS C 348 -1.35 -18.09 23.28
C HIS C 348 -1.70 -16.62 23.09
N ALA C 349 -1.61 -16.12 21.86
CA ALA C 349 -2.02 -14.75 21.55
C ALA C 349 -3.53 -14.53 21.78
N VAL C 350 -4.34 -15.50 21.38
CA VAL C 350 -5.80 -15.43 21.59
C VAL C 350 -6.11 -15.37 23.09
N ALA C 351 -5.48 -16.26 23.87
CA ALA C 351 -5.70 -16.31 25.32
C ALA C 351 -5.44 -14.97 26.00
N TYR C 352 -4.31 -14.34 25.64
CA TYR C 352 -3.98 -13.04 26.22
C TYR C 352 -4.95 -11.93 25.79
N ALA C 353 -5.32 -11.91 24.51
CA ALA C 353 -6.30 -10.94 24.00
C ALA C 353 -7.67 -11.04 24.70
N MET C 354 -8.10 -12.26 25.01
CA MET C 354 -9.36 -12.49 25.74
C MET C 354 -9.31 -11.90 27.15
N LYS C 355 -8.16 -12.10 27.81
CA LYS C 355 -7.87 -11.50 29.12
C LYS C 355 -7.81 -9.97 29.04
N LEU C 356 -7.08 -9.45 28.05
CA LEU C 356 -6.90 -8.02 27.86
C LEU C 356 -8.19 -7.28 27.46
N ALA C 357 -8.99 -7.89 26.58
CA ALA C 357 -10.22 -7.28 26.06
C ALA C 357 -11.25 -6.98 27.14
N LYS C 358 -11.38 -7.88 28.11
CA LYS C 358 -12.35 -7.77 29.21
C LYS C 358 -12.25 -6.44 29.97
N GLU C 359 -11.02 -5.95 30.12
CA GLU C 359 -10.72 -4.67 30.79
C GLU C 359 -11.18 -3.47 29.96
N MET C 360 -10.97 -3.56 28.66
CA MET C 360 -11.10 -2.44 27.74
C MET C 360 -12.54 -2.09 27.36
N SER C 361 -12.71 -0.90 26.81
CA SER C 361 -14.02 -0.41 26.36
C SER C 361 -14.40 -1.01 25.02
N ARG C 362 -15.69 -0.97 24.71
CA ARG C 362 -16.23 -1.65 23.53
C ARG C 362 -15.94 -0.92 22.20
N ASP C 363 -15.52 0.35 22.26
CA ASP C 363 -15.00 1.08 21.08
C ASP C 363 -13.51 0.81 20.77
N GLU C 364 -12.80 0.17 21.69
CA GLU C 364 -11.37 -0.12 21.52
C GLU C 364 -11.18 -1.42 20.73
N ILE C 365 -10.06 -1.48 20.00
CA ILE C 365 -9.81 -2.55 19.03
C ILE C 365 -8.52 -3.29 19.34
N ILE C 366 -8.61 -4.63 19.34
CA ILE C 366 -7.43 -5.49 19.41
C ILE C 366 -7.37 -6.28 18.10
N ILE C 367 -6.19 -6.30 17.46
CA ILE C 367 -5.89 -7.27 16.39
C ILE C 367 -5.00 -8.38 16.97
N VAL C 368 -5.45 -9.63 16.82
CA VAL C 368 -4.68 -10.82 17.19
C VAL C 368 -4.14 -11.43 15.90
N ASN C 369 -2.84 -11.67 15.84
CA ASN C 369 -2.26 -12.39 14.70
C ASN C 369 -2.48 -13.89 14.90
N LEU C 370 -3.32 -14.48 14.05
CA LEU C 370 -3.61 -15.91 14.13
C LEU C 370 -2.58 -16.58 13.23
N SER C 371 -1.42 -16.90 13.81
CA SER C 371 -0.24 -17.29 13.04
C SER C 371 -0.41 -18.59 12.25
N GLY C 372 -1.28 -19.49 12.72
CA GLY C 372 -1.60 -20.71 11.98
C GLY C 372 -2.91 -21.38 12.37
N ARG C 373 -3.26 -22.40 11.61
CA ARG C 373 -4.42 -23.26 11.91
C ARG C 373 -4.01 -24.42 12.79
N GLY C 374 -4.99 -25.00 13.47
CA GLY C 374 -4.77 -26.03 14.48
C GLY C 374 -4.91 -27.48 14.05
N ASP C 375 -5.07 -27.72 12.75
CA ASP C 375 -5.17 -29.09 12.22
C ASP C 375 -3.95 -29.93 12.62
N LYS C 376 -2.77 -29.33 12.48
CA LYS C 376 -1.49 -29.93 12.90
C LYS C 376 -1.44 -30.34 14.39
N ASP C 377 -2.16 -29.62 15.24
CA ASP C 377 -2.16 -29.82 16.70
C ASP C 377 -3.25 -30.75 17.24
N LEU C 378 -4.10 -31.31 16.38
CA LEU C 378 -5.26 -32.08 16.86
C LEU C 378 -4.85 -33.32 17.67
N ASP C 379 -3.75 -33.97 17.30
CA ASP C 379 -3.22 -35.10 18.07
C ASP C 379 -2.79 -34.72 19.50
N ILE C 380 -2.06 -33.61 19.62
CA ILE C 380 -1.65 -33.08 20.93
C ILE C 380 -2.87 -32.82 21.81
N VAL C 381 -3.86 -32.12 21.25
CA VAL C 381 -5.06 -31.72 21.99
C VAL C 381 -5.90 -32.95 22.36
N LEU C 382 -5.94 -33.94 21.46
CA LEU C 382 -6.66 -35.19 21.74
C LEU C 382 -6.02 -35.98 22.90
N LYS C 383 -4.70 -36.10 22.89
CA LYS C 383 -3.96 -36.80 23.96
C LYS C 383 -4.06 -36.08 25.31
N VAL C 384 -4.01 -34.75 25.28
CA VAL C 384 -4.16 -33.93 26.48
C VAL C 384 -5.61 -33.96 26.98
N SER C 385 -6.55 -33.59 26.11
CA SER C 385 -7.98 -33.59 26.45
C SER C 385 -8.54 -35.01 26.33
N MET D 1 -37.10 -27.72 -10.64
CA MET D 1 -37.23 -29.14 -10.13
C MET D 1 -36.54 -30.15 -11.05
N TRP D 2 -36.81 -30.03 -12.35
CA TRP D 2 -36.35 -30.97 -13.36
C TRP D 2 -35.18 -30.42 -14.17
N PHE D 3 -34.19 -31.28 -14.39
CA PHE D 3 -33.12 -31.05 -15.35
C PHE D 3 -33.31 -32.14 -16.41
N GLY D 4 -34.12 -31.82 -17.42
CA GLY D 4 -34.57 -32.81 -18.39
C GLY D 4 -35.37 -33.90 -17.69
N GLU D 5 -34.90 -35.14 -17.80
CA GLU D 5 -35.56 -36.31 -17.19
C GLU D 5 -35.06 -36.65 -15.76
N PHE D 6 -34.30 -35.75 -15.13
CA PHE D 6 -33.68 -36.00 -13.83
C PHE D 6 -34.00 -34.92 -12.81
N GLY D 7 -34.15 -35.32 -11.54
CA GLY D 7 -34.44 -34.40 -10.44
C GLY D 7 -35.71 -34.83 -9.74
N GLY D 8 -36.65 -33.90 -9.56
CA GLY D 8 -37.92 -34.20 -8.92
C GLY D 8 -37.94 -33.95 -7.42
N GLN D 9 -39.00 -34.47 -6.79
CA GLN D 9 -39.24 -34.26 -5.36
C GLN D 9 -40.01 -35.46 -4.83
N TYR D 10 -39.34 -36.61 -4.83
CA TYR D 10 -39.93 -37.90 -4.47
C TYR D 10 -39.88 -38.14 -2.96
N VAL D 11 -40.77 -37.46 -2.25
CA VAL D 11 -40.82 -37.52 -0.79
C VAL D 11 -42.24 -37.78 -0.31
N PRO D 12 -42.40 -38.31 0.92
CA PRO D 12 -43.74 -38.41 1.50
C PRO D 12 -44.34 -37.04 1.78
N GLU D 13 -45.65 -37.02 2.00
CA GLU D 13 -46.41 -35.77 2.19
C GLU D 13 -45.86 -34.92 3.33
N THR D 14 -45.35 -35.58 4.38
CA THR D 14 -44.74 -34.90 5.53
C THR D 14 -43.50 -34.04 5.21
N LEU D 15 -42.79 -34.37 4.14
CA LEU D 15 -41.64 -33.57 3.67
C LEU D 15 -42.00 -32.46 2.68
N ILE D 16 -43.21 -32.49 2.12
CA ILE D 16 -43.64 -31.53 1.09
C ILE D 16 -43.78 -30.12 1.68
N GLY D 17 -44.35 -30.04 2.89
CA GLY D 17 -44.47 -28.78 3.62
C GLY D 17 -43.13 -28.10 3.88
N PRO D 18 -42.22 -28.80 4.61
CA PRO D 18 -40.87 -28.30 4.88
C PRO D 18 -40.09 -27.87 3.62
N LEU D 19 -40.14 -28.68 2.57
CA LEU D 19 -39.49 -28.35 1.30
C LEU D 19 -40.10 -27.15 0.58
N LYS D 20 -41.43 -27.02 0.69
CA LYS D 20 -42.16 -25.90 0.07
C LYS D 20 -41.72 -24.55 0.64
N GLU D 21 -41.72 -24.44 1.96
CA GLU D 21 -41.31 -23.20 2.62
C GLU D 21 -39.78 -23.00 2.66
N LEU D 22 -39.01 -24.05 2.37
CA LEU D 22 -37.58 -23.90 2.07
C LEU D 22 -37.41 -23.23 0.70
N GLU D 23 -38.19 -23.66 -0.29
CA GLU D 23 -38.15 -23.05 -1.62
C GLU D 23 -38.64 -21.61 -1.59
N LYS D 24 -39.72 -21.35 -0.86
CA LYS D 24 -40.26 -20.00 -0.67
C LYS D 24 -39.24 -19.08 0.00
N ALA D 25 -38.60 -19.57 1.06
CA ALA D 25 -37.56 -18.84 1.76
C ALA D 25 -36.35 -18.55 0.85
N TYR D 26 -35.93 -19.56 0.08
CA TYR D 26 -34.80 -19.39 -0.83
C TYR D 26 -35.07 -18.39 -1.95
N LYS D 27 -36.24 -18.49 -2.59
CA LYS D 27 -36.62 -17.54 -3.66
C LYS D 27 -36.65 -16.10 -3.14
N ARG D 28 -37.12 -15.92 -1.91
CA ARG D 28 -37.16 -14.62 -1.26
C ARG D 28 -35.77 -14.04 -0.97
N PHE D 29 -34.88 -14.87 -0.40
CA PHE D 29 -33.59 -14.38 0.12
C PHE D 29 -32.41 -14.46 -0.85
N LYS D 30 -32.49 -15.31 -1.89
CA LYS D 30 -31.35 -15.52 -2.80
C LYS D 30 -30.80 -14.24 -3.46
N ASP D 31 -31.70 -13.32 -3.82
CA ASP D 31 -31.33 -12.03 -4.43
C ASP D 31 -31.53 -10.84 -3.47
N ASP D 32 -31.82 -11.10 -2.20
CA ASP D 32 -32.00 -10.05 -1.20
C ASP D 32 -30.67 -9.36 -0.94
N GLU D 33 -30.71 -8.04 -0.77
CA GLU D 33 -29.50 -7.23 -0.59
C GLU D 33 -28.78 -7.56 0.71
N GLU D 34 -29.55 -7.66 1.80
CA GLU D 34 -28.99 -7.88 3.13
C GLU D 34 -28.46 -9.30 3.31
N PHE D 35 -29.20 -10.29 2.79
CA PHE D 35 -28.73 -11.67 2.80
C PHE D 35 -27.41 -11.82 2.05
N ASN D 36 -27.35 -11.26 0.84
CA ASN D 36 -26.13 -11.29 0.02
C ASN D 36 -24.97 -10.50 0.62
N ARG D 37 -25.28 -9.38 1.28
CA ARG D 37 -24.25 -8.61 2.00
C ARG D 37 -23.61 -9.45 3.11
N GLN D 38 -24.44 -10.10 3.92
CA GLN D 38 -23.95 -10.95 5.01
C GLN D 38 -23.21 -12.18 4.48
N LEU D 39 -23.75 -12.80 3.44
CA LEU D 39 -23.10 -13.97 2.82
C LEU D 39 -21.72 -13.65 2.26
N ASN D 40 -21.63 -12.58 1.47
CA ASN D 40 -20.35 -12.15 0.88
C ASN D 40 -19.34 -11.68 1.94
N TYR D 41 -19.84 -11.08 3.02
CA TYR D 41 -19.02 -10.69 4.17
C TYR D 41 -18.36 -11.89 4.83
N TYR D 42 -19.16 -12.92 5.14
CA TYR D 42 -18.63 -14.14 5.75
C TYR D 42 -17.70 -14.90 4.81
N LEU D 43 -18.08 -14.98 3.53
CA LEU D 43 -17.21 -15.62 2.52
C LEU D 43 -15.85 -14.91 2.41
N LYS D 44 -15.85 -13.59 2.47
CA LYS D 44 -14.61 -12.82 2.39
C LYS D 44 -13.79 -12.91 3.67
N THR D 45 -14.35 -12.46 4.78
CA THR D 45 -13.59 -12.23 6.01
C THR D 45 -13.32 -13.49 6.84
N TRP D 46 -14.20 -14.49 6.73
CA TRP D 46 -14.10 -15.72 7.51
C TRP D 46 -13.59 -16.88 6.68
N ALA D 47 -14.16 -17.07 5.50
CA ALA D 47 -13.76 -18.16 4.59
C ALA D 47 -12.52 -17.81 3.75
N GLY D 48 -12.26 -16.53 3.52
CA GLY D 48 -11.08 -16.10 2.76
C GLY D 48 -11.24 -16.12 1.24
N ARG D 49 -12.47 -15.95 0.77
CA ARG D 49 -12.72 -15.82 -0.66
C ARG D 49 -12.31 -14.41 -1.11
N PRO D 50 -11.83 -14.27 -2.35
CA PRO D 50 -11.68 -15.30 -3.37
C PRO D 50 -10.45 -16.19 -3.16
N THR D 51 -10.56 -17.44 -3.59
CA THR D 51 -9.40 -18.30 -3.67
C THR D 51 -8.67 -18.01 -4.98
N PRO D 52 -7.34 -18.23 -5.01
CA PRO D 52 -6.60 -17.93 -6.23
C PRO D 52 -6.75 -18.98 -7.31
N LEU D 53 -6.44 -18.58 -8.54
CA LEU D 53 -6.28 -19.49 -9.66
C LEU D 53 -4.78 -19.56 -9.90
N TYR D 54 -4.21 -20.76 -9.79
CA TYR D 54 -2.77 -20.96 -9.81
C TYR D 54 -2.34 -21.68 -11.09
N TYR D 55 -1.36 -21.11 -11.79
CA TYR D 55 -0.76 -21.76 -12.96
C TYR D 55 0.31 -22.76 -12.49
N ALA D 56 0.02 -24.05 -12.67
CA ALA D 56 0.96 -25.12 -12.29
C ALA D 56 2.02 -25.28 -13.38
N LYS D 57 3.01 -24.38 -13.34
CA LYS D 57 4.04 -24.28 -14.38
C LYS D 57 4.96 -25.50 -14.45
N ARG D 58 5.40 -26.00 -13.29
CA ARG D 58 6.29 -27.18 -13.25
C ARG D 58 5.57 -28.45 -13.72
N LEU D 59 4.34 -28.64 -13.29
CA LEU D 59 3.53 -29.77 -13.75
C LEU D 59 3.26 -29.70 -15.26
N THR D 60 2.93 -28.49 -15.73
CA THR D 60 2.70 -28.24 -17.15
C THR D 60 3.92 -28.62 -18.00
N GLU D 61 5.10 -28.16 -17.59
CA GLU D 61 6.35 -28.43 -18.33
C GLU D 61 6.77 -29.90 -18.30
N LYS D 62 6.56 -30.58 -17.17
CA LYS D 62 6.91 -32.00 -17.04
C LYS D 62 6.12 -32.88 -18.00
N ILE D 63 4.82 -32.60 -18.10
CA ILE D 63 3.93 -33.32 -19.03
C ILE D 63 4.24 -32.90 -20.47
N GLY D 64 4.51 -31.62 -20.68
CA GLY D 64 4.91 -31.09 -21.99
C GLY D 64 3.77 -30.90 -22.96
N GLY D 65 2.58 -30.59 -22.43
CA GLY D 65 1.38 -30.39 -23.24
C GLY D 65 0.67 -29.11 -22.85
N ALA D 66 -0.65 -29.20 -22.66
CA ALA D 66 -1.46 -28.01 -22.34
C ALA D 66 -1.16 -27.44 -20.96
N LYS D 67 -1.52 -26.17 -20.78
CA LYS D 67 -1.37 -25.48 -19.51
C LYS D 67 -2.37 -26.02 -18.49
N VAL D 68 -1.88 -26.30 -17.28
CA VAL D 68 -2.72 -26.78 -16.18
C VAL D 68 -2.83 -25.67 -15.14
N TYR D 69 -4.04 -25.10 -15.01
CA TYR D 69 -4.37 -24.14 -13.96
C TYR D 69 -5.15 -24.87 -12.86
N LEU D 70 -4.92 -24.46 -11.61
CA LEU D 70 -5.59 -25.05 -10.45
C LEU D 70 -6.41 -23.99 -9.74
N LYS D 71 -7.73 -24.19 -9.68
CA LYS D 71 -8.61 -23.35 -8.89
C LYS D 71 -8.49 -23.82 -7.43
N ARG D 72 -8.01 -22.92 -6.57
CA ARG D 72 -7.47 -23.33 -5.26
C ARG D 72 -8.49 -23.34 -4.12
N GLU D 73 -9.53 -24.17 -4.25
CA GLU D 73 -10.50 -24.38 -3.16
C GLU D 73 -9.89 -25.05 -1.93
N ASP D 74 -8.73 -25.68 -2.09
CA ASP D 74 -7.91 -26.15 -0.95
C ASP D 74 -7.54 -25.06 0.06
N LEU D 75 -7.57 -23.79 -0.35
CA LEU D 75 -7.25 -22.66 0.54
C LEU D 75 -8.46 -22.06 1.25
N VAL D 76 -9.68 -22.53 0.96
CA VAL D 76 -10.87 -22.03 1.66
C VAL D 76 -10.77 -22.49 3.11
N HIS D 77 -11.25 -21.67 4.03
CA HIS D 77 -11.29 -22.00 5.46
C HIS D 77 -11.99 -23.35 5.65
N GLY D 78 -11.32 -24.25 6.37
CA GLY D 78 -11.77 -25.64 6.51
C GLY D 78 -11.07 -26.61 5.58
N GLY D 79 -10.48 -26.09 4.49
CA GLY D 79 -9.67 -26.91 3.59
C GLY D 79 -10.41 -27.53 2.42
N ALA D 80 -11.67 -27.17 2.21
CA ALA D 80 -12.45 -27.68 1.09
C ALA D 80 -13.57 -26.76 0.66
N HIS D 81 -14.04 -26.97 -0.57
CA HIS D 81 -15.18 -26.22 -1.15
C HIS D 81 -16.48 -26.27 -0.33
N LYS D 82 -16.64 -27.31 0.48
CA LYS D 82 -17.86 -27.54 1.27
C LYS D 82 -18.27 -26.32 2.11
N THR D 83 -17.29 -25.55 2.56
CA THR D 83 -17.52 -24.31 3.31
C THR D 83 -18.44 -23.31 2.61
N ASN D 84 -18.35 -23.20 1.29
CA ASN D 84 -19.16 -22.21 0.54
C ASN D 84 -20.66 -22.48 0.69
N ASN D 85 -21.04 -23.74 0.51
CA ASN D 85 -22.43 -24.19 0.67
C ASN D 85 -22.84 -24.20 2.14
N ALA D 86 -21.92 -24.56 3.03
CA ALA D 86 -22.17 -24.57 4.47
C ALA D 86 -22.57 -23.19 4.98
N ILE D 87 -21.82 -22.16 4.59
CA ILE D 87 -22.12 -20.78 4.98
C ILE D 87 -23.44 -20.32 4.36
N GLY D 88 -23.62 -20.59 3.06
CA GLY D 88 -24.82 -20.19 2.33
C GLY D 88 -26.11 -20.71 2.95
N GLN D 89 -26.17 -22.02 3.18
CA GLN D 89 -27.36 -22.65 3.76
C GLN D 89 -27.54 -22.35 5.25
N ALA D 90 -26.44 -22.31 6.01
CA ALA D 90 -26.50 -21.95 7.43
C ALA D 90 -27.03 -20.53 7.64
N LEU D 91 -26.61 -19.61 6.78
CA LEU D 91 -27.12 -18.25 6.81
C LEU D 91 -28.58 -18.21 6.38
N LEU D 92 -28.94 -18.98 5.35
CA LEU D 92 -30.34 -19.11 4.93
C LEU D 92 -31.22 -19.61 6.08
N ALA D 93 -30.74 -20.63 6.79
CA ALA D 93 -31.43 -21.15 7.98
C ALA D 93 -31.61 -20.08 9.06
N LYS D 94 -30.55 -19.30 9.29
CA LYS D 94 -30.60 -18.18 10.25
C LYS D 94 -31.61 -17.12 9.83
N PHE D 95 -31.62 -16.77 8.54
CA PHE D 95 -32.62 -15.83 7.99
C PHE D 95 -34.06 -16.35 8.05
N MET D 96 -34.23 -17.67 8.00
CA MET D 96 -35.53 -18.33 8.22
C MET D 96 -35.95 -18.45 9.70
N GLY D 97 -35.11 -17.99 10.63
CA GLY D 97 -35.41 -18.08 12.07
C GLY D 97 -35.11 -19.43 12.70
N LYS D 98 -34.30 -20.25 12.03
CA LYS D 98 -33.95 -21.58 12.55
C LYS D 98 -32.81 -21.44 13.57
N THR D 99 -32.81 -22.32 14.57
CA THR D 99 -31.80 -22.34 15.64
C THR D 99 -30.85 -23.55 15.58
N ARG D 100 -31.18 -24.54 14.74
CA ARG D 100 -30.45 -25.81 14.71
C ARG D 100 -30.12 -26.19 13.27
N LEU D 101 -28.91 -26.73 13.06
CA LEU D 101 -28.50 -27.30 11.79
C LEU D 101 -28.32 -28.80 11.97
N ILE D 102 -28.77 -29.57 10.98
CA ILE D 102 -28.39 -30.96 10.87
C ILE D 102 -27.75 -31.19 9.50
N ALA D 103 -26.86 -32.16 9.43
CA ALA D 103 -26.17 -32.46 8.16
C ALA D 103 -25.64 -33.89 8.15
N GLU D 104 -25.72 -34.51 6.99
CA GLU D 104 -25.08 -35.79 6.73
C GLU D 104 -23.60 -35.54 6.49
N THR D 105 -22.77 -36.55 6.74
CA THR D 105 -21.41 -36.52 6.23
C THR D 105 -20.86 -37.93 6.05
N GLY D 106 -20.04 -38.09 5.03
CA GLY D 106 -19.38 -39.35 4.72
C GLY D 106 -17.91 -39.25 5.10
N ALA D 107 -17.17 -38.47 4.33
CA ALA D 107 -15.75 -38.21 4.59
C ALA D 107 -15.51 -37.41 5.87
N GLY D 108 -16.51 -36.64 6.30
CA GLY D 108 -16.41 -35.79 7.48
C GLY D 108 -16.22 -34.32 7.12
N GLN D 109 -15.85 -34.04 5.88
CA GLN D 109 -15.52 -32.67 5.46
C GLN D 109 -16.74 -31.74 5.49
N HIS D 110 -17.89 -32.23 5.00
CA HIS D 110 -19.13 -31.48 5.08
C HIS D 110 -19.61 -31.34 6.53
N GLY D 111 -19.41 -32.39 7.33
CA GLY D 111 -19.71 -32.36 8.76
C GLY D 111 -18.93 -31.29 9.50
N VAL D 112 -17.63 -31.24 9.21
CA VAL D 112 -16.74 -30.20 9.75
C VAL D 112 -17.20 -28.81 9.27
N ALA D 113 -17.47 -28.69 7.97
CA ALA D 113 -17.89 -27.41 7.37
C ALA D 113 -19.19 -26.88 7.99
N THR D 114 -20.16 -27.77 8.19
CA THR D 114 -21.43 -27.44 8.86
C THR D 114 -21.19 -27.04 10.30
N ALA D 115 -20.35 -27.80 11.01
CA ALA D 115 -19.98 -27.48 12.40
C ALA D 115 -19.33 -26.11 12.51
N MET D 116 -18.44 -25.79 11.57
CA MET D 116 -17.77 -24.48 11.54
C MET D 116 -18.77 -23.34 11.31
N ALA D 117 -19.63 -23.51 10.30
CA ALA D 117 -20.66 -22.52 9.96
C ALA D 117 -21.68 -22.34 11.09
N GLY D 118 -22.06 -23.45 11.73
CA GLY D 118 -22.95 -23.42 12.89
C GLY D 118 -22.35 -22.71 14.09
N ALA D 119 -21.07 -22.97 14.36
CA ALA D 119 -20.34 -22.25 15.40
C ALA D 119 -20.27 -20.76 15.08
N LEU D 120 -19.91 -20.43 13.84
CA LEU D 120 -19.86 -19.04 13.36
C LEU D 120 -21.14 -18.26 13.63
N LEU D 121 -22.28 -18.88 13.32
CA LEU D 121 -23.59 -18.22 13.39
C LEU D 121 -24.38 -18.49 14.68
N GLY D 122 -23.74 -19.17 15.64
CA GLY D 122 -24.34 -19.40 16.96
C GLY D 122 -25.53 -20.33 16.94
N MET D 123 -25.44 -21.40 16.15
CA MET D 123 -26.52 -22.36 15.98
C MET D 123 -26.08 -23.72 16.51
N LYS D 124 -27.06 -24.50 17.00
CA LYS D 124 -26.82 -25.87 17.43
C LYS D 124 -26.56 -26.75 16.21
N VAL D 125 -25.63 -27.69 16.32
CA VAL D 125 -25.28 -28.57 15.20
C VAL D 125 -25.27 -30.03 15.66
N ASP D 126 -26.07 -30.85 14.99
CA ASP D 126 -26.01 -32.31 15.11
C ASP D 126 -25.64 -32.88 13.74
N ILE D 127 -24.57 -33.69 13.69
CA ILE D 127 -24.12 -34.29 12.44
C ILE D 127 -24.43 -35.77 12.44
N TYR D 128 -25.14 -36.22 11.40
CA TYR D 128 -25.43 -37.63 11.18
C TYR D 128 -24.32 -38.24 10.33
N MET D 129 -23.75 -39.33 10.82
CA MET D 129 -22.60 -39.96 10.19
C MET D 129 -22.71 -41.46 10.40
N GLY D 130 -22.61 -42.22 9.31
CA GLY D 130 -22.61 -43.68 9.37
C GLY D 130 -21.52 -44.17 10.31
N ALA D 131 -21.86 -45.12 11.18
CA ALA D 131 -20.92 -45.63 12.20
C ALA D 131 -19.60 -46.12 11.60
N GLU D 132 -19.67 -46.74 10.42
CA GLU D 132 -18.45 -47.17 9.71
C GLU D 132 -17.60 -45.99 9.22
N ASP D 133 -18.24 -44.87 8.87
CA ASP D 133 -17.53 -43.63 8.57
C ASP D 133 -16.95 -42.96 9.82
N VAL D 134 -17.69 -42.99 10.94
CA VAL D 134 -17.22 -42.47 12.23
C VAL D 134 -15.90 -43.16 12.65
N GLU D 135 -15.86 -44.48 12.54
CA GLU D 135 -14.65 -45.25 12.84
C GLU D 135 -13.48 -44.92 11.90
N ARG D 136 -13.77 -44.69 10.63
CA ARG D 136 -12.78 -44.29 9.64
C ARG D 136 -12.22 -42.87 9.81
N GLN D 137 -13.04 -41.95 10.34
CA GLN D 137 -12.71 -40.53 10.33
C GLN D 137 -12.63 -39.95 11.75
N LYS D 138 -11.81 -40.57 12.59
CA LYS D 138 -11.63 -40.17 14.00
C LYS D 138 -11.30 -38.68 14.17
N MET D 139 -10.37 -38.17 13.36
CA MET D 139 -9.93 -36.78 13.49
C MET D 139 -10.95 -35.76 12.99
N ASN D 140 -11.67 -36.06 11.90
CA ASN D 140 -12.77 -35.19 11.45
C ASN D 140 -13.91 -35.18 12.48
N VAL D 141 -14.17 -36.34 13.09
CA VAL D 141 -15.13 -36.42 14.20
C VAL D 141 -14.65 -35.55 15.36
N PHE D 142 -13.36 -35.64 15.70
CA PHE D 142 -12.79 -34.79 16.76
C PHE D 142 -12.91 -33.30 16.44
N ARG D 143 -12.63 -32.92 15.19
CA ARG D 143 -12.81 -31.54 14.72
C ARG D 143 -14.23 -31.05 14.96
N MET D 144 -15.21 -31.86 14.55
CA MET D 144 -16.62 -31.53 14.72
C MET D 144 -16.96 -31.26 16.19
N LYS D 145 -16.49 -32.14 17.08
CA LYS D 145 -16.71 -31.98 18.53
C LYS D 145 -16.00 -30.74 19.11
N LEU D 146 -14.77 -30.46 18.65
CA LEU D 146 -14.06 -29.22 19.02
C LEU D 146 -14.83 -27.97 18.61
N LEU D 147 -15.50 -28.03 17.46
CA LEU D 147 -16.33 -26.93 16.95
C LEU D 147 -17.70 -26.81 17.63
N GLY D 148 -18.00 -27.67 18.60
CA GLY D 148 -19.23 -27.58 19.39
C GLY D 148 -20.39 -28.39 18.84
N ALA D 149 -20.17 -29.13 17.76
CA ALA D 149 -21.21 -29.96 17.15
C ALA D 149 -21.30 -31.30 17.86
N ASN D 150 -22.47 -31.92 17.75
CA ASN D 150 -22.72 -33.24 18.30
C ASN D 150 -22.70 -34.22 17.13
N VAL D 151 -21.95 -35.30 17.24
CA VAL D 151 -21.88 -36.31 16.18
C VAL D 151 -22.76 -37.49 16.57
N ILE D 152 -23.79 -37.75 15.77
CA ILE D 152 -24.72 -38.87 15.97
C ILE D 152 -24.26 -40.04 15.09
N PRO D 153 -23.76 -41.13 15.70
CA PRO D 153 -23.47 -42.31 14.88
C PRO D 153 -24.75 -42.95 14.35
N VAL D 154 -24.76 -43.32 13.07
CA VAL D 154 -25.90 -43.97 12.43
C VAL D 154 -25.59 -45.46 12.25
N ASN D 155 -26.32 -46.30 12.99
CA ASN D 155 -26.12 -47.75 13.00
C ASN D 155 -27.09 -48.52 12.11
N SER D 156 -28.04 -47.83 11.47
CA SER D 156 -29.04 -48.46 10.61
C SER D 156 -28.48 -48.74 9.21
N GLY D 157 -28.98 -49.81 8.58
CA GLY D 157 -28.58 -50.19 7.22
C GLY D 157 -27.12 -50.57 7.10
N SER D 158 -26.46 -50.06 6.07
CA SER D 158 -25.03 -50.29 5.85
C SER D 158 -24.10 -49.41 6.70
N ARG D 159 -24.67 -48.46 7.45
CA ARG D 159 -23.92 -47.56 8.35
C ARG D 159 -22.92 -46.68 7.58
N THR D 160 -23.36 -46.16 6.44
CA THR D 160 -22.54 -45.29 5.57
C THR D 160 -23.35 -44.03 5.20
N LEU D 161 -22.83 -43.22 4.29
CA LEU D 161 -23.44 -41.93 3.89
C LEU D 161 -24.92 -41.98 3.51
N LYS D 162 -25.32 -43.00 2.76
CA LYS D 162 -26.73 -43.15 2.33
C LYS D 162 -27.68 -43.32 3.52
N ASP D 163 -27.19 -43.97 4.58
CA ASP D 163 -27.97 -44.21 5.80
C ASP D 163 -28.02 -42.96 6.67
N ALA D 164 -26.93 -42.19 6.69
CA ALA D 164 -26.90 -40.90 7.38
C ALA D 164 -27.92 -39.92 6.81
N ILE D 165 -28.04 -39.90 5.47
CA ILE D 165 -29.04 -39.06 4.80
C ILE D 165 -30.47 -39.51 5.19
N ASN D 166 -30.71 -40.81 5.21
CA ASN D 166 -32.02 -41.36 5.61
C ASN D 166 -32.40 -40.94 7.03
N GLU D 167 -31.46 -41.05 7.97
CA GLU D 167 -31.67 -40.64 9.37
C GLU D 167 -31.84 -39.12 9.51
N ALA D 168 -31.10 -38.35 8.72
CA ALA D 168 -31.21 -36.88 8.73
C ALA D 168 -32.59 -36.40 8.25
N LEU D 169 -33.12 -37.03 7.21
CA LEU D 169 -34.47 -36.72 6.71
C LEU D 169 -35.55 -37.01 7.74
N ARG D 170 -35.43 -38.14 8.44
CA ARG D 170 -36.36 -38.51 9.52
C ARG D 170 -36.37 -37.51 10.69
N ASP D 171 -35.18 -36.99 11.02
CA ASP D 171 -35.03 -35.91 12.01
C ASP D 171 -35.74 -34.64 11.52
N TRP D 172 -35.47 -34.27 10.27
CA TRP D 172 -35.98 -33.02 9.71
C TRP D 172 -37.50 -32.97 9.64
N VAL D 173 -38.15 -34.08 9.31
CA VAL D 173 -39.62 -34.20 9.33
C VAL D 173 -40.18 -33.81 10.71
N ALA D 174 -39.53 -34.27 11.77
CA ALA D 174 -39.94 -33.97 13.13
C ALA D 174 -39.60 -32.53 13.54
N THR D 175 -38.39 -32.08 13.21
CA THR D 175 -37.81 -30.86 13.78
C THR D 175 -37.72 -29.63 12.86
N PHE D 176 -38.30 -29.70 11.65
CA PHE D 176 -38.12 -28.65 10.62
C PHE D 176 -38.49 -27.21 11.01
N GLU D 177 -39.41 -27.04 11.96
CA GLU D 177 -39.83 -25.70 12.41
C GLU D 177 -38.67 -24.88 12.98
N TYR D 178 -37.75 -25.54 13.69
CA TYR D 178 -36.55 -24.89 14.25
C TYR D 178 -35.21 -25.42 13.70
N THR D 179 -35.25 -26.45 12.85
CA THR D 179 -34.05 -27.09 12.31
C THR D 179 -34.02 -27.02 10.78
N HIS D 180 -32.84 -26.71 10.24
CA HIS D 180 -32.59 -26.77 8.81
C HIS D 180 -31.69 -27.96 8.50
N TYR D 181 -32.10 -28.79 7.54
CA TYR D 181 -31.25 -29.89 7.08
C TYR D 181 -30.29 -29.35 6.02
N LEU D 182 -29.01 -29.30 6.39
CA LEU D 182 -27.96 -28.73 5.55
C LEU D 182 -27.32 -29.84 4.70
N ILE D 183 -27.90 -30.07 3.53
CA ILE D 183 -27.40 -31.08 2.58
C ILE D 183 -26.09 -30.58 1.95
N GLY D 184 -25.14 -31.49 1.80
CA GLY D 184 -23.76 -31.15 1.44
C GLY D 184 -23.39 -31.23 -0.02
N SER D 185 -24.26 -31.82 -0.85
CA SER D 185 -24.00 -31.92 -2.28
C SER D 185 -25.23 -31.54 -3.10
N VAL D 186 -25.08 -31.55 -4.42
CA VAL D 186 -26.17 -31.21 -5.35
C VAL D 186 -27.15 -32.37 -5.53
N VAL D 187 -27.66 -32.87 -4.41
CA VAL D 187 -28.45 -34.09 -4.35
C VAL D 187 -29.69 -33.83 -3.49
N GLY D 188 -30.58 -34.82 -3.48
CA GLY D 188 -31.79 -34.74 -2.67
C GLY D 188 -32.96 -34.16 -3.45
N PRO D 189 -34.12 -34.01 -2.78
CA PRO D 189 -35.28 -33.45 -3.45
C PRO D 189 -35.12 -31.96 -3.71
N HIS D 190 -35.77 -31.47 -4.76
CA HIS D 190 -35.84 -30.03 -5.04
C HIS D 190 -36.33 -29.31 -3.78
N PRO D 191 -35.76 -28.13 -3.44
CA PRO D 191 -34.79 -27.31 -4.17
C PRO D 191 -33.29 -27.51 -3.88
N TYR D 192 -32.91 -28.62 -3.23
CA TYR D 192 -31.52 -28.78 -2.78
C TYR D 192 -30.46 -28.83 -3.88
N PRO D 193 -30.70 -29.59 -4.97
CA PRO D 193 -29.73 -29.58 -6.09
C PRO D 193 -29.45 -28.19 -6.66
N THR D 194 -30.49 -27.38 -6.81
CA THR D 194 -30.36 -26.00 -7.27
C THR D 194 -29.66 -25.11 -6.23
N ILE D 195 -30.09 -25.20 -4.96
CA ILE D 195 -29.52 -24.36 -3.89
C ILE D 195 -28.02 -24.58 -3.74
N VAL D 196 -27.61 -25.84 -3.68
CA VAL D 196 -26.20 -26.18 -3.44
C VAL D 196 -25.33 -25.73 -4.62
N ARG D 197 -25.82 -25.95 -5.85
CA ARG D 197 -25.12 -25.47 -7.05
C ARG D 197 -25.00 -23.94 -7.08
N ASP D 198 -26.05 -23.24 -6.66
CA ASP D 198 -26.02 -21.78 -6.60
C ASP D 198 -24.99 -21.27 -5.58
N PHE D 199 -24.92 -21.91 -4.41
CA PHE D 199 -23.93 -21.53 -3.39
C PHE D 199 -22.48 -21.94 -3.72
N GLN D 200 -22.31 -22.89 -4.64
CA GLN D 200 -20.97 -23.25 -5.12
C GLN D 200 -20.58 -22.55 -6.42
N SER D 201 -21.54 -21.89 -7.08
CA SER D 201 -21.28 -21.18 -8.36
C SER D 201 -20.22 -20.09 -8.29
N VAL D 202 -20.01 -19.50 -7.11
CA VAL D 202 -18.90 -18.57 -6.86
C VAL D 202 -17.53 -19.08 -7.32
N ILE D 203 -17.31 -20.40 -7.22
CA ILE D 203 -16.04 -21.00 -7.67
C ILE D 203 -15.82 -20.71 -9.16
N GLY D 204 -16.85 -20.96 -9.96
CA GLY D 204 -16.78 -20.74 -11.41
C GLY D 204 -16.74 -19.28 -11.83
N ARG D 205 -17.48 -18.42 -11.13
CA ARG D 205 -17.46 -16.99 -11.43
C ARG D 205 -16.08 -16.38 -11.18
N GLU D 206 -15.47 -16.75 -10.05
CA GLU D 206 -14.08 -16.36 -9.78
C GLU D 206 -13.12 -16.92 -10.83
N ALA D 207 -13.23 -18.22 -11.10
CA ALA D 207 -12.36 -18.89 -12.06
C ALA D 207 -12.42 -18.25 -13.44
N LYS D 208 -13.61 -17.85 -13.87
CA LYS D 208 -13.80 -17.19 -15.16
C LYS D 208 -13.06 -15.85 -15.19
N ALA D 209 -13.31 -15.02 -14.18
CA ALA D 209 -12.66 -13.70 -14.07
C ALA D 209 -11.14 -13.84 -14.00
N GLN D 210 -10.67 -14.83 -13.24
CA GLN D 210 -9.23 -15.05 -13.03
C GLN D 210 -8.50 -15.58 -14.26
N ILE D 211 -9.13 -16.48 -15.03
CA ILE D 211 -8.52 -16.99 -16.27
C ILE D 211 -8.56 -15.95 -17.40
N LEU D 212 -9.62 -15.15 -17.45
CA LEU D 212 -9.66 -13.98 -18.37
C LEU D 212 -8.58 -12.95 -18.02
N GLU D 213 -8.33 -12.77 -16.73
CA GLU D 213 -7.23 -11.91 -16.26
C GLU D 213 -5.87 -12.52 -16.60
N ALA D 214 -5.73 -13.82 -16.35
CA ALA D 214 -4.45 -14.52 -16.51
C ALA D 214 -4.07 -14.80 -17.97
N GLU D 215 -5.05 -15.14 -18.80
CA GLU D 215 -4.80 -15.57 -20.19
C GLU D 215 -5.50 -14.78 -21.30
N GLY D 216 -6.40 -13.85 -20.94
CA GLY D 216 -7.16 -13.09 -21.93
C GLY D 216 -8.21 -13.86 -22.71
N GLN D 217 -8.59 -15.05 -22.22
CA GLN D 217 -9.58 -15.90 -22.88
C GLN D 217 -10.11 -16.98 -21.94
N LEU D 218 -11.21 -17.60 -22.35
CA LEU D 218 -11.81 -18.71 -21.60
C LEU D 218 -10.96 -19.97 -21.75
N PRO D 219 -11.09 -20.94 -20.82
CA PRO D 219 -10.28 -22.15 -20.92
C PRO D 219 -10.85 -23.12 -21.96
N ASP D 220 -9.99 -24.02 -22.45
CA ASP D 220 -10.42 -25.06 -23.37
C ASP D 220 -11.20 -26.17 -22.65
N VAL D 221 -10.75 -26.53 -21.45
CA VAL D 221 -11.39 -27.57 -20.66
C VAL D 221 -11.40 -27.21 -19.17
N ILE D 222 -12.48 -27.60 -18.49
CA ILE D 222 -12.56 -27.57 -17.04
C ILE D 222 -12.73 -29.00 -16.54
N VAL D 223 -11.85 -29.40 -15.61
CA VAL D 223 -11.86 -30.74 -15.04
C VAL D 223 -12.14 -30.66 -13.54
N ALA D 224 -13.11 -31.45 -13.07
CA ALA D 224 -13.43 -31.53 -11.65
C ALA D 224 -13.83 -32.95 -11.27
N CYS D 225 -13.52 -33.36 -10.05
CA CYS D 225 -13.99 -34.64 -9.53
C CYS D 225 -15.49 -34.55 -9.21
N VAL D 226 -16.17 -35.69 -9.32
CA VAL D 226 -17.62 -35.77 -9.12
C VAL D 226 -17.93 -36.86 -8.11
N GLY D 227 -18.41 -36.44 -6.93
CA GLY D 227 -19.04 -37.34 -5.97
C GLY D 227 -20.54 -37.19 -6.18
N GLY D 228 -21.20 -36.49 -5.26
CA GLY D 228 -22.57 -36.03 -5.49
C GLY D 228 -22.61 -34.99 -6.61
N GLY D 229 -21.54 -34.20 -6.73
CA GLY D 229 -21.34 -33.28 -7.86
C GLY D 229 -21.27 -31.78 -7.57
N SER D 230 -21.20 -31.39 -6.30
CA SER D 230 -21.26 -29.97 -5.94
C SER D 230 -20.06 -29.10 -6.38
N ASN D 231 -18.84 -29.56 -6.13
CA ASN D 231 -17.65 -28.79 -6.56
C ASN D 231 -17.57 -28.68 -8.08
N ALA D 232 -17.99 -29.75 -8.77
CA ALA D 232 -18.03 -29.76 -10.24
C ALA D 232 -19.08 -28.78 -10.78
N MET D 233 -20.31 -28.85 -10.25
CA MET D 233 -21.36 -27.91 -10.66
C MET D 233 -20.97 -26.47 -10.35
N GLY D 234 -20.32 -26.26 -9.21
CA GLY D 234 -19.85 -24.93 -8.81
C GLY D 234 -18.93 -24.28 -9.83
N ILE D 235 -17.95 -25.04 -10.31
CA ILE D 235 -17.01 -24.55 -11.33
C ILE D 235 -17.58 -24.63 -12.76
N PHE D 236 -18.43 -25.64 -13.03
CA PHE D 236 -19.04 -25.80 -14.37
C PHE D 236 -20.06 -24.72 -14.70
N TYR D 237 -20.97 -24.44 -13.76
CA TYR D 237 -22.23 -23.74 -14.06
C TYR D 237 -22.06 -22.40 -14.78
N PRO D 238 -21.11 -21.54 -14.33
CA PRO D 238 -20.91 -20.27 -15.02
C PRO D 238 -20.32 -20.36 -16.45
N PHE D 239 -19.78 -21.52 -16.82
CA PHE D 239 -19.28 -21.77 -18.18
C PHE D 239 -20.24 -22.55 -19.09
N VAL D 240 -21.42 -22.92 -18.58
CA VAL D 240 -22.33 -23.80 -19.34
C VAL D 240 -22.76 -23.18 -20.68
N ASN D 241 -23.05 -21.88 -20.68
CA ASN D 241 -23.44 -21.18 -21.91
C ASN D 241 -22.26 -20.68 -22.76
N ASP D 242 -21.02 -20.89 -22.30
CA ASP D 242 -19.83 -20.69 -23.14
C ASP D 242 -19.58 -21.99 -23.91
N LYS D 243 -19.99 -22.01 -25.18
CA LYS D 243 -20.05 -23.24 -25.99
C LYS D 243 -18.69 -23.93 -26.22
N LYS D 244 -17.63 -23.14 -26.39
CA LYS D 244 -16.29 -23.66 -26.63
C LYS D 244 -15.62 -24.31 -25.40
N VAL D 245 -16.13 -24.03 -24.20
CA VAL D 245 -15.54 -24.55 -22.96
C VAL D 245 -16.02 -25.98 -22.70
N LYS D 246 -15.11 -26.94 -22.85
CA LYS D 246 -15.39 -28.34 -22.55
C LYS D 246 -15.46 -28.55 -21.04
N LEU D 247 -16.39 -29.41 -20.59
CA LEU D 247 -16.59 -29.70 -19.17
C LEU D 247 -16.40 -31.20 -18.94
N VAL D 248 -15.48 -31.55 -18.04
CA VAL D 248 -15.14 -32.95 -17.78
C VAL D 248 -15.26 -33.26 -16.29
N GLY D 249 -16.17 -34.19 -15.96
CA GLY D 249 -16.35 -34.66 -14.59
C GLY D 249 -15.64 -35.97 -14.41
N VAL D 250 -14.92 -36.13 -13.29
CA VAL D 250 -14.12 -37.32 -13.03
C VAL D 250 -14.68 -38.06 -11.81
N GLU D 251 -15.24 -39.25 -12.06
CA GLU D 251 -15.76 -40.10 -10.99
C GLU D 251 -14.67 -41.04 -10.45
N ALA D 252 -14.95 -41.61 -9.29
CA ALA D 252 -14.05 -42.59 -8.68
C ALA D 252 -14.12 -43.92 -9.43
N GLY D 253 -13.01 -44.32 -10.04
CA GLY D 253 -12.87 -45.61 -10.70
C GLY D 253 -12.51 -46.73 -9.74
N GLY D 254 -12.10 -46.37 -8.53
CA GLY D 254 -11.84 -47.33 -7.46
C GLY D 254 -10.77 -48.35 -7.83
N LYS D 255 -11.11 -49.63 -7.66
CA LYS D 255 -10.24 -50.74 -8.07
C LYS D 255 -10.36 -51.06 -9.57
N GLY D 256 -11.22 -50.33 -10.28
CA GLY D 256 -11.43 -50.51 -11.73
C GLY D 256 -12.91 -50.56 -12.00
N LEU D 257 -13.33 -50.11 -13.19
CA LEU D 257 -14.76 -50.07 -13.55
C LEU D 257 -15.41 -51.47 -13.64
N GLU D 258 -14.62 -52.49 -14.00
CA GLU D 258 -15.10 -53.87 -14.06
C GLU D 258 -15.06 -54.61 -12.70
N SER D 259 -14.41 -54.03 -11.70
CA SER D 259 -14.20 -54.69 -10.40
C SER D 259 -15.41 -54.71 -9.46
N GLY D 260 -16.42 -53.88 -9.74
CA GLY D 260 -17.55 -53.69 -8.81
C GLY D 260 -17.22 -52.94 -7.53
N LYS D 261 -16.08 -52.26 -7.50
CA LYS D 261 -15.65 -51.47 -6.35
C LYS D 261 -15.19 -50.10 -6.86
N HIS D 262 -16.17 -49.24 -7.07
CA HIS D 262 -15.96 -47.88 -7.56
C HIS D 262 -17.13 -47.00 -7.09
N SER D 263 -17.14 -45.73 -7.50
CA SER D 263 -18.28 -44.83 -7.25
C SER D 263 -18.70 -44.10 -8.53
N ALA D 264 -18.51 -44.76 -9.67
CA ALA D 264 -18.83 -44.20 -10.98
C ALA D 264 -20.32 -44.36 -11.32
N SER D 265 -21.15 -43.52 -10.69
CA SER D 265 -22.61 -43.60 -10.82
C SER D 265 -23.09 -43.27 -12.22
N LEU D 266 -22.57 -42.19 -12.80
CA LEU D 266 -22.87 -41.83 -14.19
C LEU D 266 -22.40 -42.88 -15.19
N ASN D 267 -21.23 -43.47 -14.92
CA ASN D 267 -20.60 -44.43 -15.85
C ASN D 267 -21.29 -45.80 -15.82
N ALA D 268 -21.66 -46.28 -14.63
CA ALA D 268 -22.22 -47.64 -14.46
C ALA D 268 -23.45 -47.76 -13.55
N GLY D 269 -24.09 -46.65 -13.20
CA GLY D 269 -25.28 -46.68 -12.34
C GLY D 269 -26.55 -46.86 -13.15
N GLN D 270 -27.64 -47.14 -12.43
CA GLN D 270 -28.97 -47.31 -13.02
C GLN D 270 -29.82 -46.10 -12.65
N VAL D 271 -30.72 -45.71 -13.57
CA VAL D 271 -31.64 -44.60 -13.33
C VAL D 271 -32.77 -45.06 -12.39
N GLY D 272 -32.95 -44.33 -11.29
CA GLY D 272 -33.97 -44.67 -10.29
C GLY D 272 -34.17 -43.59 -9.24
N VAL D 273 -35.13 -43.83 -8.36
CA VAL D 273 -35.49 -42.89 -7.30
C VAL D 273 -34.79 -43.28 -5.99
N SER D 274 -34.09 -42.32 -5.39
CA SER D 274 -33.53 -42.47 -4.05
C SER D 274 -33.19 -41.09 -3.47
N HIS D 275 -33.39 -40.93 -2.16
CA HIS D 275 -33.23 -39.65 -1.47
C HIS D 275 -33.99 -38.51 -2.15
N GLY D 276 -35.22 -38.78 -2.55
CA GLY D 276 -36.09 -37.76 -3.15
C GLY D 276 -35.77 -37.28 -4.56
N MET D 277 -34.88 -37.96 -5.28
CA MET D 277 -34.48 -37.53 -6.62
C MET D 277 -34.40 -38.67 -7.61
N LEU D 278 -34.69 -38.37 -8.87
CA LEU D 278 -34.51 -39.30 -9.99
C LEU D 278 -33.14 -39.02 -10.63
N SER D 279 -32.20 -39.96 -10.47
CA SER D 279 -30.86 -39.82 -11.02
C SER D 279 -30.19 -41.20 -11.14
N TYR D 280 -28.88 -41.22 -11.40
CA TYR D 280 -28.12 -42.47 -11.46
C TYR D 280 -27.68 -42.91 -10.07
N PHE D 281 -27.83 -44.21 -9.79
CA PHE D 281 -27.40 -44.81 -8.52
C PHE D 281 -26.78 -46.19 -8.77
N LEU D 282 -25.70 -46.48 -8.06
CA LEU D 282 -25.05 -47.80 -8.15
C LEU D 282 -25.87 -48.83 -7.38
N GLN D 283 -26.13 -49.97 -8.01
CA GLN D 283 -26.98 -51.02 -7.45
C GLN D 283 -26.25 -52.36 -7.31
N ASP D 284 -26.64 -53.13 -6.31
CA ASP D 284 -26.14 -54.50 -6.11
C ASP D 284 -26.87 -55.49 -7.04
N GLU D 285 -26.58 -56.78 -6.88
CA GLU D 285 -27.24 -57.84 -7.65
C GLU D 285 -28.77 -57.88 -7.51
N GLU D 286 -29.27 -57.61 -6.31
CA GLU D 286 -30.72 -57.58 -6.04
C GLU D 286 -31.43 -56.29 -6.49
N GLY D 287 -30.68 -55.33 -7.04
CA GLY D 287 -31.26 -54.07 -7.53
C GLY D 287 -31.38 -52.97 -6.49
N GLN D 288 -30.81 -53.17 -5.31
CA GLN D 288 -30.85 -52.20 -4.23
C GLN D 288 -29.60 -51.33 -4.23
N ILE D 289 -29.72 -50.11 -3.72
CA ILE D 289 -28.60 -49.17 -3.67
C ILE D 289 -27.56 -49.72 -2.69
N LYS D 290 -26.30 -49.75 -3.13
CA LYS D 290 -25.20 -50.32 -2.34
C LYS D 290 -24.16 -49.26 -2.00
N PRO D 291 -23.31 -49.52 -0.98
CA PRO D 291 -22.19 -48.62 -0.73
C PRO D 291 -21.18 -48.55 -1.88
N SER D 292 -20.55 -47.39 -2.03
CA SER D 292 -19.48 -47.20 -3.01
C SER D 292 -18.14 -47.64 -2.45
N HIS D 293 -17.13 -47.71 -3.32
N HIS D 293 -17.13 -47.67 -3.32
CA HIS D 293 -15.74 -47.79 -2.91
CA HIS D 293 -15.73 -47.82 -2.89
C HIS D 293 -14.91 -46.72 -3.60
C HIS D 293 -14.86 -46.78 -3.61
N SER D 294 -14.01 -46.10 -2.84
CA SER D 294 -12.96 -45.24 -3.41
C SER D 294 -11.93 -45.01 -2.31
N ILE D 295 -10.68 -44.86 -2.73
CA ILE D 295 -9.62 -44.44 -1.81
C ILE D 295 -9.90 -43.03 -1.26
N ALA D 296 -10.53 -42.18 -2.07
CA ALA D 296 -11.00 -40.87 -1.64
C ALA D 296 -12.29 -41.01 -0.86
N PRO D 297 -12.28 -40.72 0.46
CA PRO D 297 -13.49 -40.93 1.26
C PRO D 297 -14.68 -40.05 0.85
N GLY D 298 -14.41 -38.90 0.23
CA GLY D 298 -15.43 -37.98 -0.23
C GLY D 298 -16.17 -38.39 -1.50
N LEU D 299 -15.64 -39.37 -2.23
CA LEU D 299 -16.34 -39.89 -3.40
C LEU D 299 -17.11 -41.16 -3.05
N ASP D 300 -17.89 -41.08 -1.96
CA ASP D 300 -18.60 -42.23 -1.38
C ASP D 300 -20.12 -42.24 -1.60
N TYR D 301 -20.70 -41.15 -2.09
CA TYR D 301 -22.14 -41.14 -2.35
C TYR D 301 -22.46 -42.10 -3.50
N PRO D 302 -23.36 -43.09 -3.27
CA PRO D 302 -23.63 -44.07 -4.34
C PRO D 302 -24.39 -43.55 -5.57
N GLY D 303 -24.93 -42.32 -5.48
CA GLY D 303 -25.56 -41.66 -6.62
C GLY D 303 -24.80 -40.44 -7.12
N VAL D 304 -25.51 -39.60 -7.87
CA VAL D 304 -24.96 -38.38 -8.44
C VAL D 304 -26.10 -37.37 -8.60
N GLY D 305 -25.76 -36.09 -8.59
CA GLY D 305 -26.76 -35.03 -8.72
C GLY D 305 -27.50 -35.05 -10.05
N PRO D 306 -28.80 -34.70 -10.05
CA PRO D 306 -29.58 -34.80 -11.30
C PRO D 306 -29.10 -33.86 -12.41
N GLU D 307 -28.48 -32.73 -12.06
CA GLU D 307 -28.00 -31.78 -13.07
C GLU D 307 -26.80 -32.33 -13.85
N HIS D 308 -25.96 -33.15 -13.20
CA HIS D 308 -24.90 -33.87 -13.93
C HIS D 308 -25.44 -34.93 -14.88
N ALA D 309 -26.45 -35.69 -14.42
CA ALA D 309 -27.13 -36.67 -15.27
C ALA D 309 -27.71 -35.97 -16.51
N TYR D 310 -28.29 -34.79 -16.29
CA TYR D 310 -28.78 -33.94 -17.39
C TYR D 310 -27.68 -33.49 -18.34
N LEU D 311 -26.58 -32.98 -17.78
CA LEU D 311 -25.42 -32.54 -18.59
C LEU D 311 -24.80 -33.69 -19.40
N LYS D 312 -24.80 -34.90 -18.83
CA LYS D 312 -24.37 -36.10 -19.54
C LYS D 312 -25.31 -36.42 -20.71
N LYS D 313 -26.62 -36.40 -20.43
CA LYS D 313 -27.67 -36.72 -21.42
C LYS D 313 -27.60 -35.82 -22.66
N ILE D 314 -27.56 -34.50 -22.43
CA ILE D 314 -27.44 -33.52 -23.53
C ILE D 314 -26.00 -33.37 -24.07
N GLN D 315 -25.04 -34.07 -23.48
CA GLN D 315 -23.64 -34.13 -23.92
C GLN D 315 -22.89 -32.78 -23.81
N ARG D 316 -23.32 -31.95 -22.85
CA ARG D 316 -22.64 -30.70 -22.55
C ARG D 316 -21.37 -30.97 -21.73
N ALA D 317 -21.43 -31.99 -20.88
CA ALA D 317 -20.29 -32.43 -20.08
C ALA D 317 -19.97 -33.90 -20.35
N GLU D 318 -18.67 -34.21 -20.47
CA GLU D 318 -18.19 -35.59 -20.53
C GLU D 318 -17.88 -36.07 -19.13
N TYR D 319 -18.16 -37.33 -18.85
CA TYR D 319 -17.84 -37.93 -17.56
C TYR D 319 -16.93 -39.13 -17.72
N VAL D 320 -15.84 -39.14 -16.95
CA VAL D 320 -14.78 -40.14 -17.05
C VAL D 320 -14.55 -40.73 -15.67
N ALA D 321 -13.63 -41.70 -15.60
CA ALA D 321 -13.24 -42.29 -14.33
C ALA D 321 -11.73 -42.44 -14.22
N VAL D 322 -11.23 -42.26 -13.00
CA VAL D 322 -9.83 -42.42 -12.64
C VAL D 322 -9.77 -43.42 -11.48
N THR D 323 -8.81 -44.35 -11.51
CA THR D 323 -8.70 -45.37 -10.47
C THR D 323 -8.03 -44.85 -9.19
N ASP D 324 -8.13 -45.65 -8.13
CA ASP D 324 -7.40 -45.40 -6.87
C ASP D 324 -5.91 -45.19 -7.10
N GLU D 325 -5.31 -46.10 -7.87
CA GLU D 325 -3.88 -46.06 -8.16
C GLU D 325 -3.46 -44.76 -8.88
N GLU D 326 -4.25 -44.36 -9.87
CA GLU D 326 -4.01 -43.13 -10.64
C GLU D 326 -4.17 -41.88 -9.76
N ALA D 327 -5.21 -41.88 -8.94
CA ALA D 327 -5.45 -40.79 -7.99
C ALA D 327 -4.30 -40.63 -6.99
N LEU D 328 -3.78 -41.75 -6.49
CA LEU D 328 -2.64 -41.72 -5.57
C LEU D 328 -1.38 -41.16 -6.23
N LYS D 329 -1.09 -41.60 -7.44
CA LYS D 329 0.05 -41.07 -8.19
C LYS D 329 -0.04 -39.56 -8.38
N ALA D 330 -1.25 -39.06 -8.66
CA ALA D 330 -1.51 -37.62 -8.80
C ALA D 330 -1.34 -36.87 -7.49
N PHE D 331 -1.78 -37.48 -6.39
CA PHE D 331 -1.59 -36.93 -5.04
C PHE D 331 -0.11 -36.68 -4.78
N HIS D 332 0.72 -37.70 -5.00
CA HIS D 332 2.17 -37.61 -4.83
C HIS D 332 2.83 -36.66 -5.83
N GLU D 333 2.36 -36.67 -7.07
CA GLU D 333 2.91 -35.85 -8.14
C GLU D 333 2.73 -34.35 -7.87
N LEU D 334 1.52 -33.95 -7.49
CA LEU D 334 1.24 -32.53 -7.23
C LEU D 334 2.01 -32.04 -6.00
N SER D 335 2.09 -32.87 -4.96
CA SER D 335 2.86 -32.55 -3.76
C SER D 335 4.33 -32.28 -4.10
N ARG D 336 4.94 -33.20 -4.86
CA ARG D 336 6.36 -33.12 -5.22
C ARG D 336 6.69 -32.00 -6.22
N THR D 337 5.80 -31.78 -7.18
CA THR D 337 6.08 -30.92 -8.32
C THR D 337 5.69 -29.46 -8.08
N GLU D 338 4.58 -29.25 -7.36
CA GLU D 338 4.06 -27.89 -7.10
C GLU D 338 4.00 -27.48 -5.62
N GLY D 339 4.35 -28.39 -4.71
CA GLY D 339 4.24 -28.11 -3.28
C GLY D 339 2.82 -27.87 -2.79
N ILE D 340 1.86 -28.55 -3.41
CA ILE D 340 0.44 -28.51 -3.00
C ILE D 340 0.01 -29.95 -2.74
N ILE D 341 -0.34 -30.25 -1.50
CA ILE D 341 -0.88 -31.56 -1.15
C ILE D 341 -2.40 -31.49 -1.35
N PRO D 342 -2.91 -32.17 -2.39
CA PRO D 342 -4.35 -32.11 -2.69
C PRO D 342 -5.14 -33.13 -1.89
N ALA D 343 -6.44 -32.89 -1.74
CA ALA D 343 -7.36 -33.90 -1.22
C ALA D 343 -7.39 -35.08 -2.21
N LEU D 344 -7.58 -36.29 -1.69
CA LEU D 344 -7.67 -37.48 -2.55
C LEU D 344 -8.83 -37.41 -3.56
N GLU D 345 -9.90 -36.69 -3.20
CA GLU D 345 -11.02 -36.45 -4.11
C GLU D 345 -10.52 -35.63 -5.28
N SER D 346 -9.90 -34.49 -4.98
CA SER D 346 -9.32 -33.58 -5.96
C SER D 346 -8.23 -34.23 -6.81
N ALA D 347 -7.48 -35.14 -6.20
CA ALA D 347 -6.42 -35.87 -6.90
C ALA D 347 -6.91 -36.69 -8.10
N HIS D 348 -8.19 -37.09 -8.09
CA HIS D 348 -8.84 -37.73 -9.25
C HIS D 348 -8.90 -36.78 -10.45
N ALA D 349 -9.33 -35.55 -10.22
CA ALA D 349 -9.35 -34.51 -11.25
C ALA D 349 -7.95 -34.17 -11.76
N VAL D 350 -6.98 -34.08 -10.86
CA VAL D 350 -5.58 -33.83 -11.22
C VAL D 350 -5.07 -34.97 -12.12
N ALA D 351 -5.35 -36.21 -11.71
CA ALA D 351 -4.93 -37.40 -12.48
C ALA D 351 -5.44 -37.37 -13.91
N TYR D 352 -6.71 -37.04 -14.10
CA TYR D 352 -7.28 -36.99 -15.45
C TYR D 352 -6.72 -35.80 -16.24
N ALA D 353 -6.62 -34.65 -15.59
CA ALA D 353 -6.01 -33.46 -16.20
C ALA D 353 -4.60 -33.71 -16.71
N MET D 354 -3.82 -34.51 -15.99
CA MET D 354 -2.48 -34.89 -16.41
C MET D 354 -2.48 -35.74 -17.69
N LYS D 355 -3.38 -36.71 -17.76
CA LYS D 355 -3.58 -37.51 -18.97
C LYS D 355 -4.08 -36.64 -20.12
N LEU D 356 -5.06 -35.79 -19.84
CA LEU D 356 -5.67 -34.92 -20.84
C LEU D 356 -4.68 -33.85 -21.36
N ALA D 357 -3.83 -33.32 -20.47
CA ALA D 357 -2.82 -32.32 -20.85
C ALA D 357 -1.86 -32.82 -21.93
N LYS D 358 -1.43 -34.08 -21.81
CA LYS D 358 -0.50 -34.69 -22.78
C LYS D 358 -1.09 -34.83 -24.20
N GLU D 359 -2.40 -35.04 -24.28
CA GLU D 359 -3.10 -35.17 -25.57
C GLU D 359 -3.46 -33.83 -26.21
N MET D 360 -3.32 -32.73 -25.47
CA MET D 360 -3.61 -31.37 -25.95
C MET D 360 -2.32 -30.63 -26.30
N SER D 361 -2.46 -29.50 -27.00
CA SER D 361 -1.31 -28.72 -27.48
C SER D 361 -0.82 -27.66 -26.48
N ARG D 362 0.42 -27.19 -26.70
CA ARG D 362 1.19 -26.37 -25.76
C ARG D 362 0.44 -25.24 -25.04
N ASP D 363 -0.21 -24.36 -25.81
CA ASP D 363 -0.86 -23.16 -25.24
C ASP D 363 -2.38 -23.29 -25.02
N GLU D 364 -2.93 -24.50 -25.12
CA GLU D 364 -4.31 -24.74 -24.69
C GLU D 364 -4.38 -24.75 -23.16
N ILE D 365 -5.58 -24.53 -22.62
CA ILE D 365 -5.76 -24.21 -21.20
C ILE D 365 -6.73 -25.20 -20.53
N ILE D 366 -6.25 -25.84 -19.46
CA ILE D 366 -7.08 -26.68 -18.59
C ILE D 366 -7.18 -25.98 -17.23
N ILE D 367 -8.39 -25.88 -16.69
CA ILE D 367 -8.61 -25.48 -15.30
C ILE D 367 -9.07 -26.72 -14.52
N VAL D 368 -8.29 -27.12 -13.51
CA VAL D 368 -8.64 -28.20 -12.61
C VAL D 368 -9.20 -27.58 -11.33
N ASN D 369 -10.35 -28.06 -10.87
CA ASN D 369 -10.90 -27.61 -9.59
C ASN D 369 -10.25 -28.42 -8.48
N LEU D 370 -9.37 -27.78 -7.70
CA LEU D 370 -8.71 -28.43 -6.58
C LEU D 370 -9.65 -28.28 -5.37
N SER D 371 -10.59 -29.22 -5.26
CA SER D 371 -11.71 -29.10 -4.33
C SER D 371 -11.31 -29.04 -2.84
N GLY D 372 -10.17 -29.64 -2.49
CA GLY D 372 -9.66 -29.55 -1.12
C GLY D 372 -8.19 -29.82 -0.97
N ARG D 373 -7.70 -29.60 0.25
CA ARG D 373 -6.32 -29.94 0.62
C ARG D 373 -6.26 -31.33 1.23
N GLY D 374 -5.07 -31.91 1.21
CA GLY D 374 -4.86 -33.32 1.58
C GLY D 374 -4.46 -33.65 3.00
N ASP D 375 -4.47 -32.66 3.89
CA ASP D 375 -4.07 -32.89 5.30
C ASP D 375 -4.95 -33.95 5.98
N LYS D 376 -6.24 -33.90 5.70
CA LYS D 376 -7.21 -34.89 6.19
C LYS D 376 -6.93 -36.35 5.73
N ASP D 377 -6.26 -36.50 4.60
CA ASP D 377 -5.99 -37.81 3.99
C ASP D 377 -4.61 -38.41 4.31
N LEU D 378 -3.82 -37.75 5.16
CA LEU D 378 -2.45 -38.20 5.43
C LEU D 378 -2.37 -39.61 6.04
N ASP D 379 -3.29 -39.95 6.94
CA ASP D 379 -3.34 -41.29 7.54
C ASP D 379 -3.68 -42.38 6.52
N ILE D 380 -4.57 -42.07 5.58
CA ILE D 380 -4.94 -43.01 4.50
C ILE D 380 -3.76 -43.27 3.57
N VAL D 381 -3.07 -42.21 3.16
CA VAL D 381 -1.94 -42.33 2.23
C VAL D 381 -0.76 -43.05 2.92
N LEU D 382 -0.57 -42.79 4.21
CA LEU D 382 0.46 -43.49 4.99
C LEU D 382 0.17 -45.00 5.12
N LYS D 383 -1.11 -45.37 5.26
CA LYS D 383 -1.54 -46.78 5.27
C LYS D 383 -1.18 -47.54 3.99
N VAL D 384 -1.40 -46.91 2.83
CA VAL D 384 -1.14 -47.55 1.53
C VAL D 384 0.36 -47.83 1.32
N SER D 385 1.19 -46.84 1.62
CA SER D 385 2.65 -46.97 1.56
C SER D 385 3.25 -46.96 2.95
N PLS E . 18.83 32.60 -0.98
CA PLS E . 18.89 33.80 -0.14
CB PLS E . 20.18 34.58 -0.42
OG PLS E . 20.15 35.17 -1.73
C PLS E . 17.68 34.67 -0.31
O PLS E . 16.70 34.25 -0.96
OXT PLS E . 17.69 35.79 0.26
N1 PLS E . 18.70 27.45 -1.95
C2 PLS E . 17.78 28.40 -2.26
C2A PLS E . 16.54 28.02 -2.99
C3 PLS E . 18.02 29.81 -1.84
O3 PLS E . 17.14 30.81 -2.12
C4 PLS E . 19.28 30.11 -1.11
C4A PLS E . 19.67 31.48 -0.62
C5 PLS E . 20.19 28.96 -0.84
C6 PLS E . 19.83 27.69 -1.29
C5A PLS E . 21.50 29.15 -0.11
O4P PLS E . 21.28 29.63 1.22
P PLS E . 21.64 28.71 2.48
O1P PLS E . 20.72 27.54 2.38
O2P PLS E . 23.11 28.37 2.30
O3P PLS E . 21.40 29.62 3.67
NA NA F . 29.47 32.40 0.06
N PLS G . -5.66 22.88 -16.70
CA PLS G . -5.64 22.09 -17.93
CB PLS G . -6.61 22.67 -18.97
OG PLS G . -6.19 23.94 -19.45
C PLS G . -4.26 21.98 -18.49
O PLS G . -4.12 21.43 -19.61
OXT PLS G . -3.29 22.40 -17.83
N1 PLS G . -6.57 23.88 -11.63
C2 PLS G . -5.41 23.95 -12.34
C2A PLS G . -4.15 24.38 -11.64
C3 PLS G . -5.40 23.61 -13.78
O3 PLS G . -4.26 23.67 -14.53
C4 PLS G . -6.69 23.20 -14.41
C4A PLS G . -6.83 22.81 -15.86
C5 PLS G . -7.88 23.16 -13.52
C6 PLS G . -7.75 23.51 -12.17
C5A PLS G . -9.23 22.76 -14.05
O4P PLS G . -9.21 21.39 -14.48
P PLS G . -10.05 20.28 -13.71
O1P PLS G . -11.45 20.82 -13.73
O2P PLS G . -9.43 20.17 -12.34
O3P PLS G . -9.88 19.02 -14.54
NA NA H . -16.10 24.33 -19.11
N PLS I . 7.47 -23.00 14.49
CA PLS I . 8.85 -23.28 14.15
CB PLS I . 9.68 -23.55 15.42
OG PLS I . 9.30 -24.81 15.99
C PLS I . 8.98 -24.44 13.21
O PLS I . 7.94 -24.94 12.73
OXT PLS I . 10.12 -24.86 12.94
N1 PLS I . 3.10 -20.13 14.93
C2 PLS I . 3.30 -21.30 14.28
C2A PLS I . 2.15 -21.95 13.57
C3 PLS I . 4.65 -21.91 14.27
O3 PLS I . 4.87 -23.10 13.63
C4 PLS I . 5.73 -21.21 15.00
C4A PLS I . 7.15 -21.72 15.07
C5 PLS I . 5.38 -19.93 15.67
C6 PLS I . 4.07 -19.46 15.60
C5A PLS I . 6.42 -19.14 16.44
O4P PLS I . 7.48 -18.72 15.58
P PLS I . 7.68 -17.16 15.26
O1P PLS I . 6.45 -16.76 14.50
O2P PLS I . 7.83 -16.52 16.62
O3P PLS I . 8.96 -17.12 14.46
NA NA J . 11.67 -18.53 23.42
N PLS K . -17.27 -35.18 0.88
CA PLS K . -18.56 -35.43 1.53
CB PLS K . -19.09 -36.84 1.21
OG PLS K . -18.34 -37.84 1.90
C PLS K . -18.51 -35.23 3.01
O PLS K . -19.53 -35.49 3.67
OXT PLS K . -17.45 -34.79 3.53
N1 PLS K . -13.82 -32.98 -2.43
C2 PLS K . -13.80 -33.02 -1.07
C2A PLS K . -12.64 -32.40 -0.35
C3 PLS K . -14.93 -33.66 -0.33
O3 PLS K . -14.94 -33.73 1.03
C4 PLS K . -16.04 -34.24 -1.13
C4A PLS K . -17.25 -34.92 -0.53
C5 PLS K . -15.93 -34.12 -2.62
C6 PLS K . -14.81 -33.49 -3.18
C5A PLS K . -17.00 -34.67 -3.53
O4P PLS K . -18.24 -34.03 -3.29
P PLS K . -18.91 -33.11 -4.43
O1P PLS K . -18.99 -34.00 -5.65
O2P PLS K . -17.96 -31.94 -4.58
O3P PLS K . -20.26 -32.73 -3.86
NA NA L . -21.04 -41.43 -6.99
#